data_6X4Q
# 
_entry.id   6X4Q 
# 
_audit_conform.dict_name       mmcif_pdbx.dic 
_audit_conform.dict_version    5.380 
_audit_conform.dict_location   http://mmcif.pdb.org/dictionaries/ascii/mmcif_pdbx.dic 
# 
loop_
_database_2.database_id 
_database_2.database_code 
_database_2.pdbx_database_accession 
_database_2.pdbx_DOI 
PDB   6X4Q         pdb_00006x4q 10.2210/pdb6x4q/pdb 
WWPDB D_1000249580 ?            ?                   
# 
_pdbx_database_status.status_code                     REL 
_pdbx_database_status.status_code_sf                  REL 
_pdbx_database_status.status_code_mr                  ? 
_pdbx_database_status.entry_id                        6X4Q 
_pdbx_database_status.recvd_initial_deposition_date   2020-05-22 
_pdbx_database_status.SG_entry                        N 
_pdbx_database_status.deposit_site                    RCSB 
_pdbx_database_status.process_site                    RCSB 
_pdbx_database_status.status_code_cs                  ? 
_pdbx_database_status.status_code_nmr_data            ? 
_pdbx_database_status.methods_development_category    ? 
_pdbx_database_status.pdb_format_compatible           Y 
# 
loop_
_audit_author.name 
_audit_author.pdbx_ordinal 
_audit_author.identifier_ORCID 
'Appleby, T.C.'  1 ? 
'Paulsen, J.L.'  2 ? 
'Schmitz, U.'    3 ? 
'Shivakumar, D.' 4 ? 
# 
_citation.abstract                  ? 
_citation.abstract_id_CAS           ? 
_citation.book_id_ISBN              ? 
_citation.book_publisher            ? 
_citation.book_publisher_city       ? 
_citation.book_title                ? 
_citation.coordinate_linkage        ? 
_citation.country                   US 
_citation.database_id_Medline       ? 
_citation.details                   ? 
_citation.id                        primary 
_citation.journal_abbrev            J.Chem.Inf.Model. 
_citation.journal_id_ASTM           ? 
_citation.journal_id_CSD            ? 
_citation.journal_id_ISSN           1549-960X 
_citation.journal_full              ? 
_citation.journal_issue             ? 
_citation.journal_volume            60 
_citation.language                  ? 
_citation.page_first                3489 
_citation.page_last                 3498 
_citation.title                     'Evaluation of Free Energy Calculations for the Prioritization of Macrocycle Synthesis.' 
_citation.year                      2020 
_citation.database_id_CSD           ? 
_citation.pdbx_database_id_DOI      10.1021/acs.jcim.0c00132 
_citation.pdbx_database_id_PubMed   32539379 
_citation.unpublished_flag          ? 
# 
loop_
_citation_author.citation_id 
_citation_author.name 
_citation_author.ordinal 
_citation_author.identifier_ORCID 
primary 'Paulsen, J.L.'    1 0000-0003-3169-356X 
primary 'Yu, H.S.'         2 ?                   
primary 'Sindhikara, D.'   3 ?                   
primary 'Wang, L.'         4 0000-0002-8170-6798 
primary 'Appleby, T.'      5 ?                   
primary 'Villasenor, A.G.' 6 ?                   
primary 'Schmitz, U.'      7 ?                   
primary 'Shivakumar, D.'   8 ?                   
# 
_cell.angle_alpha                  90.000 
_cell.angle_alpha_esd              ? 
_cell.angle_beta                   90.000 
_cell.angle_beta_esd               ? 
_cell.angle_gamma                  90.000 
_cell.angle_gamma_esd              ? 
_cell.entry_id                     6X4Q 
_cell.details                      ? 
_cell.formula_units_Z              ? 
_cell.length_a                     42.780 
_cell.length_a_esd                 ? 
_cell.length_b                     54.239 
_cell.length_b_esd                 ? 
_cell.length_c                     87.464 
_cell.length_c_esd                 ? 
_cell.volume                       202946.604 
_cell.volume_esd                   ? 
_cell.Z_PDB                        4 
_cell.reciprocal_angle_alpha       ? 
_cell.reciprocal_angle_beta        ? 
_cell.reciprocal_angle_gamma       ? 
_cell.reciprocal_angle_alpha_esd   ? 
_cell.reciprocal_angle_beta_esd    ? 
_cell.reciprocal_angle_gamma_esd   ? 
_cell.reciprocal_length_a          ? 
_cell.reciprocal_length_b          ? 
_cell.reciprocal_length_c          ? 
_cell.reciprocal_length_a_esd      ? 
_cell.reciprocal_length_b_esd      ? 
_cell.reciprocal_length_c_esd      ? 
_cell.pdbx_unique_axis             ? 
# 
_symmetry.entry_id                         6X4Q 
_symmetry.cell_setting                     ? 
_symmetry.Int_Tables_number                19 
_symmetry.space_group_name_Hall            'P 2ac 2ab' 
_symmetry.space_group_name_H-M             'P 21 21 21' 
_symmetry.pdbx_full_space_group_name_H-M   ? 
# 
loop_
_entity.id 
_entity.type 
_entity.src_method 
_entity.pdbx_description 
_entity.formula_weight 
_entity.pdbx_number_of_molecules 
_entity.pdbx_ec 
_entity.pdbx_mutation 
_entity.pdbx_fragment 
_entity.details 
1 polymer     man 'Peptidyl-prolyl cis-trans isomerase A' 18231.701 1   5.2.1.8 ? ? ? 
2 non-polymer syn 
;(2R,5S,11S,14S,18E)-14-cyclobutyl-2,11,17,17-tetramethyl-15-oxa-3,9,12,26,29-pentaazatetracyclo[18.5.3.1~5,9~.0~23,27~]nonacosa-1(25),18,20(28),21,23,26-hexaene-4,10,13,16-tetrone
;
561.672   1   ?       ? ? ? 
3 water       nat water 18.015    185 ?       ? ? ? 
# 
_entity_name_com.entity_id   1 
_entity_name_com.name        'PPIase A,Cyclophilin A,Cyclosporin A-binding protein,Rotamase A' 
# 
_entity_poly.entity_id                      1 
_entity_poly.type                           'polypeptide(L)' 
_entity_poly.nstd_linkage                   no 
_entity_poly.nstd_monomer                   no 
_entity_poly.pdbx_seq_one_letter_code       
;GHMVNPTVFFDIAVDGEPLGRVSFELFADKVPKTAENFRALSTGEKGFGYKGSCFHRIIPGFMCQGGDFTRHNGTGGKSI
YGEKFEDENFILKHTGPGILSMANAGPNTNGSQFFICTAKTEWLDGKHVVFGKVKEGMNIVEAMERFGSRNGKTSKKITI
ADCGQLE
;
_entity_poly.pdbx_seq_one_letter_code_can   
;GHMVNPTVFFDIAVDGEPLGRVSFELFADKVPKTAENFRALSTGEKGFGYKGSCFHRIIPGFMCQGGDFTRHNGTGGKSI
YGEKFEDENFILKHTGPGILSMANAGPNTNGSQFFICTAKTEWLDGKHVVFGKVKEGMNIVEAMERFGSRNGKTSKKITI
ADCGQLE
;
_entity_poly.pdbx_strand_id                 A 
_entity_poly.pdbx_target_identifier         ? 
# 
loop_
_entity_poly_seq.entity_id 
_entity_poly_seq.num 
_entity_poly_seq.mon_id 
_entity_poly_seq.hetero 
1 1   GLY n 
1 2   HIS n 
1 3   MET n 
1 4   VAL n 
1 5   ASN n 
1 6   PRO n 
1 7   THR n 
1 8   VAL n 
1 9   PHE n 
1 10  PHE n 
1 11  ASP n 
1 12  ILE n 
1 13  ALA n 
1 14  VAL n 
1 15  ASP n 
1 16  GLY n 
1 17  GLU n 
1 18  PRO n 
1 19  LEU n 
1 20  GLY n 
1 21  ARG n 
1 22  VAL n 
1 23  SER n 
1 24  PHE n 
1 25  GLU n 
1 26  LEU n 
1 27  PHE n 
1 28  ALA n 
1 29  ASP n 
1 30  LYS n 
1 31  VAL n 
1 32  PRO n 
1 33  LYS n 
1 34  THR n 
1 35  ALA n 
1 36  GLU n 
1 37  ASN n 
1 38  PHE n 
1 39  ARG n 
1 40  ALA n 
1 41  LEU n 
1 42  SER n 
1 43  THR n 
1 44  GLY n 
1 45  GLU n 
1 46  LYS n 
1 47  GLY n 
1 48  PHE n 
1 49  GLY n 
1 50  TYR n 
1 51  LYS n 
1 52  GLY n 
1 53  SER n 
1 54  CYS n 
1 55  PHE n 
1 56  HIS n 
1 57  ARG n 
1 58  ILE n 
1 59  ILE n 
1 60  PRO n 
1 61  GLY n 
1 62  PHE n 
1 63  MET n 
1 64  CYS n 
1 65  GLN n 
1 66  GLY n 
1 67  GLY n 
1 68  ASP n 
1 69  PHE n 
1 70  THR n 
1 71  ARG n 
1 72  HIS n 
1 73  ASN n 
1 74  GLY n 
1 75  THR n 
1 76  GLY n 
1 77  GLY n 
1 78  LYS n 
1 79  SER n 
1 80  ILE n 
1 81  TYR n 
1 82  GLY n 
1 83  GLU n 
1 84  LYS n 
1 85  PHE n 
1 86  GLU n 
1 87  ASP n 
1 88  GLU n 
1 89  ASN n 
1 90  PHE n 
1 91  ILE n 
1 92  LEU n 
1 93  LYS n 
1 94  HIS n 
1 95  THR n 
1 96  GLY n 
1 97  PRO n 
1 98  GLY n 
1 99  ILE n 
1 100 LEU n 
1 101 SER n 
1 102 MET n 
1 103 ALA n 
1 104 ASN n 
1 105 ALA n 
1 106 GLY n 
1 107 PRO n 
1 108 ASN n 
1 109 THR n 
1 110 ASN n 
1 111 GLY n 
1 112 SER n 
1 113 GLN n 
1 114 PHE n 
1 115 PHE n 
1 116 ILE n 
1 117 CYS n 
1 118 THR n 
1 119 ALA n 
1 120 LYS n 
1 121 THR n 
1 122 GLU n 
1 123 TRP n 
1 124 LEU n 
1 125 ASP n 
1 126 GLY n 
1 127 LYS n 
1 128 HIS n 
1 129 VAL n 
1 130 VAL n 
1 131 PHE n 
1 132 GLY n 
1 133 LYS n 
1 134 VAL n 
1 135 LYS n 
1 136 GLU n 
1 137 GLY n 
1 138 MET n 
1 139 ASN n 
1 140 ILE n 
1 141 VAL n 
1 142 GLU n 
1 143 ALA n 
1 144 MET n 
1 145 GLU n 
1 146 ARG n 
1 147 PHE n 
1 148 GLY n 
1 149 SER n 
1 150 ARG n 
1 151 ASN n 
1 152 GLY n 
1 153 LYS n 
1 154 THR n 
1 155 SER n 
1 156 LYS n 
1 157 LYS n 
1 158 ILE n 
1 159 THR n 
1 160 ILE n 
1 161 ALA n 
1 162 ASP n 
1 163 CYS n 
1 164 GLY n 
1 165 GLN n 
1 166 LEU n 
1 167 GLU n 
# 
_entity_src_gen.entity_id                          1 
_entity_src_gen.pdbx_src_id                        1 
_entity_src_gen.pdbx_alt_source_flag               sample 
_entity_src_gen.pdbx_seq_type                      'Biological sequence' 
_entity_src_gen.pdbx_beg_seq_num                   1 
_entity_src_gen.pdbx_end_seq_num                   167 
_entity_src_gen.gene_src_common_name               Human 
_entity_src_gen.gene_src_genus                     ? 
_entity_src_gen.pdbx_gene_src_gene                 'PPIA, CYPA' 
_entity_src_gen.gene_src_species                   ? 
_entity_src_gen.gene_src_strain                    ? 
_entity_src_gen.gene_src_tissue                    ? 
_entity_src_gen.gene_src_tissue_fraction           ? 
_entity_src_gen.gene_src_details                   ? 
_entity_src_gen.pdbx_gene_src_fragment             ? 
_entity_src_gen.pdbx_gene_src_scientific_name      'Homo sapiens' 
_entity_src_gen.pdbx_gene_src_ncbi_taxonomy_id     9606 
_entity_src_gen.pdbx_gene_src_variant              ? 
_entity_src_gen.pdbx_gene_src_cell_line            ? 
_entity_src_gen.pdbx_gene_src_atcc                 ? 
_entity_src_gen.pdbx_gene_src_organ                ? 
_entity_src_gen.pdbx_gene_src_organelle            ? 
_entity_src_gen.pdbx_gene_src_cell                 ? 
_entity_src_gen.pdbx_gene_src_cellular_location    ? 
_entity_src_gen.host_org_common_name               ? 
_entity_src_gen.pdbx_host_org_scientific_name      'Escherichia coli' 
_entity_src_gen.pdbx_host_org_ncbi_taxonomy_id     562 
_entity_src_gen.host_org_genus                     ? 
_entity_src_gen.pdbx_host_org_gene                 ? 
_entity_src_gen.pdbx_host_org_organ                ? 
_entity_src_gen.host_org_species                   ? 
_entity_src_gen.pdbx_host_org_tissue               ? 
_entity_src_gen.pdbx_host_org_tissue_fraction      ? 
_entity_src_gen.pdbx_host_org_strain               ? 
_entity_src_gen.pdbx_host_org_variant              ? 
_entity_src_gen.pdbx_host_org_cell_line            ? 
_entity_src_gen.pdbx_host_org_atcc                 ? 
_entity_src_gen.pdbx_host_org_culture_collection   ? 
_entity_src_gen.pdbx_host_org_cell                 ? 
_entity_src_gen.pdbx_host_org_organelle            ? 
_entity_src_gen.pdbx_host_org_cellular_location    ? 
_entity_src_gen.pdbx_host_org_vector_type          ? 
_entity_src_gen.pdbx_host_org_vector               ? 
_entity_src_gen.host_org_details                   ? 
_entity_src_gen.expression_system_id               ? 
_entity_src_gen.plasmid_name                       ? 
_entity_src_gen.plasmid_details                    ? 
_entity_src_gen.pdbx_description                   ? 
# 
_struct_ref.id                         1 
_struct_ref.db_name                    UNP 
_struct_ref.db_code                    PPIA_HUMAN 
_struct_ref.pdbx_db_accession          P62937 
_struct_ref.pdbx_db_isoform            ? 
_struct_ref.entity_id                  1 
_struct_ref.pdbx_seq_one_letter_code   
;MVNPTVFFDIAVDGEPLGRVSFELFADKVPKTAENFRALSTGEKGFGYKGSCFHRIIPGFMCQGGDFTRHNGTGGKSIYG
EKFEDENFILKHTGPGILSMANAGPNTNGSQFFICTAKTEWLDGKHVVFGKVKEGMNIVEAMERFGSRNGKTSKKITIAD
CGQLE
;
_struct_ref.pdbx_align_begin           1 
# 
_struct_ref_seq.align_id                      1 
_struct_ref_seq.ref_id                        1 
_struct_ref_seq.pdbx_PDB_id_code              6X4Q 
_struct_ref_seq.pdbx_strand_id                A 
_struct_ref_seq.seq_align_beg                 3 
_struct_ref_seq.pdbx_seq_align_beg_ins_code   ? 
_struct_ref_seq.seq_align_end                 167 
_struct_ref_seq.pdbx_seq_align_end_ins_code   ? 
_struct_ref_seq.pdbx_db_accession             P62937 
_struct_ref_seq.db_align_beg                  1 
_struct_ref_seq.pdbx_db_align_beg_ins_code    ? 
_struct_ref_seq.db_align_end                  165 
_struct_ref_seq.pdbx_db_align_end_ins_code    ? 
_struct_ref_seq.pdbx_auth_seq_align_beg       1 
_struct_ref_seq.pdbx_auth_seq_align_end       165 
# 
loop_
_struct_ref_seq_dif.align_id 
_struct_ref_seq_dif.pdbx_pdb_id_code 
_struct_ref_seq_dif.mon_id 
_struct_ref_seq_dif.pdbx_pdb_strand_id 
_struct_ref_seq_dif.seq_num 
_struct_ref_seq_dif.pdbx_pdb_ins_code 
_struct_ref_seq_dif.pdbx_seq_db_name 
_struct_ref_seq_dif.pdbx_seq_db_accession_code 
_struct_ref_seq_dif.db_mon_id 
_struct_ref_seq_dif.pdbx_seq_db_seq_num 
_struct_ref_seq_dif.details 
_struct_ref_seq_dif.pdbx_auth_seq_num 
_struct_ref_seq_dif.pdbx_ordinal 
1 6X4Q GLY A 1 ? UNP P62937 ? ? 'expression tag' -1 1 
1 6X4Q HIS A 2 ? UNP P62937 ? ? 'expression tag' 0  2 
# 
loop_
_chem_comp.id 
_chem_comp.type 
_chem_comp.mon_nstd_flag 
_chem_comp.name 
_chem_comp.pdbx_synonyms 
_chem_comp.formula 
_chem_comp.formula_weight 
ALA 'L-peptide linking' y ALANINE ? 'C3 H7 N O2'     89.093  
ARG 'L-peptide linking' y ARGININE ? 'C6 H15 N4 O2 1' 175.209 
ASN 'L-peptide linking' y ASPARAGINE ? 'C4 H8 N2 O3'    132.118 
ASP 'L-peptide linking' y 'ASPARTIC ACID' ? 'C4 H7 N O4'     133.103 
CYS 'L-peptide linking' y CYSTEINE ? 'C3 H7 N O2 S'   121.158 
GLN 'L-peptide linking' y GLUTAMINE ? 'C5 H10 N2 O3'   146.144 
GLU 'L-peptide linking' y 'GLUTAMIC ACID' ? 'C5 H9 N O4'     147.129 
GLY 'peptide linking'   y GLYCINE ? 'C2 H5 N O2'     75.067  
HIS 'L-peptide linking' y HISTIDINE ? 'C6 H10 N3 O2 1' 156.162 
HOH non-polymer         . WATER ? 'H2 O'           18.015  
ILE 'L-peptide linking' y ISOLEUCINE ? 'C6 H13 N O2'    131.173 
LEU 'L-peptide linking' y LEUCINE ? 'C6 H13 N O2'    131.173 
LYS 'L-peptide linking' y LYSINE ? 'C6 H15 N2 O2 1' 147.195 
MET 'L-peptide linking' y METHIONINE ? 'C5 H11 N O2 S'  149.211 
PHE 'L-peptide linking' y PHENYLALANINE ? 'C9 H11 N O2'    165.189 
PRO 'L-peptide linking' y PROLINE ? 'C5 H9 N O2'     115.130 
SER 'L-peptide linking' y SERINE ? 'C3 H7 N O3'     105.093 
THR 'L-peptide linking' y THREONINE ? 'C4 H9 N O3'     119.119 
TRP 'L-peptide linking' y TRYPTOPHAN ? 'C11 H12 N2 O2'  204.225 
TYR 'L-peptide linking' y TYROSINE ? 'C9 H11 N O3'    181.189 
UOJ non-polymer         . 
;(2R,5S,11S,14S,18E)-14-cyclobutyl-2,11,17,17-tetramethyl-15-oxa-3,9,12,26,29-pentaazatetracyclo[18.5.3.1~5,9~.0~23,27~]nonacosa-1(25),18,20(28),21,23,26-hexaene-4,10,13,16-tetrone
;
? 'C31 H39 N5 O5'  561.672 
VAL 'L-peptide linking' y VALINE ? 'C5 H11 N O2'    117.146 
# 
_exptl.absorpt_coefficient_mu     ? 
_exptl.absorpt_correction_T_max   ? 
_exptl.absorpt_correction_T_min   ? 
_exptl.absorpt_correction_type    ? 
_exptl.absorpt_process_details    ? 
_exptl.entry_id                   6X4Q 
_exptl.crystals_number            1 
_exptl.details                    ? 
_exptl.method                     'X-RAY DIFFRACTION' 
_exptl.method_details             ? 
# 
_exptl_crystal.colour                      ? 
_exptl_crystal.density_diffrn              ? 
_exptl_crystal.density_Matthews            2.78 
_exptl_crystal.density_method              ? 
_exptl_crystal.density_percent_sol         55.80 
_exptl_crystal.description                 ? 
_exptl_crystal.F_000                       ? 
_exptl_crystal.id                          1 
_exptl_crystal.preparation                 ? 
_exptl_crystal.size_max                    ? 
_exptl_crystal.size_mid                    ? 
_exptl_crystal.size_min                    ? 
_exptl_crystal.size_rad                    ? 
_exptl_crystal.colour_lustre               ? 
_exptl_crystal.colour_modifier             ? 
_exptl_crystal.colour_primary              ? 
_exptl_crystal.density_meas                ? 
_exptl_crystal.density_meas_esd            ? 
_exptl_crystal.density_meas_gt             ? 
_exptl_crystal.density_meas_lt             ? 
_exptl_crystal.density_meas_temp           ? 
_exptl_crystal.density_meas_temp_esd       ? 
_exptl_crystal.density_meas_temp_gt        ? 
_exptl_crystal.density_meas_temp_lt        ? 
_exptl_crystal.pdbx_crystal_image_url      ? 
_exptl_crystal.pdbx_crystal_image_format   ? 
_exptl_crystal.pdbx_mosaicity              ? 
_exptl_crystal.pdbx_mosaicity_esd          ? 
# 
_exptl_crystal_grow.apparatus       ? 
_exptl_crystal_grow.atmosphere      ? 
_exptl_crystal_grow.crystal_id      1 
_exptl_crystal_grow.details         ? 
_exptl_crystal_grow.method          'VAPOR DIFFUSION, HANGING DROP' 
_exptl_crystal_grow.method_ref      ? 
_exptl_crystal_grow.pH              8.5 
_exptl_crystal_grow.pressure        ? 
_exptl_crystal_grow.pressure_esd    ? 
_exptl_crystal_grow.seeding         ? 
_exptl_crystal_grow.seeding_ref     ? 
_exptl_crystal_grow.temp            277 
_exptl_crystal_grow.temp_details    ? 
_exptl_crystal_grow.temp_esd        ? 
_exptl_crystal_grow.time            ? 
_exptl_crystal_grow.pdbx_details    '20 mM Tris-HCl, pH 8.5, 2 mM DTT, 2 mM EDTA, 20-35% PEG 3350, 5% ethanol' 
_exptl_crystal_grow.pdbx_pH_range   ? 
# 
_diffrn.ambient_environment              ? 
_diffrn.ambient_temp                     100 
_diffrn.ambient_temp_details             ? 
_diffrn.ambient_temp_esd                 ? 
_diffrn.crystal_id                       1 
_diffrn.crystal_support                  ? 
_diffrn.crystal_treatment                ? 
_diffrn.details                          ? 
_diffrn.id                               1 
_diffrn.ambient_pressure                 ? 
_diffrn.ambient_pressure_esd             ? 
_diffrn.ambient_pressure_gt              ? 
_diffrn.ambient_pressure_lt              ? 
_diffrn.ambient_temp_gt                  ? 
_diffrn.ambient_temp_lt                  ? 
_diffrn.pdbx_serial_crystal_experiment   N 
# 
_diffrn_detector.details                      ? 
_diffrn_detector.detector                     'IMAGE PLATE' 
_diffrn_detector.diffrn_id                    1 
_diffrn_detector.type                         'RIGAKU RAXIS IV++' 
_diffrn_detector.area_resol_mean              ? 
_diffrn_detector.dtime                        ? 
_diffrn_detector.pdbx_frames_total            ? 
_diffrn_detector.pdbx_collection_time_total   ? 
_diffrn_detector.pdbx_collection_date         2013-03-21 
_diffrn_detector.pdbx_frequency               ? 
# 
_diffrn_radiation.collimation                      ? 
_diffrn_radiation.diffrn_id                        1 
_diffrn_radiation.filter_edge                      ? 
_diffrn_radiation.inhomogeneity                    ? 
_diffrn_radiation.monochromator                    ? 
_diffrn_radiation.polarisn_norm                    ? 
_diffrn_radiation.polarisn_ratio                   ? 
_diffrn_radiation.probe                            ? 
_diffrn_radiation.type                             ? 
_diffrn_radiation.xray_symbol                      ? 
_diffrn_radiation.wavelength_id                    1 
_diffrn_radiation.pdbx_monochromatic_or_laue_m_l   M 
_diffrn_radiation.pdbx_wavelength_list             ? 
_diffrn_radiation.pdbx_wavelength                  ? 
_diffrn_radiation.pdbx_diffrn_protocol             'SINGLE WAVELENGTH' 
_diffrn_radiation.pdbx_analyzer                    ? 
_diffrn_radiation.pdbx_scattering_type             x-ray 
# 
_diffrn_radiation_wavelength.id           1 
_diffrn_radiation_wavelength.wavelength   1.54 
_diffrn_radiation_wavelength.wt           1.0 
# 
_diffrn_source.current                     ? 
_diffrn_source.details                     ? 
_diffrn_source.diffrn_id                   1 
_diffrn_source.power                       ? 
_diffrn_source.size                        ? 
_diffrn_source.source                      'ROTATING ANODE' 
_diffrn_source.target                      ? 
_diffrn_source.type                        'RIGAKU MICROMAX-007 HF' 
_diffrn_source.voltage                     ? 
_diffrn_source.take-off_angle              ? 
_diffrn_source.pdbx_wavelength_list        1.54 
_diffrn_source.pdbx_wavelength             ? 
_diffrn_source.pdbx_synchrotron_beamline   ? 
_diffrn_source.pdbx_synchrotron_site       ? 
# 
_reflns.B_iso_Wilson_estimate            18.34 
_reflns.entry_id                         6X4Q 
_reflns.data_reduction_details           ? 
_reflns.data_reduction_method            ? 
_reflns.d_resolution_high                1.8 
_reflns.d_resolution_low                 34.04 
_reflns.details                          ? 
_reflns.limit_h_max                      ? 
_reflns.limit_h_min                      ? 
_reflns.limit_k_max                      ? 
_reflns.limit_k_min                      ? 
_reflns.limit_l_max                      ? 
_reflns.limit_l_min                      ? 
_reflns.number_all                       ? 
_reflns.number_obs                       19493 
_reflns.observed_criterion               ? 
_reflns.observed_criterion_F_max         ? 
_reflns.observed_criterion_F_min         ? 
_reflns.observed_criterion_I_max         ? 
_reflns.observed_criterion_I_min         ? 
_reflns.observed_criterion_sigma_F       ? 
_reflns.observed_criterion_sigma_I       ? 
_reflns.percent_possible_obs             99.8 
_reflns.R_free_details                   ? 
_reflns.Rmerge_F_all                     ? 
_reflns.Rmerge_F_obs                     ? 
_reflns.Friedel_coverage                 ? 
_reflns.number_gt                        ? 
_reflns.threshold_expression             ? 
_reflns.pdbx_redundancy                  4.6 
_reflns.pdbx_Rmerge_I_obs                ? 
_reflns.pdbx_Rmerge_I_all                ? 
_reflns.pdbx_Rsym_value                  0.051 
_reflns.pdbx_netI_over_av_sigmaI         ? 
_reflns.pdbx_netI_over_sigmaI            27.79 
_reflns.pdbx_res_netI_over_av_sigmaI_2   ? 
_reflns.pdbx_res_netI_over_sigmaI_2      ? 
_reflns.pdbx_chi_squared                 ? 
_reflns.pdbx_scaling_rejects             ? 
_reflns.pdbx_d_res_high_opt              ? 
_reflns.pdbx_d_res_low_opt               ? 
_reflns.pdbx_d_res_opt_method            ? 
_reflns.phase_calculation_details        ? 
_reflns.pdbx_Rrim_I_all                  ? 
_reflns.pdbx_Rpim_I_all                  ? 
_reflns.pdbx_d_opt                       ? 
_reflns.pdbx_number_measured_all         ? 
_reflns.pdbx_diffrn_id                   1 
_reflns.pdbx_ordinal                     1 
_reflns.pdbx_CC_half                     ? 
_reflns.pdbx_CC_star                     ? 
_reflns.pdbx_R_split                     ? 
# 
_reflns_shell.d_res_high                  1.8 
_reflns_shell.d_res_low                   1.85 
_reflns_shell.meanI_over_sigI_all         ? 
_reflns_shell.meanI_over_sigI_obs         ? 
_reflns_shell.number_measured_all         ? 
_reflns_shell.number_measured_obs         ? 
_reflns_shell.number_possible             ? 
_reflns_shell.number_unique_all           ? 
_reflns_shell.number_unique_obs           1349 
_reflns_shell.percent_possible_all        ? 
_reflns_shell.percent_possible_obs        ? 
_reflns_shell.Rmerge_F_all                ? 
_reflns_shell.Rmerge_F_obs                ? 
_reflns_shell.Rmerge_I_all                ? 
_reflns_shell.Rmerge_I_obs                ? 
_reflns_shell.meanI_over_sigI_gt          ? 
_reflns_shell.meanI_over_uI_all           ? 
_reflns_shell.meanI_over_uI_gt            ? 
_reflns_shell.number_measured_gt          ? 
_reflns_shell.number_unique_gt            ? 
_reflns_shell.percent_possible_gt         ? 
_reflns_shell.Rmerge_F_gt                 ? 
_reflns_shell.Rmerge_I_gt                 ? 
_reflns_shell.pdbx_redundancy             ? 
_reflns_shell.pdbx_Rsym_value             0.412 
_reflns_shell.pdbx_chi_squared            ? 
_reflns_shell.pdbx_netI_over_sigmaI_all   ? 
_reflns_shell.pdbx_netI_over_sigmaI_obs   ? 
_reflns_shell.pdbx_Rrim_I_all             ? 
_reflns_shell.pdbx_Rpim_I_all             ? 
_reflns_shell.pdbx_rejects                ? 
_reflns_shell.pdbx_ordinal                1 
_reflns_shell.pdbx_diffrn_id              1 
_reflns_shell.pdbx_CC_half                ? 
_reflns_shell.pdbx_CC_star                ? 
_reflns_shell.pdbx_R_split                ? 
# 
_refine.aniso_B[1][1]                            ? 
_refine.aniso_B[1][2]                            ? 
_refine.aniso_B[1][3]                            ? 
_refine.aniso_B[2][2]                            ? 
_refine.aniso_B[2][3]                            ? 
_refine.aniso_B[3][3]                            ? 
_refine.B_iso_max                                ? 
_refine.B_iso_mean                               19.35 
_refine.B_iso_min                                ? 
_refine.correlation_coeff_Fo_to_Fc               ? 
_refine.correlation_coeff_Fo_to_Fc_free          ? 
_refine.details                                  ? 
_refine.diff_density_max                         ? 
_refine.diff_density_max_esd                     ? 
_refine.diff_density_min                         ? 
_refine.diff_density_min_esd                     ? 
_refine.diff_density_rms                         ? 
_refine.diff_density_rms_esd                     ? 
_refine.entry_id                                 6X4Q 
_refine.pdbx_refine_id                           'X-RAY DIFFRACTION' 
_refine.ls_abs_structure_details                 ? 
_refine.ls_abs_structure_Flack                   ? 
_refine.ls_abs_structure_Flack_esd               ? 
_refine.ls_abs_structure_Rogers                  ? 
_refine.ls_abs_structure_Rogers_esd              ? 
_refine.ls_d_res_high                            1.80 
_refine.ls_d_res_low                             34.04 
_refine.ls_extinction_coef                       ? 
_refine.ls_extinction_coef_esd                   ? 
_refine.ls_extinction_expression                 ? 
_refine.ls_extinction_method                     ? 
_refine.ls_goodness_of_fit_all                   ? 
_refine.ls_goodness_of_fit_all_esd               ? 
_refine.ls_goodness_of_fit_obs                   ? 
_refine.ls_goodness_of_fit_obs_esd               ? 
_refine.ls_hydrogen_treatment                    ? 
_refine.ls_matrix_type                           ? 
_refine.ls_number_constraints                    ? 
_refine.ls_number_parameters                     ? 
_refine.ls_number_reflns_all                     ? 
_refine.ls_number_reflns_obs                     19214 
_refine.ls_number_reflns_R_free                  1922 
_refine.ls_number_reflns_R_work                  17292 
_refine.ls_number_restraints                     ? 
_refine.ls_percent_reflns_obs                    98.56 
_refine.ls_percent_reflns_R_free                 10.00 
_refine.ls_R_factor_all                          ? 
_refine.ls_R_factor_obs                          0.1663 
_refine.ls_R_factor_R_free                       0.1911 
_refine.ls_R_factor_R_free_error                 ? 
_refine.ls_R_factor_R_free_error_details         ? 
_refine.ls_R_factor_R_work                       0.1634 
_refine.ls_R_Fsqd_factor_obs                     ? 
_refine.ls_R_I_factor_obs                        ? 
_refine.ls_redundancy_reflns_all                 ? 
_refine.ls_redundancy_reflns_obs                 ? 
_refine.ls_restrained_S_all                      ? 
_refine.ls_restrained_S_obs                      ? 
_refine.ls_shift_over_esd_max                    ? 
_refine.ls_shift_over_esd_mean                   ? 
_refine.ls_structure_factor_coef                 ? 
_refine.ls_weighting_details                     ? 
_refine.ls_weighting_scheme                      ? 
_refine.ls_wR_factor_all                         ? 
_refine.ls_wR_factor_obs                         ? 
_refine.ls_wR_factor_R_free                      ? 
_refine.ls_wR_factor_R_work                      ? 
_refine.occupancy_max                            ? 
_refine.occupancy_min                            ? 
_refine.solvent_model_details                    'FLAT BULK SOLVENT MODEL' 
_refine.solvent_model_param_bsol                 ? 
_refine.solvent_model_param_ksol                 ? 
_refine.pdbx_R_complete                          ? 
_refine.ls_R_factor_gt                           ? 
_refine.ls_goodness_of_fit_gt                    ? 
_refine.ls_goodness_of_fit_ref                   ? 
_refine.ls_shift_over_su_max                     ? 
_refine.ls_shift_over_su_max_lt                  ? 
_refine.ls_shift_over_su_mean                    ? 
_refine.ls_shift_over_su_mean_lt                 ? 
_refine.pdbx_ls_sigma_I                          ? 
_refine.pdbx_ls_sigma_F                          1.34 
_refine.pdbx_ls_sigma_Fsqd                       ? 
_refine.pdbx_data_cutoff_high_absF               ? 
_refine.pdbx_data_cutoff_high_rms_absF           ? 
_refine.pdbx_data_cutoff_low_absF                ? 
_refine.pdbx_isotropic_thermal_model             ? 
_refine.pdbx_ls_cross_valid_method               'FREE R-VALUE' 
_refine.pdbx_method_to_determine_struct          'MOLECULAR REPLACEMENT' 
_refine.pdbx_starting_model                      'PDB entry 2CPL' 
_refine.pdbx_stereochemistry_target_values       'GeoStd + Monomer Library + CDL v1.2' 
_refine.pdbx_R_Free_selection_details            ? 
_refine.pdbx_stereochem_target_val_spec_case     ? 
_refine.pdbx_overall_ESU_R                       ? 
_refine.pdbx_overall_ESU_R_Free                  ? 
_refine.pdbx_solvent_vdw_probe_radii             1.1100 
_refine.pdbx_solvent_ion_probe_radii             ? 
_refine.pdbx_solvent_shrinkage_radii             0.9000 
_refine.pdbx_real_space_R                        ? 
_refine.pdbx_density_correlation                 ? 
_refine.pdbx_pd_number_of_powder_patterns        ? 
_refine.pdbx_pd_number_of_points                 ? 
_refine.pdbx_pd_meas_number_of_points            ? 
_refine.pdbx_pd_proc_ls_prof_R_factor            ? 
_refine.pdbx_pd_proc_ls_prof_wR_factor           ? 
_refine.pdbx_pd_Marquardt_correlation_coeff      ? 
_refine.pdbx_pd_Fsqrd_R_factor                   ? 
_refine.pdbx_pd_ls_matrix_band_width             ? 
_refine.pdbx_overall_phase_error                 17.6575 
_refine.pdbx_overall_SU_R_free_Cruickshank_DPI   ? 
_refine.pdbx_overall_SU_R_free_Blow_DPI          ? 
_refine.pdbx_overall_SU_R_Blow_DPI               ? 
_refine.pdbx_TLS_residual_ADP_flag               ? 
_refine.pdbx_diffrn_id                           1 
_refine.overall_SU_B                             ? 
_refine.overall_SU_ML                            0.1404 
_refine.overall_SU_R_Cruickshank_DPI             ? 
_refine.overall_SU_R_free                        ? 
_refine.overall_FOM_free_R_set                   ? 
_refine.overall_FOM_work_R_set                   ? 
_refine.pdbx_average_fsc_overall                 ? 
_refine.pdbx_average_fsc_work                    ? 
_refine.pdbx_average_fsc_free                    ? 
# 
_refine_hist.pdbx_refine_id                   'X-RAY DIFFRACTION' 
_refine_hist.cycle_id                         LAST 
_refine_hist.details                          ? 
_refine_hist.d_res_high                       1.80 
_refine_hist.d_res_low                        34.04 
_refine_hist.number_atoms_solvent             185 
_refine_hist.number_atoms_total               1472 
_refine_hist.number_reflns_all                ? 
_refine_hist.number_reflns_obs                ? 
_refine_hist.number_reflns_R_free             ? 
_refine_hist.number_reflns_R_work             ? 
_refine_hist.R_factor_all                     ? 
_refine_hist.R_factor_obs                     ? 
_refine_hist.R_factor_R_free                  ? 
_refine_hist.R_factor_R_work                  ? 
_refine_hist.pdbx_number_residues_total       ? 
_refine_hist.pdbx_B_iso_mean_ligand           ? 
_refine_hist.pdbx_B_iso_mean_solvent          ? 
_refine_hist.pdbx_number_atoms_protein        1246 
_refine_hist.pdbx_number_atoms_nucleic_acid   0 
_refine_hist.pdbx_number_atoms_ligand         41 
_refine_hist.pdbx_number_atoms_lipid          ? 
_refine_hist.pdbx_number_atoms_carb           ? 
_refine_hist.pdbx_pseudo_atom_details         ? 
# 
loop_
_refine_ls_restr.pdbx_refine_id 
_refine_ls_restr.criterion 
_refine_ls_restr.dev_ideal 
_refine_ls_restr.dev_ideal_target 
_refine_ls_restr.number 
_refine_ls_restr.rejects 
_refine_ls_restr.type 
_refine_ls_restr.weight 
_refine_ls_restr.pdbx_restraint_function 
'X-RAY DIFFRACTION' ? 0.0129  ? 1320 ? f_bond_d           ? ? 
'X-RAY DIFFRACTION' ? 1.1473  ? 1780 ? f_angle_d          ? ? 
'X-RAY DIFFRACTION' ? 0.0816  ? 183  ? f_chiral_restr     ? ? 
'X-RAY DIFFRACTION' ? 0.0071  ? 234  ? f_plane_restr      ? ? 
'X-RAY DIFFRACTION' ? 16.1760 ? 190  ? f_dihedral_angle_d ? ? 
# 
loop_
_refine_ls_shell.pdbx_refine_id 
_refine_ls_shell.d_res_high 
_refine_ls_shell.d_res_low 
_refine_ls_shell.number_reflns_all 
_refine_ls_shell.number_reflns_obs 
_refine_ls_shell.number_reflns_R_free 
_refine_ls_shell.number_reflns_R_work 
_refine_ls_shell.percent_reflns_obs 
_refine_ls_shell.percent_reflns_R_free 
_refine_ls_shell.R_factor_all 
_refine_ls_shell.R_factor_obs 
_refine_ls_shell.R_factor_R_free 
_refine_ls_shell.R_factor_R_free_error 
_refine_ls_shell.R_factor_R_work 
_refine_ls_shell.redundancy_reflns_all 
_refine_ls_shell.redundancy_reflns_obs 
_refine_ls_shell.wR_factor_all 
_refine_ls_shell.wR_factor_obs 
_refine_ls_shell.wR_factor_R_free 
_refine_ls_shell.wR_factor_R_work 
_refine_ls_shell.pdbx_R_complete 
_refine_ls_shell.pdbx_total_number_of_bins_used 
_refine_ls_shell.pdbx_phase_error 
_refine_ls_shell.pdbx_fsc_work 
_refine_ls_shell.pdbx_fsc_free 
'X-RAY DIFFRACTION' 1.80 1.85  . . 117 1050 86.25  . . . 0.2294 . 0.1953 . . . . . . . . . . . 
'X-RAY DIFFRACTION' 1.85 1.89  . . 131 1183 96.55  . . . 0.2121 . 0.1906 . . . . . . . . . . . 
'X-RAY DIFFRACTION' 1.89 1.95  . . 138 1236 99.28  . . . 0.2103 . 0.1656 . . . . . . . . . . . 
'X-RAY DIFFRACTION' 1.95 2.01  . . 135 1219 100.00 . . . 0.1929 . 0.1616 . . . . . . . . . . . 
'X-RAY DIFFRACTION' 2.01 2.09  . . 139 1246 100.00 . . . 0.1818 . 0.1523 . . . . . . . . . . . 
'X-RAY DIFFRACTION' 2.09 2.17  . . 137 1238 99.85  . . . 0.1954 . 0.1555 . . . . . . . . . . . 
'X-RAY DIFFRACTION' 2.17 2.27  . . 137 1235 99.93  . . . 0.1984 . 0.1607 . . . . . . . . . . . 
'X-RAY DIFFRACTION' 2.27 2.39  . . 137 1239 100.00 . . . 0.1930 . 0.1632 . . . . . . . . . . . 
'X-RAY DIFFRACTION' 2.39 2.54  . . 140 1249 99.78  . . . 0.2343 . 0.1698 . . . . . . . . . . . 
'X-RAY DIFFRACTION' 2.54 2.73  . . 139 1248 99.78  . . . 0.2132 . 0.1799 . . . . . . . . . . . 
'X-RAY DIFFRACTION' 2.73 3.01  . . 139 1256 99.86  . . . 0.2197 . 0.1857 . . . . . . . . . . . 
'X-RAY DIFFRACTION' 3.01 3.44  . . 140 1260 99.57  . . . 0.2169 . 0.1891 . . . . . . . . . . . 
'X-RAY DIFFRACTION' 3.44 4.33  . . 142 1282 99.44  . . . 0.1712 . 0.1497 . . . . . . . . . . . 
'X-RAY DIFFRACTION' 4.34 34.04 . . 151 1351 99.27  . . . 0.1371 . 0.1345 . . . . . . . . . . . 
# 
_struct.entry_id                     6X4Q 
_struct.title                        
;Human cyclophilin A bound to a series of acylcic and macrocyclic inhibitors: (2R,5S,11S,14S,18E)-14-cyclobutyl-2,11,17,17-tetramethyl-15-oxa-3,9,12,26,29-pentaazatetracyclo[18.5.3.1~5,9~.0~23,27~]nonacosa-1(25),18,20(28),21,23,26-hexaene-4,10,13,16-tetrone (compound 33)
;
_struct.pdbx_model_details           ? 
_struct.pdbx_formula_weight          ? 
_struct.pdbx_formula_weight_method   ? 
_struct.pdbx_model_type_details      ? 
_struct.pdbx_CASP_flag               N 
# 
_struct_keywords.entry_id        6X4Q 
_struct_keywords.text            
'Cyclophilin A, Sanglifehrin A, prolyl isomerase, macrocylcic inhibitor, peptidomimetic, ISOMERASE-ISOMERASE INHIBITOR complex' 
_struct_keywords.pdbx_keywords   'ISOMERASE/ISOMERASE INHIBITOR' 
# 
loop_
_struct_asym.id 
_struct_asym.pdbx_blank_PDB_chainid_flag 
_struct_asym.pdbx_modified 
_struct_asym.entity_id 
_struct_asym.details 
A N N 1 ? 
B N N 2 ? 
C N N 3 ? 
# 
loop_
_struct_conf.conf_type_id 
_struct_conf.id 
_struct_conf.pdbx_PDB_helix_id 
_struct_conf.beg_label_comp_id 
_struct_conf.beg_label_asym_id 
_struct_conf.beg_label_seq_id 
_struct_conf.pdbx_beg_PDB_ins_code 
_struct_conf.end_label_comp_id 
_struct_conf.end_label_asym_id 
_struct_conf.end_label_seq_id 
_struct_conf.pdbx_end_PDB_ins_code 
_struct_conf.beg_auth_comp_id 
_struct_conf.beg_auth_asym_id 
_struct_conf.beg_auth_seq_id 
_struct_conf.end_auth_comp_id 
_struct_conf.end_auth_asym_id 
_struct_conf.end_auth_seq_id 
_struct_conf.pdbx_PDB_helix_class 
_struct_conf.details 
_struct_conf.pdbx_PDB_helix_length 
HELX_P HELX_P1 AA1 VAL A 31  ? GLY A 44  ? VAL A 29  GLY A 42  1 ? 14 
HELX_P HELX_P2 AA2 THR A 121 ? ASP A 125 ? THR A 119 ASP A 123 5 ? 5  
HELX_P HELX_P3 AA3 GLY A 137 ? ARG A 146 ? GLY A 135 ARG A 144 1 ? 10 
# 
_struct_conf_type.id          HELX_P 
_struct_conf_type.criteria    ? 
_struct_conf_type.reference   ? 
# 
_struct_sheet.id               AA1 
_struct_sheet.type             ? 
_struct_sheet.number_strands   8 
_struct_sheet.details          ? 
# 
loop_
_struct_sheet_order.sheet_id 
_struct_sheet_order.range_id_1 
_struct_sheet_order.range_id_2 
_struct_sheet_order.offset 
_struct_sheet_order.sense 
AA1 1 2 ? anti-parallel 
AA1 2 3 ? anti-parallel 
AA1 3 4 ? anti-parallel 
AA1 4 5 ? anti-parallel 
AA1 5 6 ? anti-parallel 
AA1 6 7 ? anti-parallel 
AA1 7 8 ? anti-parallel 
# 
loop_
_struct_sheet_range.sheet_id 
_struct_sheet_range.id 
_struct_sheet_range.beg_label_comp_id 
_struct_sheet_range.beg_label_asym_id 
_struct_sheet_range.beg_label_seq_id 
_struct_sheet_range.pdbx_beg_PDB_ins_code 
_struct_sheet_range.end_label_comp_id 
_struct_sheet_range.end_label_asym_id 
_struct_sheet_range.end_label_seq_id 
_struct_sheet_range.pdbx_end_PDB_ins_code 
_struct_sheet_range.beg_auth_comp_id 
_struct_sheet_range.beg_auth_asym_id 
_struct_sheet_range.beg_auth_seq_id 
_struct_sheet_range.end_auth_comp_id 
_struct_sheet_range.end_auth_asym_id 
_struct_sheet_range.end_auth_seq_id 
AA1 1 PHE A 55  ? ILE A 59  ? PHE A 53  ILE A 57  
AA1 2 MET A 63  ? GLY A 66  ? MET A 61  GLY A 64  
AA1 3 PHE A 114 ? CYS A 117 ? PHE A 112 CYS A 115 
AA1 4 ILE A 99  ? MET A 102 ? ILE A 97  MET A 100 
AA1 5 VAL A 130 ? GLU A 136 ? VAL A 128 GLU A 134 
AA1 6 GLU A 17  ? LEU A 26  ? GLU A 15  LEU A 24  
AA1 7 THR A 7   ? VAL A 14  ? THR A 5   VAL A 12  
AA1 8 ILE A 158 ? GLN A 165 ? ILE A 156 GLN A 163 
# 
loop_
_pdbx_struct_sheet_hbond.sheet_id 
_pdbx_struct_sheet_hbond.range_id_1 
_pdbx_struct_sheet_hbond.range_id_2 
_pdbx_struct_sheet_hbond.range_1_label_atom_id 
_pdbx_struct_sheet_hbond.range_1_label_comp_id 
_pdbx_struct_sheet_hbond.range_1_label_asym_id 
_pdbx_struct_sheet_hbond.range_1_label_seq_id 
_pdbx_struct_sheet_hbond.range_1_PDB_ins_code 
_pdbx_struct_sheet_hbond.range_1_auth_atom_id 
_pdbx_struct_sheet_hbond.range_1_auth_comp_id 
_pdbx_struct_sheet_hbond.range_1_auth_asym_id 
_pdbx_struct_sheet_hbond.range_1_auth_seq_id 
_pdbx_struct_sheet_hbond.range_2_label_atom_id 
_pdbx_struct_sheet_hbond.range_2_label_comp_id 
_pdbx_struct_sheet_hbond.range_2_label_asym_id 
_pdbx_struct_sheet_hbond.range_2_label_seq_id 
_pdbx_struct_sheet_hbond.range_2_PDB_ins_code 
_pdbx_struct_sheet_hbond.range_2_auth_atom_id 
_pdbx_struct_sheet_hbond.range_2_auth_comp_id 
_pdbx_struct_sheet_hbond.range_2_auth_asym_id 
_pdbx_struct_sheet_hbond.range_2_auth_seq_id 
AA1 1 2 N ARG A 57  ? N ARG A 55  O GLN A 65  ? O GLN A 63  
AA1 2 3 N CYS A 64  ? N CYS A 62  O ILE A 116 ? O ILE A 114 
AA1 3 4 O PHE A 115 ? O PHE A 113 N SER A 101 ? N SER A 99  
AA1 4 5 N LEU A 100 ? N LEU A 98  O GLY A 132 ? O GLY A 130 
AA1 5 6 O LYS A 135 ? O LYS A 133 N SER A 23  ? N SER A 21  
AA1 6 7 O LEU A 19  ? O LEU A 17  N ILE A 12  ? N ILE A 10  
AA1 7 8 N ASP A 11  ? N ASP A 9   O ASP A 162 ? O ASP A 160 
# 
_struct_site.id                   AC1 
_struct_site.pdbx_evidence_code   Software 
_struct_site.pdbx_auth_asym_id    A 
_struct_site.pdbx_auth_comp_id    UOJ 
_struct_site.pdbx_auth_seq_id     400 
_struct_site.pdbx_auth_ins_code   ? 
_struct_site.pdbx_num_residues    14 
_struct_site.details              'binding site for residue UOJ A 400' 
# 
loop_
_struct_site_gen.id 
_struct_site_gen.site_id 
_struct_site_gen.pdbx_num_res 
_struct_site_gen.label_comp_id 
_struct_site_gen.label_asym_id 
_struct_site_gen.label_seq_id 
_struct_site_gen.pdbx_auth_ins_code 
_struct_site_gen.auth_comp_id 
_struct_site_gen.auth_asym_id 
_struct_site_gen.auth_seq_id 
_struct_site_gen.label_atom_id 
_struct_site_gen.label_alt_id 
_struct_site_gen.symmetry 
_struct_site_gen.details 
1  AC1 14 ARG A 57  ? ARG A 55  . ? 1_555 ? 
2  AC1 14 MET A 63  ? MET A 61  . ? 1_555 ? 
3  AC1 14 GLN A 65  ? GLN A 63  . ? 1_555 ? 
4  AC1 14 GLY A 74  ? GLY A 72  . ? 1_555 ? 
5  AC1 14 ASP A 87  ? ASP A 85  . ? 4_555 ? 
6  AC1 14 PHE A 90  ? PHE A 88  . ? 4_555 ? 
7  AC1 14 ALA A 103 ? ALA A 101 . ? 1_555 ? 
8  AC1 14 ASN A 104 ? ASN A 102 . ? 1_555 ? 
9  AC1 14 ALA A 105 ? ALA A 103 . ? 1_555 ? 
10 AC1 14 GLN A 113 ? GLN A 111 . ? 1_555 ? 
11 AC1 14 PHE A 115 ? PHE A 113 . ? 1_555 ? 
12 AC1 14 HIS A 128 ? HIS A 126 . ? 1_555 ? 
13 AC1 14 HOH C .   ? HOH A 508 . ? 1_555 ? 
14 AC1 14 HOH C .   ? HOH A 533 . ? 1_555 ? 
# 
_atom_sites.entry_id                    6X4Q 
_atom_sites.Cartn_transf_matrix[1][1]   ? 
_atom_sites.Cartn_transf_matrix[1][2]   ? 
_atom_sites.Cartn_transf_matrix[1][3]   ? 
_atom_sites.Cartn_transf_matrix[2][1]   ? 
_atom_sites.Cartn_transf_matrix[2][2]   ? 
_atom_sites.Cartn_transf_matrix[2][3]   ? 
_atom_sites.Cartn_transf_matrix[3][1]   ? 
_atom_sites.Cartn_transf_matrix[3][2]   ? 
_atom_sites.Cartn_transf_matrix[3][3]   ? 
_atom_sites.Cartn_transf_vector[1]      ? 
_atom_sites.Cartn_transf_vector[2]      ? 
_atom_sites.Cartn_transf_vector[3]      ? 
_atom_sites.fract_transf_matrix[1][1]   0.02269487 
_atom_sites.fract_transf_matrix[1][2]   -0.00517892 
_atom_sites.fract_transf_matrix[1][3]   0.00212425 
_atom_sites.fract_transf_matrix[2][1]   -0.00157496 
_atom_sites.fract_transf_matrix[2][2]   -0.01244414 
_atom_sites.fract_transf_matrix[2][3]   -0.01351244 
_atom_sites.fract_transf_matrix[3][1]   0.00255776 
_atom_sites.fract_transf_matrix[3][2]   0.00804666 
_atom_sites.fract_transf_matrix[3][3]   -0.00770861 
_atom_sites.fract_transf_vector[1]      -0.090819 
_atom_sites.fract_transf_vector[2]      0.176880 
_atom_sites.fract_transf_vector[3]      -0.156943 
_atom_sites.solution_primary            ? 
_atom_sites.solution_secondary          ? 
_atom_sites.solution_hydrogens          ? 
_atom_sites.special_details             ? 
# 
loop_
_atom_type.symbol 
_atom_type.scat_dispersion_real 
_atom_type.scat_dispersion_imag 
_atom_type.scat_Cromer_Mann_a1 
_atom_type.scat_Cromer_Mann_a2 
_atom_type.scat_Cromer_Mann_a3 
_atom_type.scat_Cromer_Mann_a4 
_atom_type.scat_Cromer_Mann_b1 
_atom_type.scat_Cromer_Mann_b2 
_atom_type.scat_Cromer_Mann_b3 
_atom_type.scat_Cromer_Mann_b4 
_atom_type.scat_Cromer_Mann_c 
_atom_type.scat_source 
_atom_type.scat_dispersion_source 
C ? ? 3.54356 2.42580 ? ? 25.62398 1.50364  ? ? 0.0 
;2-Gaussian fit: Grosse-Kunstleve RW, Sauter NK, Adams PD: Newsletter of the IUCr Commission on Crystallographic Computing 2004, 3, 22-31.
;
? 
N ? ? 4.01032 2.96436 ? ? 19.97189 1.75589  ? ? 0.0 
;2-Gaussian fit: Grosse-Kunstleve RW, Sauter NK, Adams PD: Newsletter of the IUCr Commission on Crystallographic Computing 2004, 3, 22-31.
;
? 
O ? ? 4.49882 3.47563 ? ? 15.80542 1.70748  ? ? 0.0 
;2-Gaussian fit: Grosse-Kunstleve RW, Sauter NK, Adams PD: Newsletter of the IUCr Commission on Crystallographic Computing 2004, 3, 22-31.
;
? 
S ? ? 9.55732 6.39887 ? ? 1.23737  29.19336 ? ? 0.0 
;2-Gaussian fit: Grosse-Kunstleve RW, Sauter NK, Adams PD: Newsletter of the IUCr Commission on Crystallographic Computing 2004, 3, 22-31.
;
? 
# 
loop_
_atom_site.group_PDB 
_atom_site.id 
_atom_site.type_symbol 
_atom_site.label_atom_id 
_atom_site.label_alt_id 
_atom_site.label_comp_id 
_atom_site.label_asym_id 
_atom_site.label_entity_id 
_atom_site.label_seq_id 
_atom_site.pdbx_PDB_ins_code 
_atom_site.Cartn_x 
_atom_site.Cartn_y 
_atom_site.Cartn_z 
_atom_site.occupancy 
_atom_site.B_iso_or_equiv 
_atom_site.pdbx_formal_charge 
_atom_site.auth_seq_id 
_atom_site.auth_comp_id 
_atom_site.auth_asym_id 
_atom_site.auth_atom_id 
_atom_site.pdbx_PDB_model_num 
ATOM   1    N N   . HIS A 1 2   ? -21.83938 11.99695  10.92826  1.000 31.32077 ? 0   HIS A N   1 
ATOM   2    C CA  . HIS A 1 2   ? -20.56885 12.43107  10.35736  1.000 36.28580 ? 0   HIS A CA  1 
ATOM   3    C C   . HIS A 1 2   ? -19.68587 11.20463  10.08968  1.000 40.31054 ? 0   HIS A C   1 
ATOM   4    O O   . HIS A 1 2   ? -19.56488 10.32812  10.94589  1.000 37.39867 ? 0   HIS A O   1 
ATOM   5    C CB  . HIS A 1 2   ? -19.83343 13.40154  11.29205  1.000 34.01911 ? 0   HIS A CB  1 
ATOM   6    C CG  . HIS A 1 2   ? -20.49963 14.73254  11.42989  1.000 31.44916 ? 0   HIS A CG  1 
ATOM   7    N ND1 . HIS A 1 2   ? -20.45085 15.46868  12.59687  1.000 35.83306 ? 0   HIS A ND1 1 
ATOM   8    C CD2 . HIS A 1 2   ? -21.22404 15.46627  10.55249  1.000 31.47319 ? 0   HIS A CD2 1 
ATOM   9    C CE1 . HIS A 1 2   ? -21.12183 16.59591  12.43478  1.000 30.23765 ? 0   HIS A CE1 1 
ATOM   10   N NE2 . HIS A 1 2   ? -21.60302 16.61716  11.20465  1.000 33.55990 ? 0   HIS A NE2 1 
ATOM   11   N N   . MET A 1 3   ? -19.06791 11.12852  8.91343   1.000 41.97715 ? 1   MET A N   1 
ATOM   12   C CA  . MET A 1 3   ? -18.24695 9.96869   8.59127   1.000 37.63983 ? 1   MET A CA  1 
ATOM   13   C C   . MET A 1 3   ? -16.81359 10.19420  9.07813   1.000 38.31128 ? 1   MET A C   1 
ATOM   14   O O   . MET A 1 3   ? -16.30469 11.31963  9.04508   1.000 38.22539 ? 1   MET A O   1 
ATOM   15   C CB  . MET A 1 3   ? -18.28942 9.68801   7.08813   1.000 41.73624 ? 1   MET A CB  1 
ATOM   16   C CG  . MET A 1 3   ? -17.73418 10.80455  6.21281   1.000 51.36403 ? 1   MET A CG  1 
ATOM   17   S SD  . MET A 1 3   ? -16.55097 10.21302  4.94067   1.000 80.08051 ? 1   MET A SD  1 
ATOM   18   C CE  . MET A 1 3   ? -14.98050 10.15164  5.84221   1.000 46.75051 ? 1   MET A CE  1 
ATOM   19   N N   . VAL A 1 4   ? -16.18542 9.12865   9.58284   1.000 34.53095 ? 2   VAL A N   1 
ATOM   20   C CA  . VAL A 1 4   ? -14.81774 9.16457   10.09925  1.000 28.93609 ? 2   VAL A CA  1 
ATOM   21   C C   . VAL A 1 4   ? -13.93962 8.35680   9.14040   1.000 22.92044 ? 2   VAL A C   1 
ATOM   22   O O   . VAL A 1 4   ? -14.33375 7.27316   8.70641   1.000 23.56158 ? 2   VAL A O   1 
ATOM   23   C CB  . VAL A 1 4   ? -14.73747 8.60946   11.53226  1.000 31.76833 ? 2   VAL A CB  1 
ATOM   24   N N   . ASN A 1 5   ? -12.78194 8.90077   8.77167   1.000 23.70398 ? 3   ASN A N   1 
ATOM   25   C CA  . ASN A 1 5   ? -11.89165 8.17261   7.86889   1.000 20.34479 ? 3   ASN A CA  1 
ATOM   26   C C   . ASN A 1 5   ? -11.49712 6.83151   8.48450   1.000 21.72981 ? 3   ASN A C   1 
ATOM   27   O O   . ASN A 1 5   ? -11.13352 6.78250   9.66565   1.000 21.42510 ? 3   ASN A O   1 
ATOM   28   C CB  . ASN A 1 5   ? -10.63829 9.00069   7.55299   1.000 16.51594 ? 3   ASN A CB  1 
ATOM   29   C CG  . ASN A 1 5   ? -10.87187 9.99486   6.40968   1.000 20.78140 ? 3   ASN A CG  1 
ATOM   30   O OD1 . ASN A 1 5   ? -11.85991 9.90518   5.69314   1.000 19.35065 ? 3   ASN A OD1 1 
ATOM   31   N ND2 . ASN A 1 5   ? -9.95470  10.93518  6.24191   1.000 20.29366 ? 3   ASN A ND2 1 
ATOM   32   N N   . PRO A 1 6   ? -11.54739 5.73599   7.73001   1.000 19.19842 ? 4   PRO A N   1 
ATOM   33   C CA  . PRO A 1 6   ? -11.16308 4.42963   8.28977   1.000 19.47391 ? 4   PRO A CA  1 
ATOM   34   C C   . PRO A 1 6   ? -9.67104  4.35566   8.60559   1.000 18.90206 ? 4   PRO A C   1 
ATOM   35   O O   . PRO A 1 6   ? -8.84210  5.04082   7.99705   1.000 18.52396 ? 4   PRO A O   1 
ATOM   36   C CB  . PRO A 1 6   ? -11.52372 3.43929   7.17013   1.000 22.54413 ? 4   PRO A CB  1 
ATOM   37   C CG  . PRO A 1 6   ? -12.17526 4.25923   6.07550   1.000 21.51102 ? 4   PRO A CG  1 
ATOM   38   C CD  . PRO A 1 6   ? -11.84223 5.67798   6.28534   1.000 21.18977 ? 4   PRO A CD  1 
ATOM   39   N N   . THR A 1 7   ? -9.33207  3.50656   9.57210   1.000 17.53490 ? 5   THR A N   1 
ATOM   40   C CA  . THR A 1 7   ? -7.94350  3.16592   9.92118   1.000 16.82814 ? 5   THR A CA  1 
ATOM   41   C C   . THR A 1 7   ? -7.73807  1.67307   9.67667   1.000 19.12930 ? 5   THR A C   1 
ATOM   42   O O   . THR A 1 7   ? -8.54180  0.86053   10.14682  1.000 18.84719 ? 5   THR A O   1 
ATOM   43   C CB  . THR A 1 7   ? -7.67420  3.46087   11.41731  1.000 22.43349 ? 5   THR A CB  1 
ATOM   44   O OG1 . THR A 1 7   ? -7.90793  4.84003   11.68412  1.000 21.31009 ? 5   THR A OG1 1 
ATOM   45   C CG2 . THR A 1 7   ? -6.23482  3.12516   11.81000  1.000 24.20638 ? 5   THR A CG2 1 
ATOM   46   N N   . VAL A 1 8   ? -6.67466  1.29936   8.95132   1.000 15.00752 ? 6   VAL A N   1 
ATOM   47   C CA  . VAL A 1 8   ? -6.35890  -0.10924  8.76448   1.000 15.84061 ? 6   VAL A CA  1 
ATOM   48   C C   . VAL A 1 8   ? -4.94473  -0.36347  9.26958   1.000 14.43448 ? 6   VAL A C   1 
ATOM   49   O O   . VAL A 1 8   ? -4.12792  0.55287   9.38602   1.000 16.87855 ? 6   VAL A O   1 
ATOM   50   C CB  . VAL A 1 8   ? -6.49803  -0.55546  7.28598   1.000 21.07688 ? 6   VAL A CB  1 
ATOM   51   C CG1 . VAL A 1 8   ? -7.97625  -0.60551  6.85919   1.000 20.92920 ? 6   VAL A CG1 1 
ATOM   52   C CG2 . VAL A 1 8   ? -5.76135  0.38039   6.38961   1.000 21.04852 ? 6   VAL A CG2 1 
ATOM   53   N N   . PHE A 1 9   ? -4.64432  -1.63527  9.56679   1.000 16.25440 ? 7   PHE A N   1 
ATOM   54   C CA  . PHE A 1 9   ? -3.31186  -1.99742  10.05480  1.000 18.17588 ? 7   PHE A CA  1 
ATOM   55   C C   . PHE A 1 9   ? -2.74930  -3.13648  9.20874   1.000 15.34717 ? 7   PHE A C   1 
ATOM   56   O O   . PHE A 1 9   ? -3.48932  -3.98134  8.71229   1.000 14.68927 ? 7   PHE A O   1 
ATOM   57   C CB  . PHE A 1 9   ? -3.32605  -2.42164  11.55194  1.000 17.10617 ? 7   PHE A CB  1 
ATOM   58   C CG  . PHE A 1 9   ? -3.98611  -3.75463  11.80151  1.000 17.32520 ? 7   PHE A CG  1 
ATOM   59   C CD1 . PHE A 1 9   ? -5.35412  -3.83048  12.05429  1.000 19.02874 ? 7   PHE A CD1 1 
ATOM   60   C CD2 . PHE A 1 9   ? -3.22939  -4.94243  11.76780  1.000 18.56595 ? 7   PHE A CD2 1 
ATOM   61   C CE1 . PHE A 1 9   ? -5.97364  -5.06464  12.26292  1.000 19.50211 ? 7   PHE A CE1 1 
ATOM   62   C CE2 . PHE A 1 9   ? -3.82477  -6.16090  11.96106  1.000 18.95162 ? 7   PHE A CE2 1 
ATOM   63   C CZ  . PHE A 1 9   ? -5.21067  -6.23177  12.21633  1.000 20.00732 ? 7   PHE A CZ  1 
ATOM   64   N N   . PHE A 1 10  ? -1.42766  -3.15095  9.06374   1.000 15.09930 ? 8   PHE A N   1 
ATOM   65   C CA  . PHE A 1 10  ? -0.66020  -4.30117  8.60564   1.000 14.43625 ? 8   PHE A CA  1 
ATOM   66   C C   . PHE A 1 10  ? 0.25646   -4.71329  9.75017   1.000 15.58968 ? 8   PHE A C   1 
ATOM   67   O O   . PHE A 1 10  ? 0.98124   -3.86333  10.28721  1.000 15.75439 ? 8   PHE A O   1 
ATOM   68   C CB  . PHE A 1 10  ? 0.26534   -3.96629  7.42564   1.000 15.07275 ? 8   PHE A CB  1 
ATOM   69   C CG  . PHE A 1 10  ? -0.42032  -3.62595  6.13969   1.000 16.32783 ? 8   PHE A CG  1 
ATOM   70   C CD1 . PHE A 1 10  ? -1.76983  -3.84095  5.93843   1.000 17.03626 ? 8   PHE A CD1 1 
ATOM   71   C CD2 . PHE A 1 10  ? 0.34062   -3.08245  5.10254   1.000 15.89827 ? 8   PHE A CD2 1 
ATOM   72   C CE1 . PHE A 1 10  ? -2.37361  -3.54130  4.68798   1.000 15.08372 ? 8   PHE A CE1 1 
ATOM   73   C CE2 . PHE A 1 10  ? -0.25372  -2.75207  3.88871   1.000 15.68477 ? 8   PHE A CE2 1 
ATOM   74   C CZ  . PHE A 1 10  ? -1.60748  -2.98507  3.68676   1.000 14.40179 ? 8   PHE A CZ  1 
ATOM   75   N N   . ASP A 1 11  ? 0.25267   -6.00028  10.08882  1.000 17.50855 ? 9   ASP A N   1 
ATOM   76   C CA  . ASP A 1 11  ? 1.29234   -6.60078  10.92146  1.000 16.83196 ? 9   ASP A CA  1 
ATOM   77   C C   . ASP A 1 11  ? 2.35258   -7.20587  10.00570  1.000 18.41255 ? 9   ASP A C   1 
ATOM   78   O O   . ASP A 1 11  ? 2.06034   -8.12909  9.22326   1.000 17.30993 ? 9   ASP A O   1 
ATOM   79   C CB  . ASP A 1 11  ? 0.71039   -7.67746  11.83177  1.000 16.27998 ? 9   ASP A CB  1 
ATOM   80   C CG  . ASP A 1 11  ? -0.10541  -7.09285  12.99518  1.000 21.03786 ? 9   ASP A CG  1 
ATOM   81   O OD1 . ASP A 1 11  ? 0.15417   -5.95094  13.39610  1.000 20.66900 ? 9   ASP A OD1 1 
ATOM   82   O OD2 . ASP A 1 11  ? -1.00559  -7.78937  13.52477  1.000 26.07733 ? 9   ASP A OD2 1 
ATOM   83   N N   . ILE A 1 12  ? 3.56159   -6.68230  10.09310  1.000 16.22227 ? 10  ILE A N   1 
ATOM   84   C CA  . ILE A 1 12  ? 4.64915   -6.99462  9.16015   1.000 15.32680 ? 10  ILE A CA  1 
ATOM   85   C C   . ILE A 1 12  ? 5.52903   -8.07584  9.77503   1.000 16.38625 ? 10  ILE A C   1 
ATOM   86   O O   . ILE A 1 12  ? 5.76936   -8.07763  10.98985  1.000 17.26677 ? 10  ILE A O   1 
ATOM   87   C CB  . ILE A 1 12  ? 5.48341   -5.72725  8.86211   1.000 15.33906 ? 10  ILE A CB  1 
ATOM   88   C CG1 . ILE A 1 12  ? 4.59795   -4.62764  8.24203   1.000 15.92175 ? 10  ILE A CG1 1 
ATOM   89   C CG2 . ILE A 1 12  ? 6.68265   -6.03115  8.00919   1.000 14.59650 ? 10  ILE A CG2 1 
ATOM   90   C CD1 . ILE A 1 12  ? 4.04652   -4.97963  6.88176   1.000 16.96559 ? 10  ILE A CD1 1 
ATOM   91   N N   . ALA A 1 13  ? 6.01870   -8.98874  8.94426   1.000 13.82719 ? 11  ALA A N   1 
ATOM   92   C CA  . ALA A 1 13  ? 6.98104   -10.00463 9.36789   1.000 17.99660 ? 11  ALA A CA  1 
ATOM   93   C C   . ALA A 1 13  ? 8.15278   -10.02347 8.39023   1.000 17.30861 ? 11  ALA A C   1 
ATOM   94   O O   . ALA A 1 13  ? 8.00812   -9.64303  7.23084   1.000 15.82296 ? 11  ALA A O   1 
ATOM   95   C CB  . ALA A 1 13  ? 6.33854   -11.40079 9.43786   1.000 18.23600 ? 11  ALA A CB  1 
ATOM   96   N N   . VAL A 1 14  ? 9.31831   -10.45721 8.88342   1.000 16.08378 ? 12  VAL A N   1 
ATOM   97   C CA  . VAL A 1 14  ? 10.57420  -10.49023 8.13402   1.000 17.12056 ? 12  VAL A CA  1 
ATOM   98   C C   . VAL A 1 14  ? 11.03240  -11.94369 8.18596   1.000 19.66168 ? 12  VAL A C   1 
ATOM   99   O O   . VAL A 1 14  ? 11.34818  -12.45593 9.27485   1.000 19.39020 ? 12  VAL A O   1 
ATOM   100  C CB  . VAL A 1 14  ? 11.62085  -9.56747  8.76150   1.000 18.67117 ? 12  VAL A CB  1 
ATOM   101  C CG1 . VAL A 1 14  ? 12.98133  -9.72045  8.09194   1.000 18.61286 ? 12  VAL A CG1 1 
ATOM   102  C CG2 . VAL A 1 14  ? 11.14484  -8.13979  8.71427   1.000 18.49917 ? 12  VAL A CG2 1 
ATOM   103  N N   . ASP A 1 15  ? 11.03596  -12.61987 7.03573   1.000 18.76847 ? 13  ASP A N   1 
ATOM   104  C CA  . ASP A 1 15  ? 11.27304  -14.07726 6.98261   1.000 20.26484 ? 13  ASP A CA  1 
ATOM   105  C C   . ASP A 1 15  ? 10.44209  -14.82091 8.02855   1.000 23.48921 ? 13  ASP A C   1 
ATOM   106  O O   . ASP A 1 15  ? 10.92515  -15.72451 8.72852   1.000 21.78426 ? 13  ASP A O   1 
ATOM   107  C CB  . ASP A 1 15  ? 12.76347  -14.38992 7.13672   1.000 22.12629 ? 13  ASP A CB  1 
ATOM   108  C CG  . ASP A 1 15  ? 13.52976  -14.18833 5.84796   1.000 27.00596 ? 13  ASP A CG  1 
ATOM   109  O OD1 . ASP A 1 15  ? 12.87742  -14.01986 4.79543   1.000 22.85413 ? 13  ASP A OD1 1 
ATOM   110  O OD2 . ASP A 1 15  ? 14.78727  -14.20566 5.87034   1.000 28.47707 ? 13  ASP A OD2 1 
ATOM   111  N N   . GLY A 1 16  ? 9.16821   -14.44205 8.13025   1.000 20.17064 ? 14  GLY A N   1 
ATOM   112  C CA  . GLY A 1 16  ? 8.25693   -15.06843 9.04314   1.000 22.87365 ? 14  GLY A CA  1 
ATOM   113  C C   . GLY A 1 16  ? 8.31491   -14.58774 10.47959  1.000 24.67784 ? 14  GLY A C   1 
ATOM   114  O O   . GLY A 1 16  ? 7.46778   -15.01482 11.27785  1.000 28.22964 ? 14  GLY A O   1 
ATOM   115  N N   . GLU A 1 17  ? 9.30662   -13.71901 10.85638  1.000 20.85113 ? 15  GLU A N   1 
ATOM   116  C CA  . GLU A 1 17  ? 9.48180   -13.24095 12.23446  1.000 22.31280 ? 15  GLU A CA  1 
ATOM   117  C C   . GLU A 1 17  ? 8.75138   -11.91415 12.43397  1.000 19.66745 ? 15  GLU A C   1 
ATOM   118  O O   . GLU A 1 17  ? 8.99163   -10.96467 11.67865  1.000 19.83542 ? 15  GLU A O   1 
ATOM   119  C CB  . GLU A 1 17  ? 10.95931  -13.04992 12.56629  1.000 25.13696 ? 15  GLU A CB  1 
ATOM   120  C CG  . GLU A 1 17  ? 11.68701  -14.36770 12.83121  1.000 33.48389 ? 15  GLU A CG  1 
ATOM   121  C CD  . GLU A 1 17  ? 10.95423  -15.22811 13.86860  1.000 39.66492 ? 15  GLU A CD  1 
ATOM   122  O OE1 . GLU A 1 17  ? 10.82582  -14.78119 15.03551  1.000 43.28332 ? 15  GLU A OE1 1 
ATOM   123  O OE2 . GLU A 1 17  ? 10.45495  -16.32714 13.51067  1.000 44.42346 ? 15  GLU A OE2 1 
ATOM   124  N N   . PRO A 1 18  ? 7.89817   -11.80106 13.44262  1.000 19.43932 ? 16  PRO A N   1 
ATOM   125  C CA  . PRO A 1 18  ? 7.13452   -10.55500 13.63489  1.000 19.31539 ? 16  PRO A CA  1 
ATOM   126  C C   . PRO A 1 18  ? 8.04022   -9.35214  13.77617  1.000 21.03106 ? 16  PRO A C   1 
ATOM   127  O O   . PRO A 1 18  ? 9.05510   -9.39575  14.46761  1.000 19.41965 ? 16  PRO A O   1 
ATOM   128  C CB  . PRO A 1 18  ? 6.35782   -10.81025 14.93529  1.000 23.83133 ? 16  PRO A CB  1 
ATOM   129  C CG  . PRO A 1 18  ? 6.23382   -12.31486 14.98903  1.000 22.22003 ? 16  PRO A CG  1 
ATOM   130  C CD  . PRO A 1 18  ? 7.51596   -12.84877 14.40482  1.000 21.83020 ? 16  PRO A CD  1 
ATOM   131  N N   . LEU A 1 19  ? 7.67148   -8.25569  13.11579  1.000 15.34670 ? 17  LEU A N   1 
ATOM   132  C CA  . LEU A 1 19  ? 8.46891   -7.04301  13.18333  1.000 16.42548 ? 17  LEU A CA  1 
ATOM   133  C C   . LEU A 1 19  ? 7.72150   -5.94408  13.92904  1.000 18.19252 ? 17  LEU A C   1 
ATOM   134  O O   . LEU A 1 19  ? 8.22261   -5.42355  14.92763  1.000 18.07417 ? 17  LEU A O   1 
ATOM   135  C CB  . LEU A 1 19  ? 8.86631   -6.58650  11.75675  1.000 17.05306 ? 17  LEU A CB  1 
ATOM   136  C CG  . LEU A 1 19  ? 9.58341   -5.23728  11.67475  1.000 15.44844 ? 17  LEU A CG  1 
ATOM   137  C CD1 . LEU A 1 19  ? 10.99888  -5.30238  12.29379  1.000 18.47352 ? 17  LEU A CD1 1 
ATOM   138  C CD2 . LEU A 1 19  ? 9.67021   -4.74444  10.24925  1.000 16.95762 ? 17  LEU A CD2 1 
ATOM   139  N N   . GLY A 1 20  ? 6.52548   -5.59803  13.48106  1.000 15.91383 ? 18  GLY A N   1 
ATOM   140  C CA  . GLY A 1 20  ? 5.73923   -4.57169  14.13565  1.000 14.39731 ? 18  GLY A CA  1 
ATOM   141  C C   . GLY A 1 20  ? 4.49828   -4.26694  13.32036  1.000 17.12659 ? 18  GLY A C   1 
ATOM   142  O O   . GLY A 1 20  ? 4.22694   -4.92156  12.32215  1.000 15.63978 ? 18  GLY A O   1 
ATOM   143  N N   . ARG A 1 21  ? 3.76119   -3.23932  13.74723  1.000 14.15267 ? 19  ARG A N   1 
ATOM   144  C CA  . ARG A 1 21  ? 2.50361   -2.88614  13.09683  1.000 15.10898 ? 19  ARG A CA  1 
ATOM   145  C C   . ARG A 1 21  ? 2.62271   -1.51482  12.44030  1.000 14.78004 ? 19  ARG A C   1 
ATOM   146  O O   . ARG A 1 21  ? 3.25769   -0.61161  12.99552  1.000 17.06426 ? 19  ARG A O   1 
ATOM   147  C CB  . ARG A 1 21  ? 1.35574   -2.88105  14.11283  1.000 15.35130 ? 19  ARG A CB  1 
ATOM   148  C CG  . ARG A 1 21  ? 0.02770   -2.28459  13.59453  1.000 17.49656 ? 19  ARG A CG  1 
ATOM   149  C CD  . ARG A 1 21  ? -1.10326  -2.58535  14.59191  1.000 13.64761 ? 19  ARG A CD  1 
ATOM   150  N NE  . ARG A 1 21  ? -1.46394  -4.00502  14.60083  1.000 17.38821 ? 19  ARG A NE  1 
ATOM   151  C CZ  . ARG A 1 21  ? -2.56220  -4.47605  15.18438  1.000 18.57803 ? 19  ARG A CZ  1 
ATOM   152  N NH1 . ARG A 1 21  ? -3.35617  -3.64742  15.83557  1.000 18.78089 ? 19  ARG A NH1 1 
ATOM   153  N NH2 . ARG A 1 21  ? -2.87893  -5.75925  15.11599  1.000 18.83256 ? 19  ARG A NH2 1 
ATOM   154  N N   . VAL A 1 22  ? 2.06584   -1.38122  11.23220  1.000 13.57197 ? 20  VAL A N   1 
ATOM   155  C CA  . VAL A 1 22  ? 1.93649   -0.09114  10.56087  1.000 15.35383 ? 20  VAL A CA  1 
ATOM   156  C C   . VAL A 1 22  ? 0.45292   0.15805   10.42158  1.000 16.31931 ? 20  VAL A C   1 
ATOM   157  O O   . VAL A 1 22  ? -0.27520  -0.74984  10.01016  1.000 16.65472 ? 20  VAL A O   1 
ATOM   158  C CB  . VAL A 1 22  ? 2.61824   -0.09709  9.18054   1.000 16.04175 ? 20  VAL A CB  1 
ATOM   159  C CG1 . VAL A 1 22  ? 2.46820   1.29975   8.50678   1.000 15.73647 ? 20  VAL A CG1 1 
ATOM   160  C CG2 . VAL A 1 22  ? 4.10508   -0.53028  9.30232   1.000 16.61936 ? 20  VAL A CG2 1 
ATOM   161  N N   . SER A 1 23  ? -0.01226  1.35698   10.78803  1.000 14.37516 ? 21  SER A N   1 
ATOM   162  C CA  . SER A 1 23  ? -1.42126  1.67610   10.60877  1.000 16.17044 ? 21  SER A CA  1 
ATOM   163  C C   . SER A 1 23  ? -1.53818  2.85034   9.64984   1.000 16.52633 ? 21  SER A C   1 
ATOM   164  O O   . SER A 1 23  ? -0.60911  3.64443   9.50052   1.000 17.22362 ? 21  SER A O   1 
ATOM   165  C CB  . SER A 1 23  ? -2.13423  1.98587   11.93380  1.000 18.91874 ? 21  SER A CB  1 
ATOM   166  O OG  . SER A 1 23  ? -1.65368  3.18296   12.47729  1.000 20.49152 ? 21  SER A OG  1 
ATOM   167  N N   . PHE A 1 24  ? -2.67661  2.93072   8.98278   1.000 16.96987 ? 22  PHE A N   1 
ATOM   168  C CA  . PHE A 1 24  ? -2.89541  3.91427   7.93196   1.000 15.42217 ? 22  PHE A CA  1 
ATOM   169  C C   . PHE A 1 24  ? -4.23278  4.58784   8.13685   1.000 14.94160 ? 22  PHE A C   1 
ATOM   170  O O   . PHE A 1 24  ? -5.22794  3.91797   8.42409   1.000 17.53698 ? 22  PHE A O   1 
ATOM   171  C CB  . PHE A 1 24  ? -2.94284  3.29396   6.54773   1.000 13.57947 ? 22  PHE A CB  1 
ATOM   172  C CG  . PHE A 1 24  ? -1.78394  2.42938   6.21408   1.000 12.27485 ? 22  PHE A CG  1 
ATOM   173  C CD1 . PHE A 1 24  ? -0.67078  2.97664   5.61538   1.000 15.58512 ? 22  PHE A CD1 1 
ATOM   174  C CD2 . PHE A 1 24  ? -1.82675  1.04815   6.45200   1.000 15.83265 ? 22  PHE A CD2 1 
ATOM   175  C CE1 . PHE A 1 24  ? 0.42139   2.16861   5.27996   1.000 14.72434 ? 22  PHE A CE1 1 
ATOM   176  C CE2 . PHE A 1 24  ? -0.75320  0.22768   6.10409   1.000 14.80558 ? 22  PHE A CE2 1 
ATOM   177  C CZ  . PHE A 1 24  ? 0.37739   0.80552   5.51069   1.000 15.36352 ? 22  PHE A CZ  1 
ATOM   178  N N   . GLU A 1 25  ? -4.26657  5.90217   7.93797   1.000 13.35070 ? 23  GLU A N   1 
ATOM   179  C CA  . GLU A 1 25  ? -5.53287  6.59647   7.73607   1.000 14.32627 ? 23  GLU A CA  1 
ATOM   180  C C   . GLU A 1 25  ? -5.84195  6.55775   6.24625   1.000 14.44869 ? 23  GLU A C   1 
ATOM   181  O O   . GLU A 1 25  ? -4.96763  6.87769   5.43414   1.000 16.03592 ? 23  GLU A O   1 
ATOM   182  C CB  . GLU A 1 25  ? -5.44041  8.05186   8.22415   1.000 16.16593 ? 23  GLU A CB  1 
ATOM   183  C CG  . GLU A 1 25  ? -6.70883  8.85345   7.92070   1.000 17.74376 ? 23  GLU A CG  1 
ATOM   184  C CD  . GLU A 1 25  ? -6.63644  10.31105  8.38065   1.000 23.98444 ? 23  GLU A CD  1 
ATOM   185  O OE1 . GLU A 1 25  ? -5.62669  10.71254  8.98798   1.000 22.49282 ? 23  GLU A OE1 1 
ATOM   186  O OE2 . GLU A 1 25  ? -7.60665  11.07029  8.12385   1.000 24.65930 ? 23  GLU A OE2 1 
ATOM   187  N N   . LEU A 1 26  ? -7.07556  6.17631   5.88761   1.000 14.57167 ? 24  LEU A N   1 
ATOM   188  C CA  . LEU A 1 26  ? -7.53965  6.16909   4.49771   1.000 15.37153 ? 24  LEU A CA  1 
ATOM   189  C C   . LEU A 1 26  ? -8.44868  7.37162   4.27967   1.000 17.84087 ? 24  LEU A C   1 
ATOM   190  O O   . LEU A 1 26  ? -9.39919  7.58052   5.04310   1.000 18.02568 ? 24  LEU A O   1 
ATOM   191  C CB  . LEU A 1 26  ? -8.27185  4.86412   4.16250   1.000 16.75988 ? 24  LEU A CB  1 
ATOM   192  C CG  . LEU A 1 26  ? -7.58055  3.54550   4.56388   1.000 14.83956 ? 24  LEU A CG  1 
ATOM   193  C CD1 . LEU A 1 26  ? -8.33889  2.27420   4.08809   1.000 14.26799 ? 24  LEU A CD1 1 
ATOM   194  C CD2 . LEU A 1 26  ? -6.16261  3.47508   4.00413   1.000 16.33589 ? 24  LEU A CD2 1 
ATOM   195  N N   . PHE A 1 27  ? -8.13112  8.18817   3.26762   1.000 16.25754 ? 25  PHE A N   1 
ATOM   196  C CA  . PHE A 1 27  ? -8.81881  9.46349   3.05016   1.000 16.24012 ? 25  PHE A CA  1 
ATOM   197  C C   . PHE A 1 27  ? -10.10923 9.23685   2.25658   1.000 18.67291 ? 25  PHE A C   1 
ATOM   198  O O   . PHE A 1 27  ? -10.28928 9.69773   1.12640   1.000 19.10776 ? 25  PHE A O   1 
ATOM   199  C CB  . PHE A 1 27  ? -7.89482  10.46215  2.35425   1.000 17.26242 ? 25  PHE A CB  1 
ATOM   200  C CG  . PHE A 1 27  ? -6.63708  10.75943  3.15633   1.000 18.71144 ? 25  PHE A CG  1 
ATOM   201  C CD1 . PHE A 1 27  ? -6.73687  11.15428  4.47679   1.000 22.48510 ? 25  PHE A CD1 1 
ATOM   202  C CD2 . PHE A 1 27  ? -5.39646  10.61846  2.59114   1.000 19.37485 ? 25  PHE A CD2 1 
ATOM   203  C CE1 . PHE A 1 27  ? -5.59809  11.41704  5.22390   1.000 21.86146 ? 25  PHE A CE1 1 
ATOM   204  C CE2 . PHE A 1 27  ? -4.24378  10.87696  3.34464   1.000 21.60175 ? 25  PHE A CE2 1 
ATOM   205  C CZ  . PHE A 1 27  ? -4.34882  11.26236  4.64380   1.000 22.33936 ? 25  PHE A CZ  1 
ATOM   206  N N   . ALA A 1 28  ? -11.03744 8.52511   2.90021   1.000 17.52524 ? 26  ALA A N   1 
ATOM   207  C CA  . ALA A 1 28  ? -12.34813 8.28685   2.29839   1.000 19.23357 ? 26  ALA A CA  1 
ATOM   208  C C   . ALA A 1 28  ? -13.09176 9.59572   2.05385   1.000 19.91618 ? 26  ALA A C   1 
ATOM   209  O O   . ALA A 1 28  ? -13.96316 9.67002   1.16056   1.000 18.30613 ? 26  ALA A O   1 
ATOM   210  C CB  . ALA A 1 28  ? -13.15329 7.35410   3.20098   1.000 19.36600 ? 26  ALA A CB  1 
ATOM   211  N N   . ASP A 1 29  ? -12.76533 10.63085  2.81844   1.000 20.35476 ? 27  ASP A N   1 
ATOM   212  C CA  . ASP A 1 29  ? -13.40216 11.91523  2.56657   1.000 24.20200 ? 27  ASP A CA  1 
ATOM   213  C C   . ASP A 1 29  ? -12.97476 12.50702  1.22332   1.000 23.42339 ? 27  ASP A C   1 
ATOM   214  O O   . ASP A 1 29  ? -13.72494 13.29104  0.64300   1.000 24.21786 ? 27  ASP A O   1 
ATOM   215  C CB  . ASP A 1 29  ? -13.12676 12.89820  3.71953   1.000 28.51616 ? 27  ASP A CB  1 
ATOM   216  C CG  . ASP A 1 29  ? -11.64269 13.10607  4.01195   1.000 27.92216 ? 27  ASP A CG  1 
ATOM   217  O OD1 . ASP A 1 29  ? -10.77284 12.34505  3.53409   1.000 24.96260 ? 27  ASP A OD1 1 
ATOM   218  O OD2 . ASP A 1 29  ? -11.32766 14.06615  4.73699   1.000 31.69736 ? 27  ASP A OD2 1 
ATOM   219  N N   . LYS A 1 30  ? -11.79241 12.16238  0.71056   1.000 18.24846 ? 28  LYS A N   1 
ATOM   220  C CA  . LYS A 1 30  ? -11.36638 12.69855  -0.58612  1.000 20.74858 ? 28  LYS A CA  1 
ATOM   221  C C   . LYS A 1 30  ? -11.43292 11.69693  -1.74288  1.000 18.94864 ? 28  LYS A C   1 
ATOM   222  O O   . LYS A 1 30  ? -11.68035 12.11705  -2.88867  1.000 17.07915 ? 28  LYS A O   1 
ATOM   223  C CB  . LYS A 1 30  ? -9.95044  13.23210  -0.49601  1.000 24.20098 ? 28  LYS A CB  1 
ATOM   224  C CG  . LYS A 1 30  ? -9.73317  14.09532  0.70006   1.000 30.80487 ? 28  LYS A CG  1 
ATOM   225  C CD  . LYS A 1 30  ? -10.32014 15.44929  0.51689   1.000 28.31666 ? 28  LYS A CD  1 
ATOM   226  C CE  . LYS A 1 30  ? -9.36736  16.50592  1.07541   1.000 35.41245 ? 28  LYS A CE  1 
ATOM   227  N NZ  . LYS A 1 30  ? -9.01285  16.28662  2.50184   1.000 43.45051 ? 28  LYS A NZ  1 
ATOM   228  N N   . VAL A 1 31  ? -11.16596 10.41430  -1.49189  1.000 16.41652 ? 29  VAL A N   1 
ATOM   229  C CA  . VAL A 1 31  ? -11.11980 9.36879   -2.52619  1.000 15.74661 ? 29  VAL A CA  1 
ATOM   230  C C   . VAL A 1 31  ? -11.87516 8.15292   -1.98701  1.000 17.31039 ? 29  VAL A C   1 
ATOM   231  O O   . VAL A 1 31  ? -11.26824 7.10424   -1.68770  1.000 15.98447 ? 29  VAL A O   1 
ATOM   232  C CB  . VAL A 1 31  ? -9.67196  9.00705   -2.94726  1.000 17.08089 ? 29  VAL A CB  1 
ATOM   233  C CG1 . VAL A 1 31  ? -9.09945  10.04633  -3.94140  1.000 18.43410 ? 29  VAL A CG1 1 
ATOM   234  C CG2 . VAL A 1 31  ? -8.78685  8.90490   -1.74967  1.000 17.99783 ? 29  VAL A CG2 1 
ATOM   235  N N   . PRO A 1 32  ? -13.21019 8.23760   -1.86024  1.000 17.76361 ? 30  PRO A N   1 
ATOM   236  C CA  . PRO A 1 32  ? -13.96011 7.12698   -1.24168  1.000 15.12673 ? 30  PRO A CA  1 
ATOM   237  C C   . PRO A 1 32  ? -13.84363 5.78933   -1.96774  1.000 16.12208 ? 30  PRO A C   1 
ATOM   238  O O   . PRO A 1 32  ? -13.78111 4.74305   -1.30085  1.000 16.65046 ? 30  PRO A O   1 
ATOM   239  C CB  . PRO A 1 32  ? -15.41046 7.64243   -1.24284  1.000 19.73576 ? 30  PRO A CB  1 
ATOM   240  C CG  . PRO A 1 32  ? -15.46966 8.75073   -2.28889  1.000 17.09064 ? 30  PRO A CG  1 
ATOM   241  C CD  . PRO A 1 32  ? -14.07442 9.38876   -2.19992  1.000 19.32686 ? 30  PRO A CD  1 
ATOM   242  N N   . LYS A 1 33  ? -13.82603 5.77968   -3.30302  1.000 16.14045 ? 31  LYS A N   1 
ATOM   243  C CA  . LYS A 1 33  ? -13.80553 4.50336   -4.01961  1.000 16.23845 ? 31  LYS A CA  1 
ATOM   244  C C   . LYS A 1 33  ? -12.45397 3.82866   -3.85507  1.000 16.44440 ? 31  LYS A C   1 
ATOM   245  O O   . LYS A 1 33  ? -12.37892 2.61690   -3.60443  1.000 15.56691 ? 31  LYS A O   1 
ATOM   246  C CB  . LYS A 1 33  ? -14.13728 4.72750   -5.49940  1.000 16.93425 ? 31  LYS A CB  1 
ATOM   247  C CG  . LYS A 1 33  ? -14.21218 3.45299   -6.32280  1.000 17.28641 ? 31  LYS A CG  1 
ATOM   248  C CD  . LYS A 1 33  ? -14.74323 3.68090   -7.75607  1.000 19.16035 ? 31  LYS A CD  1 
ATOM   249  C CE  . LYS A 1 33  ? -14.92851 2.31636   -8.43828  1.000 19.70588 ? 31  LYS A CE  1 
ATOM   250  N NZ  . LYS A 1 33  ? -15.70753 2.47635   -9.71545  1.000 23.20790 ? 31  LYS A NZ  1 
ATOM   251  N N   . THR A 1 34  ? -11.38250 4.61509   -3.95571  1.000 14.21399 ? 32  THR A N   1 
ATOM   252  C CA  . THR A 1 34  ? -10.02393 4.07919   -3.74914  1.000 15.31732 ? 32  THR A CA  1 
ATOM   253  C C   . THR A 1 34  ? -9.79028  3.68039   -2.29260  1.000 15.73037 ? 32  THR A C   1 
ATOM   254  O O   . THR A 1 34  ? -9.19738  2.62025   -2.00513  1.000 13.77740 ? 32  THR A O   1 
ATOM   255  C CB  . THR A 1 34  ? -9.01826  5.13190   -4.20426  1.000 15.42645 ? 32  THR A CB  1 
ATOM   256  O OG1 . THR A 1 34  ? -9.39355  5.59276   -5.50645  1.000 14.11061 ? 32  THR A OG1 1 
ATOM   257  C CG2 . THR A 1 34  ? -7.57329  4.57916   -4.21604  1.000 15.21518 ? 32  THR A CG2 1 
ATOM   258  N N   . ALA A 1 35  ? -10.24678 4.51006   -1.34528  1.000 14.95350 ? 33  ALA A N   1 
ATOM   259  C CA  . ALA A 1 35  ? -10.12381 4.13271   0.06198   1.000 17.01566 ? 33  ALA A CA  1 
ATOM   260  C C   . ALA A 1 35  ? -10.85006 2.82766   0.34555   1.000 15.79457 ? 33  ALA A C   1 
ATOM   261  O O   . ALA A 1 35  ? -10.33201 1.96797   1.06506   1.000 14.74032 ? 33  ALA A O   1 
ATOM   262  C CB  . ALA A 1 35  ? -10.66796 5.24235   0.98340   1.000 13.82904 ? 33  ALA A CB  1 
ATOM   263  N N   . GLU A 1 36  ? -12.03449 2.64666   -0.24367  1.000 14.84421 ? 34  GLU A N   1 
ATOM   264  C CA  . GLU A 1 36  ? -12.85087 1.48441   0.09214   1.000 16.29898 ? 34  GLU A CA  1 
ATOM   265  C C   . GLU A 1 36  ? -12.21039 0.20223   -0.42134  1.000 16.97616 ? 34  GLU A C   1 
ATOM   266  O O   . GLU A 1 36  ? -12.27343 -0.84029  0.24471   1.000 16.49687 ? 34  GLU A O   1 
ATOM   267  C CB  . GLU A 1 36  ? -14.26367 1.67812   -0.47811  1.000 16.86998 ? 34  GLU A CB  1 
ATOM   268  C CG  . GLU A 1 36  ? -15.17490 0.44769   -0.41258  1.000 16.32822 ? 34  GLU A CG  1 
ATOM   269  C CD  . GLU A 1 36  ? -15.46592 -0.01724  0.99693   1.000 19.22504 ? 34  GLU A CD  1 
ATOM   270  O OE1 . GLU A 1 36  ? -15.19435 0.69887   1.97942   1.000 19.54050 ? 34  GLU A OE1 1 
ATOM   271  O OE2 . GLU A 1 36  ? -15.97586 -1.15268  1.13705   1.000 21.01417 ? 34  GLU A OE2 1 
ATOM   272  N N   . ASN A 1 37  ? -11.57449 0.26923   -1.60113  1.000 15.30894 ? 35  ASN A N   1 
ATOM   273  C CA  . ASN A 1 37  ? -10.84604 -0.88617  -2.13908  1.000 15.99185 ? 35  ASN A CA  1 
ATOM   274  C C   . ASN A 1 37  ? -9.78349  -1.35637  -1.16159  1.000 13.66973 ? 35  ASN A C   1 
ATOM   275  O O   . ASN A 1 37  ? -9.71553  -2.54272  -0.81499  1.000 13.75441 ? 35  ASN A O   1 
ATOM   276  C CB  . ASN A 1 37  ? -10.21506 -0.52406  -3.49355  1.000 15.16103 ? 35  ASN A CB  1 
ATOM   277  C CG  . ASN A 1 37  ? -9.45218  -1.68138  -4.13528  1.000 17.88632 ? 35  ASN A CG  1 
ATOM   278  O OD1 . ASN A 1 37  ? -10.00788 -2.75537  -4.41855  1.000 17.19656 ? 35  ASN A OD1 1 
ATOM   279  N ND2 . ASN A 1 37  ? -8.16079  -1.44940  -4.40560  1.000 15.64152 ? 35  ASN A ND2 1 
ATOM   280  N N   . PHE A 1 38  ? -8.92409  -0.44297  -0.72853  1.000 13.87818 ? 36  PHE A N   1 
ATOM   281  C CA  . PHE A 1 38  ? -7.84272  -0.79979  0.17154   1.000 14.32909 ? 36  PHE A CA  1 
ATOM   282  C C   . PHE A 1 38  ? -8.37437  -1.24216  1.52622   1.000 15.47162 ? 36  PHE A C   1 
ATOM   283  O O   . PHE A 1 38  ? -7.84951  -2.20187  2.12301   1.000 14.94384 ? 36  PHE A O   1 
ATOM   284  C CB  . PHE A 1 38  ? -6.91448  0.39338   0.30830   1.000 13.01059 ? 36  PHE A CB  1 
ATOM   285  C CG  . PHE A 1 38  ? -5.64831  0.10898   1.06984   1.000 14.21337 ? 36  PHE A CG  1 
ATOM   286  C CD1 . PHE A 1 38  ? -4.50276  -0.29022  0.39785   1.000 13.91941 ? 36  PHE A CD1 1 
ATOM   287  C CD2 . PHE A 1 38  ? -5.61561  0.28945   2.45082   1.000 13.92515 ? 36  PHE A CD2 1 
ATOM   288  C CE1 . PHE A 1 38  ? -3.34153  -0.53448  1.07528   1.000 13.99859 ? 36  PHE A CE1 1 
ATOM   289  C CE2 . PHE A 1 38  ? -4.42655  0.06361   3.15263   1.000 14.21820 ? 36  PHE A CE2 1 
ATOM   290  C CZ  . PHE A 1 38  ? -3.29707  -0.35265  2.45603   1.000 16.20231 ? 36  PHE A CZ  1 
ATOM   291  N N   . ARG A 1 39  ? -9.44046  -0.59804  2.00362   1.000 15.61514 ? 37  ARG A N   1 
ATOM   292  C CA  . ARG A 1 39  ? -10.05639 -1.02473  3.25720   1.000 14.31982 ? 37  ARG A CA  1 
ATOM   293  C C   . ARG A 1 39  ? -10.51107 -2.47417  3.17491   1.000 14.59397 ? 37  ARG A C   1 
ATOM   294  O O   . ARG A 1 39  ? -10.14881 -3.30628  4.02041   1.000 16.11823 ? 37  ARG A O   1 
ATOM   295  C CB  . ARG A 1 39  ? -11.22697 -0.10529  3.60795   1.000 13.43158 ? 37  ARG A CB  1 
ATOM   296  C CG  . ARG A 1 39  ? -11.72780 -0.31222  5.03793   1.000 16.57952 ? 37  ARG A CG  1 
ATOM   297  C CD  . ARG A 1 39  ? -13.19102 0.19671   5.21658   1.000 16.22190 ? 37  ARG A CD  1 
ATOM   298  N NE  . ARG A 1 39  ? -14.08000 -0.58337  4.35926   1.000 15.82207 ? 37  ARG A NE  1 
ATOM   299  C CZ  . ARG A 1 39  ? -14.47538 -1.83289  4.60368   1.000 16.85250 ? 37  ARG A CZ  1 
ATOM   300  N NH1 . ARG A 1 39  ? -14.13160 -2.47081  5.73668   1.000 16.36095 ? 37  ARG A NH1 1 
ATOM   301  N NH2 . ARG A 1 39  ? -15.24206 -2.43899  3.71063   1.000 18.36171 ? 37  ARG A NH2 1 
ATOM   302  N N   . ALA A 1 40  ? -11.25646 -2.81547  2.12339   1.000 13.07733 ? 38  ALA A N   1 
ATOM   303  C CA  . ALA A 1 40  ? -11.83829 -4.15139  2.02835   1.000 16.30886 ? 38  ALA A CA  1 
ATOM   304  C C   . ALA A 1 40  ? -10.77915 -5.19961  1.76161   1.000 14.92122 ? 38  ALA A C   1 
ATOM   305  O O   . ALA A 1 40  ? -10.88788 -6.33495  2.24856   1.000 15.73255 ? 38  ALA A O   1 
ATOM   306  C CB  . ALA A 1 40  ? -12.89499 -4.17262  0.92094   1.000 14.75453 ? 38  ALA A CB  1 
ATOM   307  N N   . LEU A 1 41  ? -9.75311  -4.84993  0.97597   1.000 13.21627 ? 39  LEU A N   1 
ATOM   308  C CA  . LEU A 1 41  ? -8.65812  -5.80492  0.77570   1.000 13.84936 ? 39  LEU A CA  1 
ATOM   309  C C   . LEU A 1 41  ? -7.87989  -6.04030  2.06957   1.000 14.38413 ? 39  LEU A C   1 
ATOM   310  O O   . LEU A 1 41  ? -7.33195  -7.12766  2.27384   1.000 15.42427 ? 39  LEU A O   1 
ATOM   311  C CB  . LEU A 1 41  ? -7.72625  -5.30610  -0.34597  1.000 13.79894 ? 39  LEU A CB  1 
ATOM   312  C CG  . LEU A 1 41  ? -8.33260  -5.32067  -1.76564  1.000 14.90368 ? 39  LEU A CG  1 
ATOM   313  C CD1 . LEU A 1 41  ? -7.40309  -4.58366  -2.75683  1.000 13.16152 ? 39  LEU A CD1 1 
ATOM   314  C CD2 . LEU A 1 41  ? -8.67413  -6.74458  -2.24848  1.000 15.93722 ? 39  LEU A CD2 1 
ATOM   315  N N   . SER A 1 42  ? -7.85592  -5.06356  2.96897   1.000 13.12751 ? 40  SER A N   1 
ATOM   316  C CA  . SER A 1 42  ? -7.18534  -5.23212  4.25008   1.000 14.09559 ? 40  SER A CA  1 
ATOM   317  C C   . SER A 1 42  ? -7.99899  -6.08510  5.22796   1.000 16.46301 ? 40  SER A C   1 
ATOM   318  O O   . SER A 1 42  ? -7.41437  -6.76142  6.07320   1.000 16.03573 ? 40  SER A O   1 
ATOM   319  C CB  . SER A 1 42  ? -6.93088  -3.84842  4.87411   1.000 15.54572 ? 40  SER A CB  1 
ATOM   320  O OG  . SER A 1 42  ? -5.98029  -3.12153  4.11909   1.000 17.03955 ? 40  SER A OG  1 
ATOM   321  N N   . THR A 1 43  ? -9.33692  -6.03926  5.16429   1.000 15.70246 ? 41  THR A N   1 
ATOM   322  C CA  . THR A 1 43  ? -10.12852 -6.88499  6.04608   1.000 17.15864 ? 41  THR A CA  1 
ATOM   323  C C   . THR A 1 43  ? -10.32984 -8.27920  5.47546   1.000 17.03805 ? 41  THR A C   1 
ATOM   324  O O   . THR A 1 43  ? -10.65078 -9.19989  6.23710   1.000 17.15272 ? 41  THR A O   1 
ATOM   325  C CB  . THR A 1 43  ? -11.51077 -6.30096  6.32107   1.000 16.51227 ? 41  THR A CB  1 
ATOM   326  O OG1 . THR A 1 43  ? -12.27693 -6.30762  5.11090   1.000 17.27411 ? 41  THR A OG1 1 
ATOM   327  C CG2 . THR A 1 43  ? -11.41871 -4.88163  6.91511   1.000 19.42412 ? 41  THR A CG2 1 
ATOM   328  N N   . GLY A 1 44  ? -10.17496 -8.43745  4.16268   1.000 16.52187 ? 42  GLY A N   1 
ATOM   329  C CA  . GLY A 1 44  ? -10.42643 -9.70614  3.51295   1.000 18.81289 ? 42  GLY A CA  1 
ATOM   330  C C   . GLY A 1 44  ? -11.89598 -9.98357  3.29990   1.000 19.13539 ? 42  GLY A C   1 
ATOM   331  O O   . GLY A 1 44  ? -12.25904 -11.10397 2.92380   1.000 19.89056 ? 42  GLY A O   1 
ATOM   332  N N   . GLU A 1 45  ? -12.75936 -8.99167  3.51266   1.000 19.23917 ? 43  GLU A N   1 
ATOM   333  C CA  . GLU A 1 45  ? -14.17293 -9.31226  3.63727   1.000 20.61711 ? 43  GLU A CA  1 
ATOM   334  C C   . GLU A 1 45  ? -14.81128 -9.71151  2.31391   1.000 20.96117 ? 43  GLU A C   1 
ATOM   335  O O   . GLU A 1 45  ? -15.91154 -10.26934 2.31854   1.000 21.07215 ? 43  GLU A O   1 
ATOM   336  C CB  . GLU A 1 45  ? -14.93475 -8.13533  4.25337   1.000 20.56081 ? 43  GLU A CB  1 
ATOM   337  C CG  . GLU A 1 45  ? -14.86080 -6.82662  3.44247   1.000 18.92049 ? 43  GLU A CG  1 
ATOM   338  C CD  . GLU A 1 45  ? -15.32405 -5.63258  4.28326   1.000 23.52448 ? 43  GLU A CD  1 
ATOM   339  O OE1 . GLU A 1 45  ? -14.67375 -5.30304  5.27682   1.000 21.07036 ? 43  GLU A OE1 1 
ATOM   340  O OE2 . GLU A 1 45  ? -16.37457 -5.03767  3.97330   1.000 24.22292 ? 43  GLU A OE2 1 
ATOM   341  N N   . LYS A 1 46  ? -14.17251 -9.45780  1.18584   1.000 19.20860 ? 44  LYS A N   1 
ATOM   342  C CA  . LYS A 1 46  ? -14.72513 -9.95379  -0.07838  1.000 21.36176 ? 44  LYS A CA  1 
ATOM   343  C C   . LYS A 1 46  ? -14.28282 -11.37649 -0.38781  1.000 22.43408 ? 44  LYS A C   1 
ATOM   344  O O   . LYS A 1 46  ? -14.71979 -11.94192 -1.39759  1.000 23.42672 ? 44  LYS A O   1 
ATOM   345  C CB  . LYS A 1 46  ? -14.33800 -9.03957  -1.25153  1.000 22.30172 ? 44  LYS A CB  1 
ATOM   346  C CG  . LYS A 1 46  ? -14.69382 -7.59645  -1.05881  1.000 22.99973 ? 44  LYS A CG  1 
ATOM   347  C CD  . LYS A 1 46  ? -16.17886 -7.37348  -0.89663  1.000 25.79166 ? 44  LYS A CD  1 
ATOM   348  C CE  . LYS A 1 46  ? -16.44608 -5.89160  -0.92640  1.000 27.87441 ? 44  LYS A CE  1 
ATOM   349  N NZ  . LYS A 1 46  ? -17.85796 -5.49560  -0.77227  1.000 30.69026 ? 44  LYS A NZ  1 
ATOM   350  N N   . GLY A 1 47  ? -13.44764 -11.97033 0.45433   1.000 21.68724 ? 45  GLY A N   1 
ATOM   351  C CA  . GLY A 1 47  ? -12.90913 -13.29140 0.21334   1.000 20.92839 ? 45  GLY A CA  1 
ATOM   352  C C   . GLY A 1 47  ? -11.52377 -13.32462 -0.38473  1.000 21.17414 ? 45  GLY A C   1 
ATOM   353  O O   . GLY A 1 47  ? -11.04947 -14.41116 -0.73775  1.000 21.41473 ? 45  GLY A O   1 
ATOM   354  N N   . PHE A 1 48  ? -10.85934 -12.17614 -0.50019  1.000 19.48669 ? 46  PHE A N   1 
ATOM   355  C CA  . PHE A 1 48  ? -9.48743  -12.10848 -0.98777  1.000 20.18527 ? 46  PHE A CA  1 
ATOM   356  C C   . PHE A 1 48  ? -8.89275  -10.79951 -0.46926  1.000 18.41280 ? 46  PHE A C   1 
ATOM   357  O O   . PHE A 1 48  ? -9.61211  -9.91776  0.01152   1.000 17.84779 ? 46  PHE A O   1 
ATOM   358  C CB  . PHE A 1 48  ? -9.44082  -12.21060 -2.53850  1.000 18.35205 ? 46  PHE A CB  1 
ATOM   359  C CG  . PHE A 1 48  ? -10.33153 -11.20866 -3.24443  1.000 19.93673 ? 46  PHE A CG  1 
ATOM   360  C CD1 . PHE A 1 48  ? -9.86028  -9.94374  -3.54900  1.000 19.10564 ? 46  PHE A CD1 1 
ATOM   361  C CD2 . PHE A 1 48  ? -11.64677 -11.53650 -3.59445  1.000 20.97393 ? 46  PHE A CD2 1 
ATOM   362  C CE1 . PHE A 1 48  ? -10.65464 -8.99773  -4.20925  1.000 21.35398 ? 46  PHE A CE1 1 
ATOM   363  C CE2 . PHE A 1 48  ? -12.46953 -10.60317 -4.24472  1.000 24.20611 ? 46  PHE A CE2 1 
ATOM   364  C CZ  . PHE A 1 48  ? -11.96810 -9.31763  -4.54865  1.000 22.59686 ? 46  PHE A CZ  1 
ATOM   365  N N   . GLY A 1 49  ? -7.57106  -10.69349 -0.51659  1.000 18.33274 ? 47  GLY A N   1 
ATOM   366  C CA  . GLY A 1 49  ? -6.96764  -9.44095  -0.09614  1.000 17.42469 ? 47  GLY A CA  1 
ATOM   367  C C   . GLY A 1 49  ? -5.54316  -9.65624  0.35769   1.000 16.73475 ? 47  GLY A C   1 
ATOM   368  O O   . GLY A 1 49  ? -4.90536  -10.61676 -0.02867  1.000 14.84979 ? 47  GLY A O   1 
ATOM   369  N N   . TYR A 1 50  ? -5.06812  -8.72620  1.18543   1.000 14.14637 ? 48  TYR A N   1 
ATOM   370  C CA  . TYR A 1 50  ? -3.64091  -8.59958  1.38751   1.000 15.22170 ? 48  TYR A CA  1 
ATOM   371  C C   . TYR A 1 50  ? -3.04202  -9.57134  2.40031   1.000 12.86376 ? 48  TYR A C   1 
ATOM   372  O O   . TYR A 1 50  ? -1.82886  -9.70431  2.42549   1.000 15.73409 ? 48  TYR A O   1 
ATOM   373  C CB  . TYR A 1 50  ? -3.31901  -7.19070  1.85113   1.000 14.86361 ? 48  TYR A CB  1 
ATOM   374  C CG  . TYR A 1 50  ? -3.65578  -6.07900  0.91712   1.000 14.59345 ? 48  TYR A CG  1 
ATOM   375  C CD1 . TYR A 1 50  ? -3.27115  -6.12528  -0.43149  1.000 13.01366 ? 48  TYR A CD1 1 
ATOM   376  C CD2 . TYR A 1 50  ? -4.33091  -4.96312  1.38977   1.000 14.22818 ? 48  TYR A CD2 1 
ATOM   377  C CE1 . TYR A 1 50  ? -3.52073  -5.07454  -1.28777  1.000 13.29367 ? 48  TYR A CE1 1 
ATOM   378  C CE2 . TYR A 1 50  ? -4.60815  -3.84875  0.53997   1.000 16.64009 ? 48  TYR A CE2 1 
ATOM   379  C CZ  . TYR A 1 50  ? -4.21600  -3.93052  -0.79765  1.000 14.76728 ? 48  TYR A CZ  1 
ATOM   380  O OH  . TYR A 1 50  ? -4.45958  -2.87596  -1.66145  1.000 13.00258 ? 48  TYR A OH  1 
ATOM   381  N N   . LYS A 1 51  ? -3.82947  -10.22982 3.24785   1.000 15.02589 ? 49  LYS A N   1 
ATOM   382  C CA  . LYS A 1 51  ? -3.21317  -11.03107 4.29318   1.000 15.41977 ? 49  LYS A CA  1 
ATOM   383  C C   . LYS A 1 51  ? -2.32649  -12.11240 3.67467   1.000 14.12231 ? 49  LYS A C   1 
ATOM   384  O O   . LYS A 1 51  ? -2.75901  -12.86758 2.80048   1.000 17.00348 ? 49  LYS A O   1 
ATOM   385  C CB  . LYS A 1 51  ? -4.28918  -11.66985 5.20680   1.000 16.09986 ? 49  LYS A CB  1 
ATOM   386  C CG  . LYS A 1 51  ? -3.67803  -12.51477 6.35691   1.000 15.79660 ? 49  LYS A CG  1 
ATOM   387  C CD  . LYS A 1 51  ? -4.75624  -12.94960 7.32748   1.000 19.05608 ? 49  LYS A CD  1 
ATOM   388  C CE  . LYS A 1 51  ? -4.13816  -13.79886 8.42936   1.000 23.47270 ? 49  LYS A CE  1 
ATOM   389  N NZ  . LYS A 1 51  ? -5.21031  -14.23853 9.38753   1.000 26.69285 ? 49  LYS A NZ  1 
ATOM   390  N N   . GLY A 1 52  ? -1.06749  -12.16480 4.10709   1.000 16.95230 ? 50  GLY A N   1 
ATOM   391  C CA  . GLY A 1 52  ? -0.13565  -13.14501 3.59205   1.000 17.98095 ? 50  GLY A CA  1 
ATOM   392  C C   . GLY A 1 52  ? 0.66789   -12.68930 2.39022   1.000 17.04102 ? 50  GLY A C   1 
ATOM   393  O O   . GLY A 1 52  ? 1.57096   -13.40819 1.96131   1.000 18.20850 ? 50  GLY A O   1 
ATOM   394  N N   . SER A 1 53  ? 0.39064   -11.51996 1.84197   1.000 14.62355 ? 51  SER A N   1 
ATOM   395  C CA  . SER A 1 53  ? 1.10767   -11.09875 0.65122   1.000 16.64665 ? 51  SER A CA  1 
ATOM   396  C C   . SER A 1 53  ? 2.41845   -10.42384 1.06164   1.000 16.62538 ? 51  SER A C   1 
ATOM   397  O O   . SER A 1 53  ? 2.71513   -10.25846 2.24261   1.000 16.34160 ? 51  SER A O   1 
ATOM   398  C CB  . SER A 1 53  ? 0.22016   -10.18842 -0.19890  1.000 16.70576 ? 51  SER A CB  1 
ATOM   399  O OG  . SER A 1 53  ? -0.03985  -8.97198  0.46787   1.000 14.36561 ? 51  SER A OG  1 
ATOM   400  N N   . CYS A 1 54  ? 3.24226   -10.05728 0.08569   1.000 18.23407 ? 52  CYS A N   1 
ATOM   401  C CA  . CYS A 1 54  ? 4.56429   -9.53702  0.40439   1.000 15.20577 ? 52  CYS A CA  1 
ATOM   402  C C   . CYS A 1 54  ? 4.78835   -8.16881  -0.23431  1.000 16.81351 ? 52  CYS A C   1 
ATOM   403  O O   . CYS A 1 54  ? 4.01563   -7.71841  -1.08975  1.000 17.79113 ? 52  CYS A O   1 
ATOM   404  C CB  . CYS A 1 54  ? 5.66929   -10.49909 -0.06474  1.000 19.73877 ? 52  CYS A CB  1 
ATOM   405  S SG  . CYS A 1 54  ? 5.95551   -10.49617 -1.86526  1.000 23.77826 ? 52  CYS A SG  1 
ATOM   406  N N   . PHE A 1 55  ? 5.82948   -7.48131  0.24681   1.000 15.26159 ? 53  PHE A N   1 
ATOM   407  C CA  . PHE A 1 55  ? 6.35734   -6.27949  -0.41882  1.000 16.05043 ? 53  PHE A CA  1 
ATOM   408  C C   . PHE A 1 55  ? 7.41349   -6.72688  -1.42404  1.000 15.53535 ? 53  PHE A C   1 
ATOM   409  O O   . PHE A 1 55  ? 8.54366   -7.06710  -1.05609  1.000 17.51807 ? 53  PHE A O   1 
ATOM   410  C CB  . PHE A 1 55  ? 6.91531   -5.29638  0.60673   1.000 16.44103 ? 53  PHE A CB  1 
ATOM   411  C CG  . PHE A 1 55  ? 5.83250   -4.54199  1.34854   1.000 16.36885 ? 53  PHE A CG  1 
ATOM   412  C CD1 . PHE A 1 55  ? 5.21692   -5.11830  2.45418   1.000 18.33578 ? 53  PHE A CD1 1 
ATOM   413  C CD2 . PHE A 1 55  ? 5.44601   -3.28649  0.94636   1.000 15.71803 ? 53  PHE A CD2 1 
ATOM   414  C CE1 . PHE A 1 55  ? 4.20888   -4.46252  3.13952   1.000 15.62790 ? 53  PHE A CE1 1 
ATOM   415  C CE2 . PHE A 1 55  ? 4.45415   -2.59396  1.62448   1.000 17.62659 ? 53  PHE A CE2 1 
ATOM   416  C CZ  . PHE A 1 55  ? 3.82749   -3.19892  2.73168   1.000 16.19873 ? 53  PHE A CZ  1 
ATOM   417  N N   . HIS A 1 56  ? 7.04995   -6.72356  -2.70012  1.000 15.96630 ? 54  HIS A N   1 
ATOM   418  C CA  . HIS A 1 56  ? 7.92045   -7.30572  -3.72054  1.000 16.31937 ? 54  HIS A CA  1 
ATOM   419  C C   . HIS A 1 56  ? 9.02439   -6.36330  -4.17814  1.000 17.18971 ? 54  HIS A C   1 
ATOM   420  O O   . HIS A 1 56  ? 9.99226   -6.83823  -4.77749  1.000 15.99367 ? 54  HIS A O   1 
ATOM   421  C CB  . HIS A 1 56  ? 7.09874   -7.74808  -4.94042  1.000 16.03840 ? 54  HIS A CB  1 
ATOM   422  C CG  . HIS A 1 56  ? 6.34021   -6.62391  -5.60163  1.000 14.43962 ? 54  HIS A CG  1 
ATOM   423  N ND1 . HIS A 1 56  ? 5.06157   -6.26471  -5.22817  1.000 16.60382 ? 54  HIS A ND1 1 
ATOM   424  C CD2 . HIS A 1 56  ? 6.66461   -5.82134  -6.64574  1.000 16.52638 ? 54  HIS A CD2 1 
ATOM   425  C CE1 . HIS A 1 56  ? 4.64972   -5.25798  -5.98062  1.000 15.44813 ? 54  HIS A CE1 1 
ATOM   426  N NE2 . HIS A 1 56  ? 5.59743   -4.98362  -6.86572  1.000 15.75567 ? 54  HIS A NE2 1 
ATOM   427  N N   . ARG A 1 57  ? 8.90471   -5.05159  -3.94520  1.000 15.34664 ? 55  ARG A N   1 
ATOM   428  C CA  . ARG A 1 57  ? 9.95394   -4.10402  -4.34762  1.000 13.88851 ? 55  ARG A CA  1 
ATOM   429  C C   . ARG A 1 57  ? 10.07197  -3.03488  -3.27022  1.000 16.61058 ? 55  ARG A C   1 
ATOM   430  O O   . ARG A 1 57  ? 9.09505   -2.31914  -3.00282  1.000 17.01273 ? 55  ARG A O   1 
ATOM   431  C CB  . ARG A 1 57  ? 9.61199   -3.47343  -5.71825  1.000 17.16167 ? 55  ARG A CB  1 
ATOM   432  C CG  . ARG A 1 57  ? 10.73852  -2.69715  -6.34847  1.000 17.43401 ? 55  ARG A CG  1 
ATOM   433  C CD  . ARG A 1 57  ? 10.61765  -2.64101  -7.89131  1.000 22.36145 ? 55  ARG A CD  1 
ATOM   434  N NE  . ARG A 1 57  ? 9.50070   -1.80921  -8.33507  1.000 23.00724 ? 55  ARG A NE  1 
ATOM   435  C CZ  . ARG A 1 57  ? 8.44672   -2.29591  -8.99784  1.000 19.80222 ? 55  ARG A CZ  1 
ATOM   436  N NH1 . ARG A 1 57  ? 8.37913   -3.58105  -9.27186  1.000 22.00295 ? 55  ARG A NH1 1 
ATOM   437  N NH2 . ARG A 1 57  ? 7.46559   -1.48286  -9.38276  1.000 21.62691 ? 55  ARG A NH2 1 
ATOM   438  N N   . ILE A 1 58  ? 11.25751  -2.90493  -2.66055  1.000 12.86897 ? 56  ILE A N   1 
ATOM   439  C CA  . ILE A 1 58  ? 11.53763  -1.88750  -1.64802  1.000 14.20977 ? 56  ILE A CA  1 
ATOM   440  C C   . ILE A 1 58  ? 12.81425  -1.17988  -2.07751  1.000 15.50486 ? 56  ILE A C   1 
ATOM   441  O O   . ILE A 1 58  ? 13.88398  -1.80639  -2.12972  1.000 15.22188 ? 56  ILE A O   1 
ATOM   442  C CB  . ILE A 1 58  ? 11.72306  -2.48808  -0.24936  1.000 13.53698 ? 56  ILE A CB  1 
ATOM   443  C CG1 . ILE A 1 58  ? 10.40917  -3.12227  0.23381   1.000 17.23336 ? 56  ILE A CG1 1 
ATOM   444  C CG2 . ILE A 1 58  ? 12.16062  -1.43386  0.73592   1.000 18.00516 ? 56  ILE A CG2 1 
ATOM   445  C CD1 . ILE A 1 58  ? 10.56466  -3.81412  1.62254   1.000 18.63335 ? 56  ILE A CD1 1 
ATOM   446  N N   . ILE A 1 59  ? 12.70605  0.09946   -2.41319  1.000 12.08233 ? 57  ILE A N   1 
ATOM   447  C CA  . ILE A 1 59  ? 13.85740  0.88952   -2.84620  1.000 13.87483 ? 57  ILE A CA  1 
ATOM   448  C C   . ILE A 1 59  ? 14.11050  1.93050   -1.75711  1.000 15.11680 ? 57  ILE A C   1 
ATOM   449  O O   . ILE A 1 59  ? 13.29200  2.84872   -1.57195  1.000 14.01123 ? 57  ILE A O   1 
ATOM   450  C CB  . ILE A 1 59  ? 13.64253  1.55957   -4.21340  1.000 15.65707 ? 57  ILE A CB  1 
ATOM   451  C CG1 . ILE A 1 59  ? 13.44411  0.49354   -5.31236  1.000 15.80778 ? 57  ILE A CG1 1 
ATOM   452  C CG2 . ILE A 1 59  ? 14.86735  2.45690   -4.55305  1.000 13.08883 ? 57  ILE A CG2 1 
ATOM   453  C CD1 . ILE A 1 59  ? 12.75952  1.04446   -6.55252  1.000 18.01654 ? 57  ILE A CD1 1 
ATOM   454  N N   . PRO A 1 60  ? 15.19364  1.80925   -0.99059  1.000 17.17347 ? 58  PRO A N   1 
ATOM   455  C CA  . PRO A 1 60  ? 15.41817  2.73706   0.12289   1.000 16.54430 ? 58  PRO A CA  1 
ATOM   456  C C   . PRO A 1 60  ? 15.53486  4.16851   -0.37521  1.000 17.45494 ? 58  PRO A C   1 
ATOM   457  O O   . PRO A 1 60  ? 16.07887  4.41458   -1.44484  1.000 18.70911 ? 58  PRO A O   1 
ATOM   458  C CB  . PRO A 1 60  ? 16.73736  2.23165   0.72546   1.000 17.90621 ? 58  PRO A CB  1 
ATOM   459  C CG  . PRO A 1 60  ? 16.72027  0.77055   0.42426   1.000 18.70330 ? 58  PRO A CG  1 
ATOM   460  C CD  . PRO A 1 60  ? 16.17914  0.70901   -0.99299  1.000 17.31776 ? 58  PRO A CD  1 
ATOM   461  N N   . GLY A 1 61  ? 14.96257  5.09803   0.38166   1.000 16.05720 ? 59  GLY A N   1 
ATOM   462  C CA  . GLY A 1 61  ? 14.94797  6.47453   -0.04518  1.000 18.28923 ? 59  GLY A CA  1 
ATOM   463  C C   . GLY A 1 61  ? 13.97134  6.75759   -1.15570  1.000 18.54682 ? 59  GLY A C   1 
ATOM   464  O O   . GLY A 1 61  ? 14.08659  7.79067   -1.81247  1.000 15.46917 ? 59  GLY A O   1 
ATOM   465  N N   . PHE A 1 62  ? 12.99512  5.86658   -1.37144  1.000 15.32448 ? 60  PHE A N   1 
ATOM   466  C CA  . PHE A 1 62  ? 12.00249  6.02955   -2.43687  1.000 15.30694 ? 60  PHE A CA  1 
ATOM   467  C C   . PHE A 1 62  ? 10.64922  5.49954   -1.95455  1.000 14.95959 ? 60  PHE A C   1 
ATOM   468  O O   . PHE A 1 62  ? 9.78116   6.28496   -1.57024  1.000 15.17428 ? 60  PHE A O   1 
ATOM   469  C CB  . PHE A 1 62  ? 12.49110  5.30765   -3.69882  1.000 15.95195 ? 60  PHE A CB  1 
ATOM   470  C CG  . PHE A 1 62  ? 11.60221  5.48542   -4.91454  1.000 14.76764 ? 60  PHE A CG  1 
ATOM   471  C CD1 . PHE A 1 62  ? 10.53553  6.38716   -4.91497  1.000 14.08105 ? 60  PHE A CD1 1 
ATOM   472  C CD2 . PHE A 1 62  ? 11.83480  4.71716   -6.04717  1.000 17.43731 ? 60  PHE A CD2 1 
ATOM   473  C CE1 . PHE A 1 62  ? 9.69760   6.50115   -6.03943  1.000 17.07468 ? 60  PHE A CE1 1 
ATOM   474  C CE2 . PHE A 1 62  ? 11.01233  4.84422   -7.22045  1.000 17.73063 ? 60  PHE A CE2 1 
ATOM   475  C CZ  . PHE A 1 62  ? 9.96073   5.75028   -7.21514  1.000 16.61562 ? 60  PHE A CZ  1 
ATOM   476  N N   . MET A 1 63  ? 10.44046  4.18404   -1.95082  1.000 14.96279 ? 61  MET A N   1 
ATOM   477  C CA  . MET A 1 63  ? 9.11585   3.67445   -1.60461  1.000 14.31083 ? 61  MET A CA  1 
ATOM   478  C C   . MET A 1 63  ? 9.19093   2.17413   -1.37176  1.000 15.21956 ? 61  MET A C   1 
ATOM   479  O O   . MET A 1 63  ? 10.14848  1.50662   -1.79096  1.000 15.75598 ? 61  MET A O   1 
ATOM   480  C CB  . MET A 1 63  ? 8.06121   3.98653   -2.68646  1.000 14.36517 ? 61  MET A CB  1 
ATOM   481  C CG  . MET A 1 63  ? 8.36891   3.44612   -4.06857  1.000 15.02104 ? 61  MET A CG  1 
ATOM   482  S SD  . MET A 1 63  ? 7.71294   1.73799   -4.23682  1.000 16.38056 ? 61  MET A SD  1 
ATOM   483  C CE  . MET A 1 63  ? 9.16908   0.99016   -4.98072  1.000 17.43550 ? 61  MET A CE  1 
ATOM   484  N N   . CYS A 1 64  ? 8.14811   1.64344   -0.71254  1.000 15.12525 ? 62  CYS A N   1 
ATOM   485  C CA  . CYS A 1 64  ? 7.93012   0.20304   -0.52778  1.000 15.13304 ? 62  CYS A CA  1 
ATOM   486  C C   . CYS A 1 64  ? 6.65086   -0.14708  -1.27289  1.000 15.21055 ? 62  CYS A C   1 
ATOM   487  O O   . CYS A 1 64  ? 5.62107   0.48933   -1.02879  1.000 14.41024 ? 62  CYS A O   1 
ATOM   488  C CB  . CYS A 1 64  ? 7.71782   -0.17243  0.95315   1.000 11.64560 ? 62  CYS A CB  1 
ATOM   489  S SG  . CYS A 1 64  ? 9.04741   0.33169   2.06806   1.000 17.34105 ? 62  CYS A SG  1 
ATOM   490  N N   . GLN A 1 65  ? 6.69933   -1.12910  -2.17664  1.000 13.59361 ? 63  GLN A N   1 
ATOM   491  C CA  . GLN A 1 65  ? 5.52938   -1.49135  -2.97198  1.000 13.39345 ? 63  GLN A CA  1 
ATOM   492  C C   . GLN A 1 65  ? 5.06945   -2.91860  -2.65868  1.000 14.82922 ? 63  GLN A C   1 
ATOM   493  O O   . GLN A 1 65  ? 5.88402   -3.85194  -2.55127  1.000 15.20946 ? 63  GLN A O   1 
ATOM   494  C CB  . GLN A 1 65  ? 5.83146   -1.34672  -4.48652  1.000 13.01023 ? 63  GLN A CB  1 
ATOM   495  C CG  . GLN A 1 65  ? 4.65817   -1.68358  -5.39500  1.000 15.43339 ? 63  GLN A CG  1 
ATOM   496  C CD  . GLN A 1 65  ? 4.95556   -1.30859  -6.83625  1.000 16.65495 ? 63  GLN A CD  1 
ATOM   497  O OE1 . GLN A 1 65  ? 5.85055   -0.50286  -7.09114  1.000 16.19860 ? 63  GLN A OE1 1 
ATOM   498  N NE2 . GLN A 1 65  ? 4.22828   -1.91163  -7.79125  1.000 14.96630 ? 63  GLN A NE2 1 
ATOM   499  N N   . GLY A 1 66  ? 3.75698   -3.09365  -2.57723  1.000 12.89560 ? 64  GLY A N   1 
ATOM   500  C CA  . GLY A 1 66  ? 3.16718   -4.38948  -2.24008  1.000 15.28917 ? 64  GLY A CA  1 
ATOM   501  C C   . GLY A 1 66  ? 1.77153   -4.56169  -2.81790  1.000 15.59523 ? 64  GLY A C   1 
ATOM   502  O O   . GLY A 1 66  ? 1.37783   -3.81408  -3.73027  1.000 14.52097 ? 64  GLY A O   1 
ATOM   503  N N   . GLY A 1 67  ? 1.03435   -5.58046  -2.33881  1.000 13.14624 ? 65  GLY A N   1 
ATOM   504  C CA  . GLY A 1 67  ? -0.35010  -5.76623  -2.73181  1.000 14.53582 ? 65  GLY A CA  1 
ATOM   505  C C   . GLY A 1 67  ? -0.61152  -6.71193  -3.89075  1.000 12.25105 ? 65  GLY A C   1 
ATOM   506  O O   . GLY A 1 67  ? -1.76430  -6.81463  -4.31805  1.000 14.39895 ? 65  GLY A O   1 
ATOM   507  N N   . ASP A 1 68  ? 0.40679   -7.36907  -4.44484  1.000 14.21631 ? 66  ASP A N   1 
ATOM   508  C CA  . ASP A 1 68  ? 0.15233   -8.32832  -5.52346  1.000 14.73574 ? 66  ASP A CA  1 
ATOM   509  C C   . ASP A 1 68  ? -0.09438  -9.68950  -4.89640  1.000 15.83086 ? 66  ASP A C   1 
ATOM   510  O O   . ASP A 1 68  ? 0.82681   -10.49424 -4.73832  1.000 15.01215 ? 66  ASP A O   1 
ATOM   511  C CB  . ASP A 1 68  ? 1.31362   -8.38277  -6.49645  1.000 14.51735 ? 66  ASP A CB  1 
ATOM   512  C CG  . ASP A 1 68  ? 1.10660   -9.36992  -7.61354  1.000 14.82479 ? 66  ASP A CG  1 
ATOM   513  O OD1 . ASP A 1 68  ? 0.04795   -10.06073 -7.66991  1.000 14.14004 ? 66  ASP A OD1 1 
ATOM   514  O OD2 . ASP A 1 68  ? 2.03376   -9.47653  -8.45062  1.000 15.99373 ? 66  ASP A OD2 1 
ATOM   515  N N   . PHE A 1 69  ? -1.35937  -9.96884  -4.55707  1.000 14.32702 ? 67  PHE A N   1 
ATOM   516  C CA  . PHE A 1 69  ? -1.65875  -11.27381 -3.96977  1.000 16.77465 ? 67  PHE A CA  1 
ATOM   517  C C   . PHE A 1 69  ? -2.05740  -12.33487 -4.99532  1.000 19.21433 ? 67  PHE A C   1 
ATOM   518  O O   . PHE A 1 69  ? -2.44898  -13.44046 -4.58576  1.000 18.37986 ? 67  PHE A O   1 
ATOM   519  C CB  . PHE A 1 69  ? -2.75041  -11.15611 -2.90629  1.000 18.69441 ? 67  PHE A CB  1 
ATOM   520  C CG  . PHE A 1 69  ? -3.99039  -10.45830 -3.39103  1.000 17.42788 ? 67  PHE A CG  1 
ATOM   521  C CD1 . PHE A 1 69  ? -4.98395  -11.16591 -4.03860  1.000 18.15601 ? 67  PHE A CD1 1 
ATOM   522  C CD2 . PHE A 1 69  ? -4.16747  -9.07424  -3.18846  1.000 17.54167 ? 67  PHE A CD2 1 
ATOM   523  C CE1 . PHE A 1 69  ? -6.12753  -10.54018 -4.50528  1.000 18.50993 ? 67  PHE A CE1 1 
ATOM   524  C CE2 . PHE A 1 69  ? -5.33121  -8.43671  -3.64663  1.000 15.14130 ? 67  PHE A CE2 1 
ATOM   525  C CZ  . PHE A 1 69  ? -6.29953  -9.16487  -4.30677  1.000 17.18037 ? 67  PHE A CZ  1 
ATOM   526  N N   . THR A 1 70  ? -2.00317  -12.04318 -6.30308  1.000 16.30381 ? 68  THR A N   1 
ATOM   527  C CA  . THR A 1 70  ? -2.33471  -13.07922 -7.29119  1.000 17.45404 ? 68  THR A CA  1 
ATOM   528  C C   . THR A 1 70  ? -1.13642  -13.59811 -8.06337  1.000 18.47694 ? 68  THR A C   1 
ATOM   529  O O   . THR A 1 70  ? -1.15766  -14.75571 -8.49054  1.000 17.30617 ? 68  THR A O   1 
ATOM   530  C CB  . THR A 1 70  ? -3.37594  -12.60367 -8.30519  1.000 18.66121 ? 68  THR A CB  1 
ATOM   531  O OG1 . THR A 1 70  ? -2.81079  -11.62643 -9.18746  1.000 18.86265 ? 68  THR A OG1 1 
ATOM   532  C CG2 . THR A 1 70  ? -4.63882  -12.05060 -7.61808  1.000 22.91670 ? 68  THR A CG2 1 
ATOM   533  N N   . ARG A 1 71  ? -0.08578  -12.80102 -8.25392  1.000 16.34997 ? 69  ARG A N   1 
ATOM   534  C CA  . ARG A 1 71  ? 1.13152   -13.32645 -8.85634  1.000 18.16697 ? 69  ARG A CA  1 
ATOM   535  C C   . ARG A 1 71  ? 2.37551   -13.11018 -8.00623  1.000 16.28563 ? 69  ARG A C   1 
ATOM   536  O O   . ARG A 1 71  ? 3.43291   -13.63687 -8.36624  1.000 15.60714 ? 69  ARG A O   1 
ATOM   537  C CB  . ARG A 1 71  ? 1.34562   -12.74057 -10.26124 1.000 15.58346 ? 69  ARG A CB  1 
ATOM   538  C CG  . ARG A 1 71  ? 0.12766   -13.07456 -11.15709 1.000 18.48976 ? 69  ARG A CG  1 
ATOM   539  C CD  . ARG A 1 71  ? 0.19828   -12.51879 -12.56601 1.000 23.19519 ? 69  ARG A CD  1 
ATOM   540  N NE  . ARG A 1 71  ? 1.40506   -13.03311 -13.17534 1.000 22.68445 ? 69  ARG A NE  1 
ATOM   541  C CZ  . ARG A 1 71  ? 1.55478   -14.30561 -13.54389 1.000 26.02217 ? 69  ARG A CZ  1 
ATOM   542  N NH1 . ARG A 1 71  ? 0.50803   -15.17410 -13.44120 1.000 22.25367 ? 69  ARG A NH1 1 
ATOM   543  N NH2 . ARG A 1 71  ? 2.73320   -14.67359 -14.05229 1.000 23.51288 ? 69  ARG A NH2 1 
ATOM   544  N N   . HIS A 1 72  ? 2.27950   -12.35559 -6.89597  1.000 15.60911 ? 70  HIS A N   1 
ATOM   545  C CA  . HIS A 1 72  ? 3.31689   -12.28930 -5.85555  1.000 17.63302 ? 70  HIS A CA  1 
ATOM   546  C C   . HIS A 1 72  ? 4.61811   -11.67797 -6.33597  1.000 18.21434 ? 70  HIS A C   1 
ATOM   547  O O   . HIS A 1 72  ? 5.66004   -11.81263 -5.65253  1.000 20.20523 ? 70  HIS A O   1 
ATOM   548  C CB  . HIS A 1 72  ? 3.58087   -13.68223 -5.26510  1.000 16.74078 ? 70  HIS A CB  1 
ATOM   549  C CG  . HIS A 1 72  ? 2.39457   -14.58338 -5.36841  1.000 18.35621 ? 70  HIS A CG  1 
ATOM   550  N ND1 . HIS A 1 72  ? 1.23206   -14.35372 -4.66106  1.000 16.36137 ? 70  HIS A ND1 1 
ATOM   551  C CD2 . HIS A 1 72  ? 2.16568   -15.68330 -6.12916  1.000 18.16813 ? 70  HIS A CD2 1 
ATOM   552  C CE1 . HIS A 1 72  ? 0.33519   -15.27533 -4.98529  1.000 18.96727 ? 70  HIS A CE1 1 
ATOM   553  N NE2 . HIS A 1 72  ? 0.87887   -16.09509 -5.87251  1.000 16.67049 ? 70  HIS A NE2 1 
ATOM   554  N N   . ASN A 1 73  ? 4.61351   -10.98628 -7.47411  1.000 17.30014 ? 71  ASN A N   1 
ATOM   555  C CA  . ASN A 1 73  ? 5.87258   -10.42276 -7.95118  1.000 18.45562 ? 71  ASN A CA  1 
ATOM   556  C C   . ASN A 1 73  ? 5.72856   -9.04615  -8.57495  1.000 18.80415 ? 71  ASN A C   1 
ATOM   557  O O   . ASN A 1 73  ? 6.66153   -8.58448  -9.23138  1.000 19.09547 ? 71  ASN A O   1 
ATOM   558  C CB  . ASN A 1 73  ? 6.50828   -11.35975 -8.97595  1.000 18.82715 ? 71  ASN A CB  1 
ATOM   559  C CG  . ASN A 1 73  ? 5.64069   -11.54856 -10.21387 1.000 18.15051 ? 71  ASN A CG  1 
ATOM   560  O OD1 . ASN A 1 73  ? 4.55419   -10.97028 -10.36073 1.000 18.22618 ? 71  ASN A OD1 1 
ATOM   561  N ND2 . ASN A 1 73  ? 6.12741   -12.35648 -11.12355 1.000 17.07045 ? 71  ASN A ND2 1 
ATOM   562  N N   . GLY A 1 74  ? 4.59063   -8.40553  -8.44986  1.000 15.79689 ? 72  GLY A N   1 
ATOM   563  C CA  . GLY A 1 74  ? 4.39803   -7.10720  -9.03939  1.000 16.09776 ? 72  GLY A CA  1 
ATOM   564  C C   . GLY A 1 74  ? 3.68296   -7.11369  -10.36754 1.000 21.90843 ? 72  GLY A C   1 
ATOM   565  O O   . GLY A 1 74  ? 3.41004   -6.03398  -10.90064 1.000 19.36767 ? 72  GLY A O   1 
ATOM   566  N N   . THR A 1 75  ? 3.37465   -8.28688  -10.93834 1.000 16.86828 ? 73  THR A N   1 
ATOM   567  C CA  . THR A 1 75  ? 2.65719   -8.27413  -12.21087 1.000 17.09528 ? 73  THR A CA  1 
ATOM   568  C C   . THR A 1 75  ? 1.16478   -8.48379  -12.06144 1.000 20.53169 ? 73  THR A C   1 
ATOM   569  O O   . THR A 1 75  ? 0.45289   -8.37339  -13.06583 1.000 21.54095 ? 73  THR A O   1 
ATOM   570  C CB  . THR A 1 75  ? 3.20606   -9.34485  -13.16813 1.000 16.65742 ? 73  THR A CB  1 
ATOM   571  O OG1 . THR A 1 75  ? 3.03277   -10.63592 -12.58015 1.000 17.41790 ? 73  THR A OG1 1 
ATOM   572  C CG2 . THR A 1 75  ? 4.70260   -9.09634  -13.41170 1.000 20.79977 ? 73  THR A CG2 1 
ATOM   573  N N   . GLY A 1 76  ? 0.67529   -8.77449  -10.84788 1.000 17.53625 ? 74  GLY A N   1 
ATOM   574  C CA  . GLY A 1 76  ? -0.72189  -9.17486  -10.65170 1.000 18.33183 ? 74  GLY A CA  1 
ATOM   575  C C   . GLY A 1 76  ? -1.50430  -8.28533  -9.71208  1.000 22.28086 ? 74  GLY A C   1 
ATOM   576  O O   . GLY A 1 76  ? -1.11500  -7.13741  -9.48959  1.000 18.99216 ? 74  GLY A O   1 
ATOM   577  N N   . GLY A 1 77  ? -2.55984  -8.81266  -9.10902  1.000 20.31975 ? 75  GLY A N   1 
ATOM   578  C CA  . GLY A 1 77  ? -3.41595  -8.00368  -8.26692  1.000 19.93340 ? 75  GLY A CA  1 
ATOM   579  C C   . GLY A 1 77  ? -4.80058  -7.84132  -8.87984  1.000 21.33003 ? 75  GLY A C   1 
ATOM   580  O O   . GLY A 1 77  ? -5.00266  -8.00446  -10.07929 1.000 21.75552 ? 75  GLY A O   1 
ATOM   581  N N   . LYS A 1 78  ? -5.77997  -7.57658  -8.01846  1.000 18.73076 ? 76  LYS A N   1 
ATOM   582  C CA  . LYS A 1 78  ? -7.10610  -7.23708  -8.51718  1.000 17.90632 ? 76  LYS A CA  1 
ATOM   583  C C   . LYS A 1 78  ? -7.83083  -6.42420  -7.45787  1.000 14.88298 ? 76  LYS A C   1 
ATOM   584  O O   . LYS A 1 78  ? -7.58992  -6.58049  -6.25928  1.000 16.34739 ? 76  LYS A O   1 
ATOM   585  C CB  . LYS A 1 78  ? -7.94555  -8.47227  -8.86022  1.000 20.25113 ? 76  LYS A CB  1 
ATOM   586  C CG  . LYS A 1 78  ? -8.37350  -9.28517  -7.64982  1.000 20.20572 ? 76  LYS A CG  1 
ATOM   587  C CD  . LYS A 1 78  ? -9.10917  -10.53829 -8.10624  1.000 22.39440 ? 76  LYS A CD  1 
ATOM   588  C CE  . LYS A 1 78  ? -9.64267  -11.34085 -6.94563  1.000 24.47334 ? 76  LYS A CE  1 
ATOM   589  N NZ  . LYS A 1 78  ? -10.39388 -12.54310 -7.45490  1.000 23.12378 ? 76  LYS A NZ  1 
ATOM   590  N N   . SER A 1 79  ? -8.75132  -5.60972  -7.91531  1.000 15.18108 ? 77  SER A N   1 
ATOM   591  C CA  . SER A 1 79  ? -9.49264  -4.75021  -7.00710  1.000 16.25565 ? 77  SER A CA  1 
ATOM   592  C C   . SER A 1 79  ? -10.80600 -5.41506  -6.61503  1.000 17.04890 ? 77  SER A C   1 
ATOM   593  O O   . SER A 1 79  ? -11.14971 -6.48568  -7.11829  1.000 19.92118 ? 77  SER A O   1 
ATOM   594  C CB  . SER A 1 79  ? -9.75312  -3.40233  -7.65915  1.000 17.53408 ? 77  SER A CB  1 
ATOM   595  O OG  . SER A 1 79  ? -10.92409 -3.45786  -8.47223  1.000 17.45899 ? 77  SER A OG  1 
ATOM   596  N N   . ILE A 1 80  ? -11.51765 -4.79832  -5.66102  1.000 16.73667 ? 78  ILE A N   1 
ATOM   597  C CA  . ILE A 1 80  ? -12.84721 -5.27797  -5.29166  1.000 17.88736 ? 78  ILE A CA  1 
ATOM   598  C C   . ILE A 1 80  ? -13.88615 -4.90073  -6.32439  1.000 19.43963 ? 78  ILE A C   1 
ATOM   599  O O   . ILE A 1 80  ? -15.05219 -5.28213  -6.18484  1.000 20.93168 ? 78  ILE A O   1 
ATOM   600  C CB  . ILE A 1 80  ? -13.33895 -4.75755  -3.92308  1.000 15.55064 ? 78  ILE A CB  1 
ATOM   601  C CG1 . ILE A 1 80  ? -13.57549 -3.22734  -3.93754  1.000 16.56018 ? 78  ILE A CG1 1 
ATOM   602  C CG2 . ILE A 1 80  ? -12.36362 -5.19084  -2.86537  1.000 18.79957 ? 78  ILE A CG2 1 
ATOM   603  C CD1 . ILE A 1 80  ? -14.12532 -2.66068  -2.60307  1.000 17.85072 ? 78  ILE A CD1 1 
ATOM   604  N N   . TYR A 1 81  ? -13.50775 -4.15499  -7.34509  1.000 15.62786 ? 79  TYR A N   1 
ATOM   605  C CA  . TYR A 1 81  ? -14.44334 -3.73940  -8.37644  1.000 21.02077 ? 79  TYR A CA  1 
ATOM   606  C C   . TYR A 1 81  ? -14.28458 -4.52599  -9.66214  1.000 23.03583 ? 79  TYR A C   1 
ATOM   607  O O   . TYR A 1 81  ? -14.96034 -4.21364  -10.63515 1.000 25.31582 ? 79  TYR A O   1 
ATOM   608  C CB  . TYR A 1 81  ? -14.27553 -2.24930  -8.67786  1.000 18.10847 ? 79  TYR A CB  1 
ATOM   609  C CG  . TYR A 1 81  ? -14.30033 -1.40110  -7.43915  1.000 18.93439 ? 79  TYR A CG  1 
ATOM   610  C CD1 . TYR A 1 81  ? -15.44279 -1.30520  -6.67400  1.000 16.21867 ? 79  TYR A CD1 1 
ATOM   611  C CD2 . TYR A 1 81  ? -13.17334 -0.70515  -7.02731  1.000 15.59454 ? 79  TYR A CD2 1 
ATOM   612  C CE1 . TYR A 1 81  ? -15.48996 -0.52033  -5.53468  1.000 18.87043 ? 79  TYR A CE1 1 
ATOM   613  C CE2 . TYR A 1 81  ? -13.21462 0.08752   -5.88335  1.000 16.56110 ? 79  TYR A CE2 1 
ATOM   614  C CZ  . TYR A 1 81  ? -14.38174 0.16684   -5.14290  1.000 16.76189 ? 79  TYR A CZ  1 
ATOM   615  O OH  . TYR A 1 81  ? -14.44571 0.95317   -3.99125  1.000 15.99603 ? 79  TYR A OH  1 
ATOM   616  N N   . GLY A 1 82  ? -13.40375 -5.51006  -9.70338  1.000 21.50259 ? 80  GLY A N   1 
ATOM   617  C CA  . GLY A 1 82  ? -12.96618 -6.09225  -10.95783 1.000 23.34702 ? 80  GLY A CA  1 
ATOM   618  C C   . GLY A 1 82  ? -11.45215 -6.06499  -11.06500 1.000 19.69307 ? 80  GLY A C   1 
ATOM   619  O O   . GLY A 1 82  ? -10.74955 -5.61004  -10.16623 1.000 20.54168 ? 80  GLY A O   1 
ATOM   620  N N   . GLU A 1 83  ? -10.94705 -6.55445  -12.20156 1.000 17.17156 ? 81  GLU A N   1 
ATOM   621  C CA  . GLU A 1 83  ? -9.49387  -6.62675  -12.36303 1.000 19.38433 ? 81  GLU A CA  1 
ATOM   622  C C   . GLU A 1 83  ? -8.85203  -5.25519  -12.18451 1.000 20.08995 ? 81  GLU A C   1 
ATOM   623  O O   . GLU A 1 83  ? -7.83435  -5.12006  -11.48260 1.000 20.12465 ? 81  GLU A O   1 
ATOM   624  C CB  . GLU A 1 83  ? -9.12844  -7.24261  -13.73352 1.000 21.58040 ? 81  GLU A CB  1 
ATOM   625  N N   . LYS A 1 84  ? -9.44972  -4.20994  -12.75731 1.000 18.45783 ? 82  LYS A N   1 
ATOM   626  C CA  . LYS A 1 84  ? -8.89742  -2.86552  -12.63236 1.000 17.23159 ? 82  LYS A CA  1 
ATOM   627  C C   . LYS A 1 84  ? -10.03972 -1.87886  -12.39016 1.000 17.23074 ? 82  LYS A C   1 
ATOM   628  O O   . LYS A 1 84  ? -11.21331 -2.19193  -12.62787 1.000 17.45063 ? 82  LYS A O   1 
ATOM   629  C CB  . LYS A 1 84  ? -8.08177  -2.47762  -13.88620 1.000 18.67864 ? 82  LYS A CB  1 
ATOM   630  C CG  . LYS A 1 84  ? -8.81991  -2.51737  -15.20522 1.000 23.77175 ? 82  LYS A CG  1 
ATOM   631  N N   . PHE A 1 85  ? -9.68687  -0.68825  -11.88227 1.000 14.73131 ? 83  PHE A N   1 
ATOM   632  C CA  . PHE A 1 85  ? -10.62997 0.42898   -11.80679 1.000 13.91759 ? 83  PHE A CA  1 
ATOM   633  C C   . PHE A 1 85  ? -9.91651  1.74451   -12.08201 1.000 16.36119 ? 83  PHE A C   1 
ATOM   634  O O   . PHE A 1 85  ? -8.68345  1.82882   -12.14349 1.000 16.02783 ? 83  PHE A O   1 
ATOM   635  C CB  . PHE A 1 85  ? -11.38242 0.50513   -10.47108 1.000 14.13039 ? 83  PHE A CB  1 
ATOM   636  C CG  . PHE A 1 85  ? -10.53477 0.82393   -9.25944  1.000 14.40238 ? 83  PHE A CG  1 
ATOM   637  C CD1 . PHE A 1 85  ? -9.69669  -0.15677  -8.69870  1.000 16.83342 ? 83  PHE A CD1 1 
ATOM   638  C CD2 . PHE A 1 85  ? -10.66489 2.06056   -8.61948  1.000 16.11525 ? 83  PHE A CD2 1 
ATOM   639  C CE1 . PHE A 1 85  ? -8.91876  0.11122   -7.52180  1.000 14.81771 ? 83  PHE A CE1 1 
ATOM   640  C CE2 . PHE A 1 85  ? -9.90543  2.35317   -7.42612  1.000 16.76363 ? 83  PHE A CE2 1 
ATOM   641  C CZ  . PHE A 1 85  ? -9.05732  1.38193   -6.88241  1.000 15.88204 ? 83  PHE A CZ  1 
ATOM   642  N N   . GLU A 1 86  ? -10.73765 2.77051   -12.28146 1.000 15.28630 ? 84  GLU A N   1 
ATOM   643  C CA  . GLU A 1 86  ? -10.27580 4.02922   -12.82957 1.000 15.29933 ? 84  GLU A CA  1 
ATOM   644  C C   . GLU A 1 86  ? -9.48688  4.81918   -11.79641 1.000 15.66637 ? 84  GLU A C   1 
ATOM   645  O O   . GLU A 1 86  ? -9.58871  4.59065   -10.57813 1.000 16.08838 ? 84  GLU A O   1 
ATOM   646  C CB  . GLU A 1 86  ? -11.47873 4.85468   -13.28924 1.000 17.76368 ? 84  GLU A CB  1 
ATOM   647  C CG  . GLU A 1 86  ? -12.35609 5.34475   -12.13438 1.000 18.01816 ? 84  GLU A CG  1 
ATOM   648  C CD  . GLU A 1 86  ? -13.49303 4.36751   -11.79483 1.000 21.22220 ? 84  GLU A CD  1 
ATOM   649  O OE1 . GLU A 1 86  ? -13.40407 3.15336   -12.11235 1.000 19.05669 ? 84  GLU A OE1 1 
ATOM   650  O OE2 . GLU A 1 86  ? -14.50467 4.84298   -11.23877 1.000 20.64222 ? 84  GLU A OE2 1 
ATOM   651  N N   . ASP A 1 87  ? -8.73818  5.79714   -12.29390 1.000 13.16702 ? 85  ASP A N   1 
ATOM   652  C CA  . ASP A 1 87  ? -8.18960  6.83585   -11.42435 1.000 15.56159 ? 85  ASP A CA  1 
ATOM   653  C C   . ASP A 1 87  ? -9.33092  7.70304   -10.91723 1.000 14.97773 ? 85  ASP A C   1 
ATOM   654  O O   . ASP A 1 87  ? -10.05873 8.31305   -11.70468 1.000 15.01680 ? 85  ASP A O   1 
ATOM   655  C CB  . ASP A 1 87  ? -7.15584  7.68944   -12.18174 1.000 13.40193 ? 85  ASP A CB  1 
ATOM   656  C CG  . ASP A 1 87  ? -5.93107  6.88438   -12.61204 1.000 17.01350 ? 85  ASP A CG  1 
ATOM   657  O OD1 . ASP A 1 87  ? -5.36914  6.13384   -11.76903 1.000 17.26794 ? 85  ASP A OD1 1 
ATOM   658  O OD2 . ASP A 1 87  ? -5.46852  7.01446   -13.79476 1.000 15.92886 ? 85  ASP A OD2 1 
ATOM   659  N N   . GLU A 1 88  ? -9.49240  7.75906   -9.59956  1.000 12.27028 ? 86  GLU A N   1 
ATOM   660  C CA  . GLU A 1 88  ? -10.61990 8.48086   -9.00910  1.000 15.58244 ? 86  GLU A CA  1 
ATOM   661  C C   . GLU A 1 88  ? -10.47635 10.00074  -9.15298  1.000 15.77697 ? 86  GLU A C   1 
ATOM   662  O O   . GLU A 1 88  ? -11.37817 10.68798  -9.65659  1.000 15.81710 ? 86  GLU A O   1 
ATOM   663  C CB  . GLU A 1 88  ? -10.74701 8.07126   -7.54721  1.000 13.32723 ? 86  GLU A CB  1 
ATOM   664  C CG  . GLU A 1 88  ? -12.06069 8.53832   -6.92854  1.000 16.36268 ? 86  GLU A CG  1 
ATOM   665  C CD  . GLU A 1 88  ? -12.33646 7.90633   -5.57926  1.000 18.17302 ? 86  GLU A CD  1 
ATOM   666  O OE1 . GLU A 1 88  ? -11.44644 7.20715   -5.01919  1.000 17.62097 ? 86  GLU A OE1 1 
ATOM   667  O OE2 . GLU A 1 88  ? -13.45568 8.13453   -5.07240  1.000 16.42095 ? 86  GLU A OE2 1 
ATOM   668  N N   . ASN A 1 89  ? -9.37974  10.54782  -8.66246  1.000 13.70128 ? 87  ASN A N   1 
ATOM   669  C CA  . ASN A 1 89  ? -9.00799  11.95176  -8.80184  1.000 14.49607 ? 87  ASN A CA  1 
ATOM   670  C C   . ASN A 1 89  ? -7.55477  12.02160  -8.38689  1.000 15.07067 ? 87  ASN A C   1 
ATOM   671  O O   . ASN A 1 89  ? -6.98261  11.02286  -7.93147  1.000 15.11223 ? 87  ASN A O   1 
ATOM   672  C CB  . ASN A 1 89  ? -9.87673  12.88381  -7.95078  1.000 13.81226 ? 87  ASN A CB  1 
ATOM   673  C CG  . ASN A 1 89  ? -9.77486  12.59959  -6.44749  1.000 16.63664 ? 87  ASN A CG  1 
ATOM   674  O OD1 . ASN A 1 89  ? -8.69890  12.67375  -5.83629  1.000 15.80788 ? 87  ASN A OD1 1 
ATOM   675  N ND2 . ASN A 1 89  ? -10.93337 12.30536  -5.82477  1.000 17.68142 ? 87  ASN A ND2 1 
ATOM   676  N N   . PHE A 1 90  ? -6.96845  13.20753  -8.49701  1.000 14.80313 ? 88  PHE A N   1 
ATOM   677  C CA  . PHE A 1 90  ? -5.59933  13.43113  -8.02855  1.000 14.16615 ? 88  PHE A CA  1 
ATOM   678  C C   . PHE A 1 90  ? -5.54619  14.61249  -7.06728  1.000 16.12526 ? 88  PHE A C   1 
ATOM   679  O O   . PHE A 1 90  ? -4.62565  15.43914  -7.10488  1.000 17.69717 ? 88  PHE A O   1 
ATOM   680  C CB  . PHE A 1 90  ? -4.65113  13.61229  -9.22212  1.000 15.43314 ? 88  PHE A CB  1 
ATOM   681  C CG  . PHE A 1 90  ? -4.58032  12.39625  -10.10389 1.000 15.97375 ? 88  PHE A CG  1 
ATOM   682  C CD1 . PHE A 1 90  ? -3.87638  11.26334  -9.68730  1.000 15.16235 ? 88  PHE A CD1 1 
ATOM   683  C CD2 . PHE A 1 90  ? -5.23326  12.37039  -11.33760 1.000 14.61055 ? 88  PHE A CD2 1 
ATOM   684  C CE1 . PHE A 1 90  ? -3.83463  10.09625  -10.52520 1.000 14.32164 ? 88  PHE A CE1 1 
ATOM   685  C CE2 . PHE A 1 90  ? -5.16552  11.20957  -12.18671 1.000 15.54097 ? 88  PHE A CE2 1 
ATOM   686  C CZ  . PHE A 1 90  ? -4.49144  10.07661  -11.76903 1.000 14.10932 ? 88  PHE A CZ  1 
ATOM   687  N N   . ILE A 1 91  ? -6.55874  14.72598  -6.19855  1.000 15.31865 ? 89  ILE A N   1 
ATOM   688  C CA  . ILE A 1 91  ? -6.61381  15.82496  -5.22264  1.000 15.89395 ? 89  ILE A CA  1 
ATOM   689  C C   . ILE A 1 91  ? -5.37718  15.83419  -4.32941  1.000 17.43072 ? 89  ILE A C   1 
ATOM   690  O O   . ILE A 1 91  ? -4.76937  16.89099  -4.08453  1.000 18.36435 ? 89  ILE A O   1 
ATOM   691  C CB  . ILE A 1 91  ? -7.88428  15.71181  -4.36440  1.000 14.42556 ? 89  ILE A CB  1 
ATOM   692  C CG1 . ILE A 1 91  ? -9.11568  16.02297  -5.20356  1.000 16.39409 ? 89  ILE A CG1 1 
ATOM   693  C CG2 . ILE A 1 91  ? -7.76415  16.63695  -3.08986  1.000 18.13780 ? 89  ILE A CG2 1 
ATOM   694  C CD1 . ILE A 1 91  ? -10.40131 15.69824  -4.48851  1.000 18.65145 ? 89  ILE A CD1 1 
ATOM   695  N N   . LEU A 1 92  ? -5.00582  14.67149  -3.79502  1.000 14.26327 ? 90  LEU A N   1 
ATOM   696  C CA  . LEU A 1 92  ? -3.91128  14.59555  -2.84300  1.000 14.61007 ? 90  LEU A CA  1 
ATOM   697  C C   . LEU A 1 92  ? -2.57179  14.36513  -3.54884  1.000 18.81999 ? 90  LEU A C   1 
ATOM   698  O O   . LEU A 1 92  ? -2.49836  13.70580  -4.58879  1.000 15.77687 ? 90  LEU A O   1 
ATOM   699  C CB  . LEU A 1 92  ? -4.17015  13.47523  -1.83798  1.000 17.15984 ? 90  LEU A CB  1 
ATOM   700  C CG  . LEU A 1 92  ? -5.45210  13.75386  -1.04929  1.000 17.49291 ? 90  LEU A CG  1 
ATOM   701  C CD1 . LEU A 1 92  ? -5.72995  12.50009  -0.26599  1.000 18.19035 ? 90  LEU A CD1 1 
ATOM   702  C CD2 . LEU A 1 92  ? -5.24097  14.97472  -0.11231  1.000 18.92623 ? 90  LEU A CD2 1 
ATOM   703  N N   . LYS A 1 93  ? -1.50989  14.93969  -2.98953  1.000 17.03565 ? 91  LYS A N   1 
ATOM   704  C CA  . LYS A 1 93  ? -0.18872  14.84687  -3.60619  1.000 17.84640 ? 91  LYS A CA  1 
ATOM   705  C C   . LYS A 1 93  ? 0.76678   14.01827  -2.74960  1.000 16.28169 ? 91  LYS A C   1 
ATOM   706  O O   . LYS A 1 93  ? 0.52824   13.71822  -1.56081  1.000 16.01044 ? 91  LYS A O   1 
ATOM   707  C CB  . LYS A 1 93  ? 0.41487   16.23739  -3.83160  1.000 17.84981 ? 91  LYS A CB  1 
ATOM   708  C CG  . LYS A 1 93  ? -0.52910  17.29584  -4.45827  1.000 19.55231 ? 91  LYS A CG  1 
ATOM   709  C CD  . LYS A 1 93  ? -1.11914  16.90336  -5.81332  1.000 23.70304 ? 91  LYS A CD  1 
ATOM   710  C CE  . LYS A 1 93  ? -2.05782  18.03663  -6.34337  1.000 24.73530 ? 91  LYS A CE  1 
ATOM   711  N NZ  . LYS A 1 93  ? -2.92233  17.59978  -7.50985  1.000 26.33632 ? 91  LYS A NZ  1 
ATOM   712  N N   . HIS A 1 94  ? 1.89325   13.68071  -3.37439  1.000 16.64844 ? 92  HIS A N   1 
ATOM   713  C CA  . HIS A 1 94  ? 2.95248   12.88348  -2.74932  1.000 16.60021 ? 92  HIS A CA  1 
ATOM   714  C C   . HIS A 1 94  ? 3.85812   13.83885  -1.99184  1.000 20.01351 ? 92  HIS A C   1 
ATOM   715  O O   . HIS A 1 94  ? 4.87490   14.30309  -2.50803  1.000 19.10753 ? 92  HIS A O   1 
ATOM   716  C CB  . HIS A 1 94  ? 3.72801   12.11331  -3.81439  1.000 15.55038 ? 92  HIS A CB  1 
ATOM   717  C CG  . HIS A 1 94  ? 2.88518   11.13823  -4.57135  1.000 14.52230 ? 92  HIS A CG  1 
ATOM   718  N ND1 . HIS A 1 94  ? 2.08987   11.50799  -5.63412  1.000 14.30794 ? 92  HIS A ND1 1 
ATOM   719  C CD2 . HIS A 1 94  ? 2.70877   9.80083   -4.41509  1.000 17.09463 ? 92  HIS A CD2 1 
ATOM   720  C CE1 . HIS A 1 94  ? 1.45940   10.44082  -6.09973  1.000 14.41099 ? 92  HIS A CE1 1 
ATOM   721  N NE2 . HIS A 1 94  ? 1.82331   9.39116   -5.38303  1.000 16.62757 ? 92  HIS A NE2 1 
ATOM   722  N N   . THR A 1 95  ? 3.48102   14.14874  -0.75848  1.000 17.86103 ? 93  THR A N   1 
ATOM   723  C CA  . THR A 1 95  ? 4.15649   15.24290  -0.06474  1.000 20.08607 ? 93  THR A CA  1 
ATOM   724  C C   . THR A 1 95  ? 5.36979   14.81394  0.75521   1.000 21.83328 ? 93  THR A C   1 
ATOM   725  O O   . THR A 1 95  ? 6.13993   15.68441  1.18438   1.000 21.13107 ? 93  THR A O   1 
ATOM   726  C CB  . THR A 1 95  ? 3.16037   15.94601  0.83269   1.000 19.56163 ? 93  THR A CB  1 
ATOM   727  O OG1 . THR A 1 95  ? 2.55417   14.97540  1.69160   1.000 19.71540 ? 93  THR A OG1 1 
ATOM   728  C CG2 . THR A 1 95  ? 2.06705   16.58497  -0.02520  1.000 22.52330 ? 93  THR A CG2 1 
ATOM   729  N N   . GLY A 1 96  ? 5.56545   13.52422  1.00863   1.000 16.81490 ? 94  GLY A N   1 
ATOM   730  C CA  . GLY A 1 96  ? 6.68054   13.11414  1.85072   1.000 19.11776 ? 94  GLY A CA  1 
ATOM   731  C C   . GLY A 1 96  ? 6.56550   11.67768  2.30549   1.000 21.33861 ? 94  GLY A C   1 
ATOM   732  O O   . GLY A 1 96  ? 5.66852   10.94761  1.88016   1.000 16.10916 ? 94  GLY A O   1 
ATOM   733  N N   . PRO A 1 97  ? 7.47782   11.24237  3.17605   1.000 19.83598 ? 95  PRO A N   1 
ATOM   734  C CA  . PRO A 1 97  ? 7.43109   9.85852   3.65990   1.000 17.02668 ? 95  PRO A CA  1 
ATOM   735  C C   . PRO A 1 97  ? 6.09105   9.61161   4.32729   1.000 17.34197 ? 95  PRO A C   1 
ATOM   736  O O   . PRO A 1 97  ? 5.50063   10.51627  4.92674   1.000 20.27982 ? 95  PRO A O   1 
ATOM   737  C CB  . PRO A 1 97  ? 8.57634   9.78751   4.68381   1.000 21.23837 ? 95  PRO A CB  1 
ATOM   738  C CG  . PRO A 1 97  ? 9.46926   10.98942  4.37306   1.000 20.53601 ? 95  PRO A CG  1 
ATOM   739  C CD  . PRO A 1 97  ? 8.57003   12.03142  3.77462   1.000 17.54033 ? 95  PRO A CD  1 
ATOM   740  N N   . GLY A 1 98  ? 5.60441   8.38106   4.20254   1.000 14.45718 ? 96  GLY A N   1 
ATOM   741  C CA  . GLY A 1 98  ? 4.34921   7.97292   4.80213   1.000 16.84512 ? 96  GLY A CA  1 
ATOM   742  C C   . GLY A 1 98  ? 3.15205   8.01219   3.87416   1.000 16.67788 ? 96  GLY A C   1 
ATOM   743  O O   . GLY A 1 98  ? 2.11343   7.42599   4.20290   1.000 16.16757 ? 96  GLY A O   1 
ATOM   744  N N   . ILE A 1 99  ? 3.26429   8.66144   2.71167   1.000 15.04696 ? 97  ILE A N   1 
ATOM   745  C CA  . ILE A 1 99  ? 2.11181   8.76026   1.82452   1.000 13.42391 ? 97  ILE A CA  1 
ATOM   746  C C   . ILE A 1 99  ? 1.78192   7.38330   1.24567   1.000 13.98009 ? 97  ILE A C   1 
ATOM   747  O O   . ILE A 1 99  ? 2.66835   6.61864   0.87411   1.000 14.57477 ? 97  ILE A O   1 
ATOM   748  C CB  . ILE A 1 99  ? 2.39348   9.78305   0.71442   1.000 13.99849 ? 97  ILE A CB  1 
ATOM   749  C CG1 . ILE A 1 99  ? 2.30886   11.24935  1.22690   1.000 16.54398 ? 97  ILE A CG1 1 
ATOM   750  C CG2 . ILE A 1 99  ? 1.47852   9.51576   -0.47722  1.000 15.08537 ? 97  ILE A CG2 1 
ATOM   751  C CD1 . ILE A 1 99  ? 0.90082   11.67709  1.65467   1.000 20.24246 ? 97  ILE A CD1 1 
ATOM   752  N N   . LEU A 1 100 ? 0.50631   7.04174   1.20667   1.000 14.47206 ? 98  LEU A N   1 
ATOM   753  C CA  . LEU A 1 100 ? 0.04330   5.76962   0.66017   1.000 13.26319 ? 98  LEU A CA  1 
ATOM   754  C C   . LEU A 1 100 ? -0.69444  6.04184   -0.64511  1.000 15.71827 ? 98  LEU A C   1 
ATOM   755  O O   . LEU A 1 100 ? -1.58569  6.89428   -0.68820  1.000 15.16289 ? 98  LEU A O   1 
ATOM   756  C CB  . LEU A 1 100 ? -0.88901  5.09857   1.66654   1.000 13.04263 ? 98  LEU A CB  1 
ATOM   757  C CG  . LEU A 1 100 ? -1.56757  3.80398   1.30199   1.000 14.71770 ? 98  LEU A CG  1 
ATOM   758  C CD1 . LEU A 1 100 ? -0.56682  2.64242   1.10421   1.000 14.15998 ? 98  LEU A CD1 1 
ATOM   759  C CD2 . LEU A 1 100 ? -2.55194  3.42941   2.40685   1.000 15.96167 ? 98  LEU A CD2 1 
ATOM   760  N N   . SER A 1 101 ? -0.32956  5.32210   -1.70828  1.000 11.24792 ? 99  SER A N   1 
ATOM   761  C CA  . SER A 1 101 ? -0.72967  5.71991   -3.04422  1.000 11.62045 ? 99  SER A CA  1 
ATOM   762  C C   . SER A 1 101 ? -0.84280  4.47620   -3.90837  1.000 13.85845 ? 99  SER A C   1 
ATOM   763  O O   . SER A 1 101 ? -0.25441  3.43920   -3.60009  1.000 13.35603 ? 99  SER A O   1 
ATOM   764  C CB  . SER A 1 101 ? 0.28538   6.72141   -3.62129  1.000 13.04589 ? 99  SER A CB  1 
ATOM   765  O OG  . SER A 1 101 ? -0.08431  7.13028   -4.94803  1.000 14.76513 ? 99  SER A OG  1 
ATOM   766  N N   . MET A 1 102 ? -1.64222  4.56344   -4.98048  1.000 13.95208 ? 100 MET A N   1 
ATOM   767  C CA  . MET A 1 102 ? -1.90885  3.39015   -5.82706  1.000 12.95766 ? 100 MET A CA  1 
ATOM   768  C C   . MET A 1 102 ? -0.81323  3.17812   -6.86584  1.000 13.56126 ? 100 MET A C   1 
ATOM   769  O O   . MET A 1 102 ? -0.42731  4.12516   -7.57166  1.000 13.90302 ? 100 MET A O   1 
ATOM   770  C CB  . MET A 1 102 ? -3.25724  3.58514   -6.53298  1.000 13.98161 ? 100 MET A CB  1 
ATOM   771  C CG  . MET A 1 102 ? -4.42319  3.40514   -5.56334  1.000 11.45173 ? 100 MET A CG  1 
ATOM   772  S SD  . MET A 1 102 ? -4.40999  1.80327   -4.71770  1.000 14.16481 ? 100 MET A SD  1 
ATOM   773  C CE  . MET A 1 102 ? -4.92027  0.63190   -6.01673  1.000 12.06539 ? 100 MET A CE  1 
ATOM   774  N N   . ALA A 1 103 ? -0.32869  1.94035   -6.98568  1.000 12.30453 ? 101 ALA A N   1 
ATOM   775  C CA  . ALA A 1 103 ? 0.53425   1.58571   -8.10676  1.000 12.47801 ? 101 ALA A CA  1 
ATOM   776  C C   . ALA A 1 103 ? -0.32746  1.37480   -9.34891  1.000 15.52299 ? 101 ALA A C   1 
ATOM   777  O O   . ALA A 1 103 ? -1.51086  1.03896   -9.24376  1.000 14.91175 ? 101 ALA A O   1 
ATOM   778  C CB  . ALA A 1 103 ? 1.33350   0.29834   -7.77839  1.000 14.44375 ? 101 ALA A CB  1 
ATOM   779  N N   . ASN A 1 104 ? 0.25254   1.58146   -10.53088 1.000 13.37191 ? 102 ASN A N   1 
ATOM   780  C CA  . ASN A 1 104 ? -0.54388  1.32548   -11.72568 1.000 14.29799 ? 102 ASN A CA  1 
ATOM   781  C C   . ASN A 1 104 ? 0.34964   1.10376   -12.93581 1.000 14.54353 ? 102 ASN A C   1 
ATOM   782  O O   . ASN A 1 104 ? 1.57147   1.29105   -12.89262 1.000 15.65056 ? 102 ASN A O   1 
ATOM   783  C CB  . ASN A 1 104 ? -1.54163  2.46763   -11.99056 1.000 14.29499 ? 102 ASN A CB  1 
ATOM   784  C CG  . ASN A 1 104 ? -0.84330  3.79505   -12.33311 1.000 15.46812 ? 102 ASN A CG  1 
ATOM   785  O OD1 . ASN A 1 104 ? -0.07574  3.86463   -13.30589 1.000 15.23131 ? 102 ASN A OD1 1 
ATOM   786  N ND2 . ASN A 1 104 ? -1.13200  4.86209   -11.54354 1.000 12.30714 ? 102 ASN A ND2 1 
ATOM   787  N N   . ALA A 1 105 ? -0.30112  0.77575   -14.06190 1.000 14.41325 ? 103 ALA A N   1 
ATOM   788  C CA  . ALA A 1 105 ? 0.40101   0.46399   -15.30269 1.000 12.63245 ? 103 ALA A CA  1 
ATOM   789  C C   . ALA A 1 105 ? -0.03416  1.37491   -16.43665 1.000 18.18245 ? 103 ALA A C   1 
ATOM   790  O O   . ALA A 1 105 ? -0.00383  0.97302   -17.59861 1.000 19.24092 ? 103 ALA A O   1 
ATOM   791  C CB  . ALA A 1 105 ? 0.14230   -0.99186  -15.69502 1.000 15.94202 ? 103 ALA A CB  1 
ATOM   792  N N   . GLY A 1 106 ? -0.46060  2.59176   -16.12693 1.000 14.29129 ? 104 GLY A N   1 
ATOM   793  C CA  . GLY A 1 106 ? -0.99385  3.47657   -17.14310 1.000 15.06983 ? 104 GLY A CA  1 
ATOM   794  C C   . GLY A 1 106 ? -2.26281  4.10213   -16.59353 1.000 16.09438 ? 104 GLY A C   1 
ATOM   795  O O   . GLY A 1 106 ? -2.70226  3.77777   -15.47859 1.000 15.59011 ? 104 GLY A O   1 
ATOM   796  N N   . PRO A 1 107 ? -2.89812  4.98706   -17.35498 1.000 17.39514 ? 105 PRO A N   1 
ATOM   797  C CA  . PRO A 1 107 ? -4.15350  5.59030   -16.86989 1.000 15.57105 ? 105 PRO A CA  1 
ATOM   798  C C   . PRO A 1 107 ? -5.23191  4.54555   -16.59005 1.000 14.77440 ? 105 PRO A C   1 
ATOM   799  O O   . PRO A 1 107 ? -5.42119  3.58742   -17.35629 1.000 16.00616 ? 105 PRO A O   1 
ATOM   800  C CB  . PRO A 1 107 ? -4.56991  6.53830   -18.00856 1.000 18.70653 ? 105 PRO A CB  1 
ATOM   801  C CG  . PRO A 1 107 ? -3.78303  6.10841   -19.20296 1.000 21.71019 ? 105 PRO A CG  1 
ATOM   802  C CD  . PRO A 1 107 ? -2.52249  5.41444   -18.72080 1.000 17.55766 ? 105 PRO A CD  1 
ATOM   803  N N   . ASN A 1 108 ? -5.89959  4.70466   -15.45119 1.000 13.74653 ? 106 ASN A N   1 
ATOM   804  C CA  . ASN A 1 108 ? -7.10358  3.92617   -15.11157 1.000 14.36992 ? 106 ASN A CA  1 
ATOM   805  C C   . ASN A 1 108 ? -6.81970  2.42589   -15.06179 1.000 16.39433 ? 106 ASN A C   1 
ATOM   806  O O   . ASN A 1 108 ? -7.59313  1.59951   -15.58290 1.000 14.93559 ? 106 ASN A O   1 
ATOM   807  C CB  . ASN A 1 108 ? -8.22624  4.25235   -16.10881 1.000 14.45086 ? 106 ASN A CB  1 
ATOM   808  C CG  . ASN A 1 108 ? -8.50019  5.71389   -16.16084 1.000 14.39858 ? 106 ASN A CG  1 
ATOM   809  O OD1 . ASN A 1 108 ? -8.89803  6.30165   -15.15661 1.000 15.13686 ? 106 ASN A OD1 1 
ATOM   810  N ND2 . ASN A 1 108 ? -8.31300  6.32136   -17.33752 1.000 15.54609 ? 106 ASN A ND2 1 
ATOM   811  N N   . THR A 1 109 ? -5.70333  2.06306   -14.39136 1.000 13.16544 ? 107 THR A N   1 
ATOM   812  C CA  . THR A 1 109 ? -5.33398  0.65937   -14.24755 1.000 16.24447 ? 107 THR A CA  1 
ATOM   813  C C   . THR A 1 109 ? -5.06643  0.29317   -12.78603 1.000 15.73271 ? 107 THR A C   1 
ATOM   814  O O   . THR A 1 109 ? -4.24151  -0.56436  -12.51110 1.000 18.20410 ? 107 THR A O   1 
ATOM   815  C CB  . THR A 1 109 ? -4.11570  0.30252   -15.12241 1.000 17.94465 ? 107 THR A CB  1 
ATOM   816  O OG1 . THR A 1 109 ? -3.02385  1.17179   -14.83653 1.000 17.03196 ? 107 THR A OG1 1 
ATOM   817  C CG2 . THR A 1 109 ? -4.44185  0.44885   -16.60370 1.000 17.45471 ? 107 THR A CG2 1 
ATOM   818  N N   . ASN A 1 110 ? -5.79243  0.88467   -11.84992 1.000 13.20244 ? 108 ASN A N   1 
ATOM   819  C CA  . ASN A 1 110 ? -5.60965  0.54904   -10.44113 1.000 13.87231 ? 108 ASN A CA  1 
ATOM   820  C C   . ASN A 1 110 ? -6.14737  -0.84307  -10.15354 1.000 14.71076 ? 108 ASN A C   1 
ATOM   821  O O   . ASN A 1 110 ? -7.19074  -1.22475  -10.65960 1.000 15.09986 ? 108 ASN A O   1 
ATOM   822  C CB  . ASN A 1 110 ? -6.35177  1.55472   -9.59725  1.000 14.81954 ? 108 ASN A CB  1 
ATOM   823  C CG  . ASN A 1 110 ? -5.81580  2.93078   -9.80056  1.000 14.06387 ? 108 ASN A CG  1 
ATOM   824  O OD1 . ASN A 1 110 ? -4.68527  3.21128   -9.39903  1.000 15.37940 ? 108 ASN A OD1 1 
ATOM   825  N ND2 . ASN A 1 110 ? -6.57007  3.77832   -10.50557 1.000 15.67569 ? 108 ASN A ND2 1 
ATOM   826  N N   . GLY A 1 111 ? -5.45492  -1.59373  -9.31412  1.000 15.32556 ? 109 GLY A N   1 
ATOM   827  C CA  . GLY A 1 111 ? -5.95661  -2.90420  -8.95139  1.000 13.95425 ? 109 GLY A CA  1 
ATOM   828  C C   . GLY A 1 111 ? -5.90411  -3.06652  -7.44402  1.000 14.69495 ? 109 GLY A C   1 
ATOM   829  O O   . GLY A 1 111 ? -6.72337  -2.48399  -6.71072  1.000 15.11605 ? 109 GLY A O   1 
ATOM   830  N N   . SER A 1 112 ? -4.89692  -3.80325  -6.96964  1.000 14.48698 ? 110 SER A N   1 
ATOM   831  C CA  . SER A 1 112 ? -4.62710  -3.93601  -5.54163  1.000 14.45404 ? 110 SER A CA  1 
ATOM   832  C C   . SER A 1 112 ? -3.23941  -3.44657  -5.14669  1.000 15.04932 ? 110 SER A C   1 
ATOM   833  O O   . SER A 1 112 ? -3.00856  -3.18385  -3.94840  1.000 14.62168 ? 110 SER A O   1 
ATOM   834  C CB  . SER A 1 112 ? -4.78556  -5.39608  -5.10421  1.000 13.72344 ? 110 SER A CB  1 
ATOM   835  O OG  . SER A 1 112 ? -3.91488  -6.23053  -5.87025  1.000 15.60251 ? 110 SER A OG  1 
ATOM   836  N N   . GLN A 1 113 ? -2.31693  -3.27843  -6.09653  1.000 11.25740 ? 111 GLN A N   1 
ATOM   837  C CA  . GLN A 1 113 ? -0.96759  -2.89185  -5.69026  1.000 14.16833 ? 111 GLN A CA  1 
ATOM   838  C C   . GLN A 1 113 ? -0.91511  -1.42120  -5.25492  1.000 14.48389 ? 111 GLN A C   1 
ATOM   839  O O   . GLN A 1 113 ? -1.64086  -0.56063  -5.76012  1.000 12.50349 ? 111 GLN A O   1 
ATOM   840  C CB  . GLN A 1 113 ? 0.03144   -3.12250  -6.81440  1.000 12.01571 ? 111 GLN A CB  1 
ATOM   841  C CG  . GLN A 1 113 ? 0.34548   -4.61821  -7.02143  1.000 14.88246 ? 111 GLN A CG  1 
ATOM   842  C CD  . GLN A 1 113 ? 1.44072   -4.76689  -8.03372  1.000 16.50964 ? 111 GLN A CD  1 
ATOM   843  O OE1 . GLN A 1 113 ? 2.52073   -4.17368  -7.87363  1.000 16.17327 ? 111 GLN A OE1 1 
ATOM   844  N NE2 . GLN A 1 113 ? 1.19401   -5.56600  -9.07567  1.000 15.40239 ? 111 GLN A NE2 1 
ATOM   845  N N   . PHE A 1 114 ? -0.06492  -1.16069  -4.27573  1.000 12.88593 ? 112 PHE A N   1 
ATOM   846  C CA  . PHE A 1 114 ? 0.02448   0.14456   -3.63761  1.000 14.20963 ? 112 PHE A CA  1 
ATOM   847  C C   . PHE A 1 114 ? 1.47789   0.37244   -3.28315  1.000 15.37573 ? 112 PHE A C   1 
ATOM   848  O O   . PHE A 1 114 ? 2.29256   -0.56642  -3.27851  1.000 13.99785 ? 112 PHE A O   1 
ATOM   849  C CB  . PHE A 1 114 ? -0.82775  0.21128   -2.36635  1.000 12.41862 ? 112 PHE A CB  1 
ATOM   850  C CG  . PHE A 1 114 ? -0.41203  -0.79073  -1.34905  1.000 14.78997 ? 112 PHE A CG  1 
ATOM   851  C CD1 . PHE A 1 114 ? 0.58264   -0.46683  -0.42385  1.000 13.45104 ? 112 PHE A CD1 1 
ATOM   852  C CD2 . PHE A 1 114 ? -0.93819  -2.08745  -1.37281  1.000 14.70345 ? 112 PHE A CD2 1 
ATOM   853  C CE1 . PHE A 1 114 ? 1.02032   -1.40457  0.51373   1.000 16.11278 ? 112 PHE A CE1 1 
ATOM   854  C CE2 . PHE A 1 114 ? -0.49914  -3.04984  -0.44514  1.000 14.74612 ? 112 PHE A CE2 1 
ATOM   855  C CZ  . PHE A 1 114 ? 0.49706   -2.69967  0.48913   1.000 16.80056 ? 112 PHE A CZ  1 
ATOM   856  N N   . PHE A 1 115 ? 1.80078   1.61743   -2.90919  1.000 13.19902 ? 113 PHE A N   1 
ATOM   857  C CA  . PHE A 1 115 ? 3.13836   1.85011   -2.39249  1.000 13.57465 ? 113 PHE A CA  1 
ATOM   858  C C   . PHE A 1 115 ? 3.06545   2.83041   -1.23085  1.000 14.51727 ? 113 PHE A C   1 
ATOM   859  O O   . PHE A 1 115 ? 2.14387   3.66626   -1.13778  1.000 12.79148 ? 113 PHE A O   1 
ATOM   860  C CB  . PHE A 1 115 ? 4.13928   2.35051   -3.46179  1.000 12.10321 ? 113 PHE A CB  1 
ATOM   861  C CG  . PHE A 1 115 ? 3.73325   3.62481   -4.14568  1.000 12.25845 ? 113 PHE A CG  1 
ATOM   862  C CD1 . PHE A 1 115 ? 2.74064   3.63119   -5.09722  1.000 12.76518 ? 113 PHE A CD1 1 
ATOM   863  C CD2 . PHE A 1 115 ? 4.43857   4.80388   -3.89761  1.000 15.02236 ? 113 PHE A CD2 1 
ATOM   864  C CE1 . PHE A 1 115 ? 2.39235   4.80034   -5.77874  1.000 13.92862 ? 113 PHE A CE1 1 
ATOM   865  C CE2 . PHE A 1 115 ? 4.07863   6.00094   -4.56238  1.000 12.58115 ? 113 PHE A CE2 1 
ATOM   866  C CZ  . PHE A 1 115 ? 3.07232   5.99326   -5.50212  1.000 14.49430 ? 113 PHE A CZ  1 
ATOM   867  N N   . ILE A 1 116 ? 4.03157   2.67300   -0.32202  1.000 14.17464 ? 114 ILE A N   1 
ATOM   868  C CA  . ILE A 1 116 ? 4.23416   3.56432   0.81632   1.000 13.05167 ? 114 ILE A CA  1 
ATOM   869  C C   . ILE A 1 116 ? 5.49414   4.35069   0.53335   1.000 15.42395 ? 114 ILE A C   1 
ATOM   870  O O   . ILE A 1 116 ? 6.57752   3.76291   0.41635   1.000 15.52607 ? 114 ILE A O   1 
ATOM   871  C CB  . ILE A 1 116 ? 4.39130   2.79030   2.13448   1.000 13.95114 ? 114 ILE A CB  1 
ATOM   872  C CG1 . ILE A 1 116 ? 3.20332   1.84634   2.34688   1.000 13.23282 ? 114 ILE A CG1 1 
ATOM   873  C CG2 . ILE A 1 116 ? 4.50073   3.79110   3.30986   1.000 15.14009 ? 114 ILE A CG2 1 
ATOM   874  C CD1 . ILE A 1 116 ? 3.50418   0.71332   3.41879   1.000 12.75722 ? 114 ILE A CD1 1 
ATOM   875  N N   . CYS A 1 117 ? 5.35985   5.67478   0.44727   1.000 14.73073 ? 115 CYS A N   1 
ATOM   876  C CA  . CYS A 1 117 ? 6.50757   6.53645   0.20667   1.000 15.13471 ? 115 CYS A CA  1 
ATOM   877  C C   . CYS A 1 117 ? 7.45249   6.56580   1.39800   1.000 16.00418 ? 115 CYS A C   1 
ATOM   878  O O   . CYS A 1 117 ? 7.02313   6.64121   2.56092   1.000 15.74477 ? 115 CYS A O   1 
ATOM   879  C CB  . CYS A 1 117 ? 6.02973   7.96049   -0.08322  1.000 14.39385 ? 115 CYS A CB  1 
ATOM   880  S SG  . CYS A 1 117 ? 5.08802   8.03749   -1.62276  1.000 17.28865 ? 115 CYS A SG  1 
ATOM   881  N N   . THR A 1 118 ? 8.74635   6.53767   1.11039   1.000 13.87578 ? 116 THR A N   1 
ATOM   882  C CA  . THR A 1 118 ? 9.72165   6.80416   2.16039   1.000 17.15800 ? 116 THR A CA  1 
ATOM   883  C C   . THR A 1 118 ? 10.49894  8.07629   1.87919   1.000 19.08508 ? 116 THR A C   1 
ATOM   884  O O   . THR A 1 118 ? 11.45482  8.38927   2.60915   1.000 21.61920 ? 116 THR A O   1 
ATOM   885  C CB  . THR A 1 118 ? 10.66521  5.61209   2.37569   1.000 15.45885 ? 116 THR A CB  1 
ATOM   886  O OG1 . THR A 1 118 ? 11.35377  5.26982   1.16581   1.000 17.76089 ? 116 THR A OG1 1 
ATOM   887  C CG2 . THR A 1 118 ? 9.88330   4.36927   2.82526   1.000 19.62547 ? 116 THR A CG2 1 
ATOM   888  N N   . ALA A 1 119 ? 10.05159  8.85292   0.90368   1.000 17.04699 ? 117 ALA A N   1 
ATOM   889  C CA  . ALA A 1 119 ? 10.63788  10.12425  0.50194   1.000 18.42478 ? 117 ALA A CA  1 
ATOM   890  C C   . ALA A 1 119 ? 9.52917   10.91495  -0.16279  1.000 20.10436 ? 117 ALA A C   1 
ATOM   891  O O   . ALA A 1 119 ? 8.46435   10.37523  -0.46480  1.000 18.31727 ? 117 ALA A O   1 
ATOM   892  C CB  . ALA A 1 119 ? 11.78912  9.92909   -0.49246  1.000 18.10432 ? 117 ALA A CB  1 
ATOM   893  N N   . LYS A 1 120 ? 9.78066   12.18872  -0.41942  1.000 17.07649 ? 118 LYS A N   1 
ATOM   894  C CA  . LYS A 1 120 ? 8.84050   12.95204  -1.23131  1.000 19.98528 ? 118 LYS A CA  1 
ATOM   895  C C   . LYS A 1 120 ? 8.96831   12.53296  -2.68859  1.000 17.37239 ? 118 LYS A C   1 
ATOM   896  O O   . LYS A 1 120 ? 10.07612  12.43739  -3.22028  1.000 18.64944 ? 118 LYS A O   1 
ATOM   897  C CB  . LYS A 1 120 ? 9.10424   14.45040  -1.05666  1.000 19.17277 ? 118 LYS A CB  1 
ATOM   898  C CG  . LYS A 1 120 ? 8.15936   15.35300  -1.82195  1.000 22.52480 ? 118 LYS A CG  1 
ATOM   899  C CD  . LYS A 1 120 ? 8.40915   16.84331  -1.52469  1.000 25.60658 ? 118 LYS A CD  1 
ATOM   900  C CE  . LYS A 1 120 ? 7.47009   17.73243  -2.33864  1.000 29.04768 ? 118 LYS A CE  1 
ATOM   901  N NZ  . LYS A 1 120 ? 7.84762   19.15581  -2.17584  1.000 43.12477 ? 118 LYS A NZ  1 
ATOM   902  N N   . THR A 1 121 ? 7.84365   12.25863  -3.35436  1.000 16.04490 ? 119 THR A N   1 
ATOM   903  C CA  . THR A 1 121 ? 7.89036   11.71881  -4.71383  1.000 17.14940 ? 119 THR A CA  1 
ATOM   904  C C   . THR A 1 121 ? 6.95572   12.54434  -5.58735  1.000 15.68192 ? 119 THR A C   1 
ATOM   905  O O   . THR A 1 121 ? 6.01306   12.04431  -6.19914  1.000 16.74788 ? 119 THR A O   1 
ATOM   906  C CB  . THR A 1 121 ? 7.53627   10.22658  -4.79256  1.000 15.98890 ? 119 THR A CB  1 
ATOM   907  O OG1 . THR A 1 121 ? 6.17509   9.99568   -4.36098  1.000 16.94991 ? 119 THR A OG1 1 
ATOM   908  C CG2 . THR A 1 121 ? 8.49639   9.39423   -3.93870  1.000 15.88863 ? 119 THR A CG2 1 
ATOM   909  N N   . GLU A 1 122 ? 7.25231   13.84147  -5.68167  1.000 16.77214 ? 120 GLU A N   1 
ATOM   910  C CA  . GLU A 1 122 ? 6.28723   14.74609  -6.29354  1.000 17.73080 ? 120 GLU A CA  1 
ATOM   911  C C   . GLU A 1 122 ? 6.14127   14.50563  -7.78836  1.000 17.85047 ? 120 GLU A C   1 
ATOM   912  O O   . GLU A 1 122 ? 5.11617   14.90533  -8.37057  1.000 16.11106 ? 120 GLU A O   1 
ATOM   913  C CB  . GLU A 1 122 ? 6.68745   16.21085  -5.99676  1.000 20.14126 ? 120 GLU A CB  1 
ATOM   914  C CG  . GLU A 1 122 ? 7.93940   16.66979  -6.75336  1.000 25.94524 ? 120 GLU A CG  1 
ATOM   915  C CD  . GLU A 1 122 ? 9.30352   16.20102  -6.16501  1.000 28.89816 ? 120 GLU A CD  1 
ATOM   916  O OE1 . GLU A 1 122 ? 9.37709   15.43927  -5.14719  1.000 26.06679 ? 120 GLU A OE1 1 
ATOM   917  O OE2 . GLU A 1 122 ? 10.33719  16.61086  -6.75634  1.000 33.30489 ? 120 GLU A OE2 1 
ATOM   918  N N   . TRP A 1 123 ? 7.11911   13.84855  -8.43094  1.000 16.76082 ? 121 TRP A N   1 
ATOM   919  C CA  . TRP A 1 123 ? 6.97147   13.57070  -9.86378  1.000 17.60030 ? 121 TRP A CA  1 
ATOM   920  C C   . TRP A 1 123 ? 5.86702   12.56094  -10.15251 1.000 18.23339 ? 121 TRP A C   1 
ATOM   921  O O   . TRP A 1 123 ? 5.47042   12.38785  -11.32150 1.000 16.27503 ? 121 TRP A O   1 
ATOM   922  C CB  . TRP A 1 123 ? 8.30115   13.08277  -10.46049 1.000 19.87026 ? 121 TRP A CB  1 
ATOM   923  C CG  . TRP A 1 123 ? 8.80361   11.84164  -9.80394  1.000 16.04385 ? 121 TRP A CG  1 
ATOM   924  C CD1 . TRP A 1 123 ? 8.56891   10.53784  -10.19942 1.000 17.65867 ? 121 TRP A CD1 1 
ATOM   925  C CD2 . TRP A 1 123 ? 9.61014   11.76948  -8.63311  1.000 17.05685 ? 121 TRP A CD2 1 
ATOM   926  N NE1 . TRP A 1 123 ? 9.19453   9.68072   -9.32878  1.000 16.91725 ? 121 TRP A NE1 1 
ATOM   927  C CE2 . TRP A 1 123 ? 9.82937   10.40779  -8.36063  1.000 18.00448 ? 121 TRP A CE2 1 
ATOM   928  C CE3 . TRP A 1 123 ? 10.18110  12.73000  -7.78361  1.000 18.60206 ? 121 TRP A CE3 1 
ATOM   929  C CZ2 . TRP A 1 123 ? 10.61515  9.98479   -7.28195  1.000 18.67166 ? 121 TRP A CZ2 1 
ATOM   930  C CZ3 . TRP A 1 123 ? 10.92969  12.31093  -6.70993  1.000 19.82494 ? 121 TRP A CZ3 1 
ATOM   931  C CH2 . TRP A 1 123 ? 11.13840  10.94753  -6.46255  1.000 16.03091 ? 121 TRP A CH2 1 
ATOM   932  N N   . LEU A 1 124 ? 5.35585   11.88842  -9.12049  1.000 15.32787 ? 122 LEU A N   1 
ATOM   933  C CA  . LEU A 1 124 ? 4.22558   10.99441  -9.29031  1.000 13.39054 ? 122 LEU A CA  1 
ATOM   934  C C   . LEU A 1 124 ? 2.88725   11.70209  -9.13904  1.000 14.86076 ? 122 LEU A C   1 
ATOM   935  O O   . LEU A 1 124 ? 1.85159   11.08879  -9.39806  1.000 14.91065 ? 122 LEU A O   1 
ATOM   936  C CB  . LEU A 1 124 ? 4.33988   9.84165   -8.25910  1.000 13.95179 ? 122 LEU A CB  1 
ATOM   937  C CG  . LEU A 1 124 ? 5.63433   9.03200   -8.35809  1.000 14.80033 ? 122 LEU A CG  1 
ATOM   938  C CD1 . LEU A 1 124 ? 5.61060   7.89125   -7.31748  1.000 13.38420 ? 122 LEU A CD1 1 
ATOM   939  C CD2 . LEU A 1 124 ? 5.78278   8.46249   -9.76228  1.000 16.12642 ? 122 LEU A CD2 1 
ATOM   940  N N   . ASP A 1 125 ? 2.87786   12.96779  -8.71983  1.000 13.35631 ? 123 ASP A N   1 
ATOM   941  C CA  . ASP A 1 125 ? 1.62444   13.69135  -8.57430  1.000 13.71698 ? 123 ASP A CA  1 
ATOM   942  C C   . ASP A 1 125 ? 0.83645   13.72154  -9.87349  1.000 15.21949 ? 123 ASP A C   1 
ATOM   943  O O   . ASP A 1 125 ? 1.38881   14.02030  -10.94296 1.000 14.71049 ? 123 ASP A O   1 
ATOM   944  C CB  . ASP A 1 125 ? 1.89440   15.13911  -8.17367  1.000 15.78801 ? 123 ASP A CB  1 
ATOM   945  C CG  . ASP A 1 125 ? 2.38166   15.27882  -6.77723  1.000 17.57847 ? 123 ASP A CG  1 
ATOM   946  O OD1 . ASP A 1 125 ? 2.38797   14.26097  -6.02783  1.000 17.42629 ? 123 ASP A OD1 1 
ATOM   947  O OD2 . ASP A 1 125 ? 2.76530   16.43045  -6.43270  1.000 16.36520 ? 123 ASP A OD2 1 
ATOM   948  N N   . GLY A 1 126 ? -0.45192  13.45609  -9.77284  1.000 12.84891 ? 124 GLY A N   1 
ATOM   949  C CA  . GLY A 1 126 ? -1.32451  13.54987  -10.92918 1.000 15.97401 ? 124 GLY A CA  1 
ATOM   950  C C   . GLY A 1 126 ? -1.28405  12.34130  -11.83976 1.000 15.46595 ? 124 GLY A C   1 
ATOM   951  O O   . GLY A 1 126 ? -1.99178  12.32788  -12.84656 1.000 16.16303 ? 124 GLY A O   1 
ATOM   952  N N   . LYS A 1 127 ? -0.48988  11.31972  -11.51634 1.000 14.12817 ? 125 LYS A N   1 
ATOM   953  C CA  . LYS A 1 127 ? -0.61984  10.06715  -12.23099 1.000 15.89224 ? 125 LYS A CA  1 
ATOM   954  C C   . LYS A 1 127 ? -0.75462  8.84611   -11.33261 1.000 14.99194 ? 125 LYS A C   1 
ATOM   955  O O   . LYS A 1 127 ? -1.14754  7.78592   -11.83762 1.000 16.20186 ? 125 LYS A O   1 
ATOM   956  C CB  . LYS A 1 127 ? 0.54883   9.86697   -13.19521 1.000 20.57413 ? 125 LYS A CB  1 
ATOM   957  C CG  . LYS A 1 127 ? 1.91459   9.87425   -12.57788 1.000 20.60103 ? 125 LYS A CG  1 
ATOM   958  C CD  . LYS A 1 127 ? 2.99747   9.47660   -13.68349 1.000 26.56654 ? 125 LYS A CD  1 
ATOM   959  N N   . HIS A 1 128 ? -0.44547  8.95042   -10.03907 1.000 14.50422 ? 126 HIS A N   1 
ATOM   960  C CA  . HIS A 1 128 ? -0.77640  7.92624   -9.05193  1.000 12.55570 ? 126 HIS A CA  1 
ATOM   961  C C   . HIS A 1 128 ? -1.74805  8.52086   -8.04566  1.000 12.50982 ? 126 HIS A C   1 
ATOM   962  O O   . HIS A 1 128 ? -1.51057  9.62498   -7.53083  1.000 13.68939 ? 126 HIS A O   1 
ATOM   963  C CB  . HIS A 1 128 ? 0.48636   7.40692   -8.34031  1.000 13.70038 ? 126 HIS A CB  1 
ATOM   964  C CG  . HIS A 1 128 ? 1.40387   6.67596   -9.27471  1.000 14.63340 ? 126 HIS A CG  1 
ATOM   965  N ND1 . HIS A 1 128 ? 1.35168   5.31520   -9.43358  1.000 14.64184 ? 126 HIS A ND1 1 
ATOM   966  C CD2 . HIS A 1 128 ? 2.33688   7.12195   -10.15469 1.000 15.58324 ? 126 HIS A CD2 1 
ATOM   967  C CE1 . HIS A 1 128 ? 2.24661   4.93392   -10.33332 1.000 15.50418 ? 126 HIS A CE1 1 
ATOM   968  N NE2 . HIS A 1 128 ? 2.83632   6.01187   -10.81514 1.000 14.33423 ? 126 HIS A NE2 1 
ATOM   969  N N   . VAL A 1 129 ? -2.83477  7.80493   -7.76299  1.000 12.95044 ? 127 VAL A N   1 
ATOM   970  C CA  . VAL A 1 129 ? -3.84674  8.32032   -6.83585  1.000 14.35653 ? 127 VAL A CA  1 
ATOM   971  C C   . VAL A 1 129 ? -3.37589  8.12980   -5.38986  1.000 13.53196 ? 127 VAL A C   1 
ATOM   972  O O   . VAL A 1 129 ? -3.30276  6.99969   -4.89050  1.000 13.02268 ? 127 VAL A O   1 
ATOM   973  C CB  . VAL A 1 129 ? -5.19392  7.64342   -7.07206  1.000 14.37087 ? 127 VAL A CB  1 
ATOM   974  C CG1 . VAL A 1 129 ? -6.24952  8.15179   -6.07240  1.000 14.52343 ? 127 VAL A CG1 1 
ATOM   975  C CG2 . VAL A 1 129 ? -5.66920  7.89829   -8.54676  1.000 15.02442 ? 127 VAL A CG2 1 
ATOM   976  N N   . VAL A 1 130 ? -3.14729  9.24435   -4.68612  1.000 14.29233 ? 128 VAL A N   1 
ATOM   977  C CA  . VAL A 1 130 ? -2.84520  9.19815   -3.25596  1.000 14.25194 ? 128 VAL A CA  1 
ATOM   978  C C   . VAL A 1 130 ? -4.14971  9.00674   -2.48959  1.000 13.75906 ? 128 VAL A C   1 
ATOM   979  O O   . VAL A 1 130 ? -5.11417  9.74580   -2.71045  1.000 13.43226 ? 128 VAL A O   1 
ATOM   980  C CB  . VAL A 1 130 ? -2.13616  10.48888  -2.82450  1.000 14.05931 ? 128 VAL A CB  1 
ATOM   981  C CG1 . VAL A 1 130 ? -1.98480  10.54040  -1.28291  1.000 14.02153 ? 128 VAL A CG1 1 
ATOM   982  C CG2 . VAL A 1 130 ? -0.77676  10.57735  -3.53064  1.000 14.77229 ? 128 VAL A CG2 1 
ATOM   983  N N   . PHE A 1 131 ? -4.18785  8.02611   -1.56275  1.000 12.84547 ? 129 PHE A N   1 
ATOM   984  C CA  . PHE A 1 131 ? -5.43126  7.80528   -0.82707  1.000 13.87632 ? 129 PHE A CA  1 
ATOM   985  C C   . PHE A 1 131 ? -5.27369  7.58645   0.67569   1.000 13.22982 ? 129 PHE A C   1 
ATOM   986  O O   . PHE A 1 131 ? -6.28225  7.31126   1.34363   1.000 14.41710 ? 129 PHE A O   1 
ATOM   987  C CB  . PHE A 1 131 ? -6.18459  6.61990   -1.40309  1.000 12.14037 ? 129 PHE A CB  1 
ATOM   988  C CG  . PHE A 1 131 ? -5.45058  5.33512   -1.26464  1.000 14.33983 ? 129 PHE A CG  1 
ATOM   989  C CD1 . PHE A 1 131 ? -4.43463  5.00045   -2.17359  1.000 11.79939 ? 129 PHE A CD1 1 
ATOM   990  C CD2 . PHE A 1 131 ? -5.75776  4.46101   -0.22006  1.000 13.73160 ? 129 PHE A CD2 1 
ATOM   991  C CE1 . PHE A 1 131 ? -3.74122  3.78113   -2.06326  1.000 11.53524 ? 129 PHE A CE1 1 
ATOM   992  C CE2 . PHE A 1 131 ? -5.06123  3.23441   -0.09159  1.000 14.37333 ? 129 PHE A CE2 1 
ATOM   993  C CZ  . PHE A 1 131 ? -4.04657  2.89870   -1.01277  1.000 12.87823 ? 129 PHE A CZ  1 
ATOM   994  N N   . GLY A 1 132 ? -4.08214  7.76796   1.23343   1.000 14.86066 ? 130 GLY A N   1 
ATOM   995  C CA  . GLY A 1 132 ? -3.92314  7.52132   2.65868   1.000 16.23970 ? 130 GLY A CA  1 
ATOM   996  C C   . GLY A 1 132 ? -2.55370  7.93374   3.12074   1.000 15.98055 ? 130 GLY A C   1 
ATOM   997  O O   . GLY A 1 132 ? -1.74471  8.47765   2.35419   1.000 15.19429 ? 130 GLY A O   1 
ATOM   998  N N   . LYS A 1 133 ? -2.32727  7.71291   4.41821   1.000 14.46490 ? 131 LYS A N   1 
ATOM   999  C CA  . LYS A 1 133 ? -1.04237  8.05262   5.00422   1.000 14.40041 ? 131 LYS A CA  1 
ATOM   1000 C C   . LYS A 1 133 ? -0.79584  7.17044   6.21733   1.000 16.62997 ? 131 LYS A C   1 
ATOM   1001 O O   . LYS A 1 133 ? -1.72664  6.78097   6.92053   1.000 16.74621 ? 131 LYS A O   1 
ATOM   1002 C CB  . LYS A 1 133 ? -0.98719  9.53630   5.39457   1.000 15.81428 ? 131 LYS A CB  1 
ATOM   1003 C CG  . LYS A 1 133 ? 0.45009   10.05639  5.55193   1.000 21.23985 ? 131 LYS A CG  1 
ATOM   1004 N N   . VAL A 1 134 ? 0.47472   6.84255   6.44902   1.000 15.80814 ? 132 VAL A N   1 
ATOM   1005 C CA  . VAL A 1 134 ? 0.81786   6.13325   7.66474   1.000 15.60254 ? 132 VAL A CA  1 
ATOM   1006 C C   . VAL A 1 134 ? 0.42478   6.97578   8.86417   1.000 18.36540 ? 132 VAL A C   1 
ATOM   1007 O O   . VAL A 1 134 ? 0.76879   8.16690   8.95121   1.000 18.21040 ? 132 VAL A O   1 
ATOM   1008 C CB  . VAL A 1 134 ? 2.32016   5.83418   7.69741   1.000 15.43647 ? 132 VAL A CB  1 
ATOM   1009 C CG1 . VAL A 1 134 ? 2.74707   5.31553   9.10066   1.000 16.08862 ? 132 VAL A CG1 1 
ATOM   1010 C CG2 . VAL A 1 134 ? 2.65272   4.81047   6.59622   1.000 17.20185 ? 132 VAL A CG2 1 
ATOM   1011 N N   . LYS A 1 135 ? -0.27618  6.35203   9.80517   1.000 15.00119 ? 133 LYS A N   1 
ATOM   1012 C CA  . LYS A 1 135 ? -0.69603  6.99978   11.04148  1.000 17.05075 ? 133 LYS A CA  1 
ATOM   1013 C C   . LYS A 1 135 ? 0.28717   6.69336   12.16324  1.000 21.49514 ? 133 LYS A C   1 
ATOM   1014 O O   . LYS A 1 135 ? 0.87039   7.60281   12.75952  1.000 23.67511 ? 133 LYS A O   1 
ATOM   1015 C CB  . LYS A 1 135 ? -2.11273  6.51701   11.38653  1.000 20.16683 ? 133 LYS A CB  1 
ATOM   1016 C CG  . LYS A 1 135 ? -2.70508  7.06854   12.67490  1.000 27.42713 ? 133 LYS A CG  1 
ATOM   1017 N N   . GLU A 1 136 ? 0.48641   5.40894   12.45666  1.000 18.15015 ? 134 GLU A N   1 
ATOM   1018 C CA  . GLU A 1 136 ? 1.47275   4.99253   13.45005  1.000 17.49931 ? 134 GLU A CA  1 
ATOM   1019 C C   . GLU A 1 136 ? 2.37276   3.94663   12.81486  1.000 16.83782 ? 134 GLU A C   1 
ATOM   1020 O O   . GLU A 1 136 ? 1.97029   3.24048   11.88256  1.000 17.36716 ? 134 GLU A O   1 
ATOM   1021 C CB  . GLU A 1 136 ? 0.80776   4.43017   14.70448  1.000 24.44121 ? 134 GLU A CB  1 
ATOM   1022 C CG  . GLU A 1 136 ? 0.02456   5.47764   15.49855  1.000 23.15321 ? 134 GLU A CG  1 
ATOM   1023 C CD  . GLU A 1 136 ? -0.54744  4.90136   16.78530  1.000 30.92379 ? 134 GLU A CD  1 
ATOM   1024 O OE1 . GLU A 1 136 ? -0.03918  5.21475   17.89554  1.000 28.29926 ? 134 GLU A OE1 1 
ATOM   1025 O OE2 . GLU A 1 136 ? -1.50896  4.12217   16.67944  1.000 29.04964 ? 134 GLU A OE2 1 
ATOM   1026 N N   . GLY A 1 137 ? 3.59522   3.83702   13.32376  1.000 14.63309 ? 135 GLY A N   1 
ATOM   1027 C CA  . GLY A 1 137 ? 4.48482   2.80362   12.84932  1.000 16.50009 ? 135 GLY A CA  1 
ATOM   1028 C C   . GLY A 1 137 ? 5.35660   3.18489   11.68200  1.000 18.27800 ? 135 GLY A C   1 
ATOM   1029 O O   . GLY A 1 137 ? 5.82613   2.29291   10.96613  1.000 15.07144 ? 135 GLY A O   1 
ATOM   1030 N N   . MET A 1 138 ? 5.62299   4.46935   11.48374  1.000 17.12905 ? 136 MET A N   1 
ATOM   1031 C CA  . MET A 1 138 ? 6.61229   4.80778   10.47464  1.000 19.78732 ? 136 MET A CA  1 
ATOM   1032 C C   . MET A 1 138 ? 7.96751   4.20901   10.82494  1.000 18.18529 ? 136 MET A C   1 
ATOM   1033 O O   . MET A 1 138 ? 8.75825   3.91052   9.92659   1.000 16.67308 ? 136 MET A O   1 
ATOM   1034 C CB  . MET A 1 138 ? 6.68630   6.32913   10.30036  1.000 22.08042 ? 136 MET A CB  1 
ATOM   1035 C CG  . MET A 1 138 ? 7.36195   6.74191   9.03319   1.000 25.30966 ? 136 MET A CG  1 
ATOM   1036 S SD  . MET A 1 138 ? 6.40129   6.31682   7.54043   1.000 22.67558 ? 136 MET A SD  1 
ATOM   1037 C CE  . MET A 1 138 ? 7.80369   6.46487   6.40158   1.000 23.76345 ? 136 MET A CE  1 
ATOM   1038 N N   . ASN A 1 139 ? 8.24133   3.98261   12.12334  1.000 16.21787 ? 137 ASN A N   1 
ATOM   1039 C CA  . ASN A 1 139 ? 9.46418   3.29372   12.49825  1.000 16.21443 ? 137 ASN A CA  1 
ATOM   1040 C C   . ASN A 1 139 ? 9.51054   1.88379   11.90707  1.000 13.96949 ? 137 ASN A C   1 
ATOM   1041 O O   . ASN A 1 139 ? 10.59843  1.38718   11.56240  1.000 16.01810 ? 137 ASN A O   1 
ATOM   1042 C CB  . ASN A 1 139 ? 9.61385   3.24477   14.03450  1.000 15.82657 ? 137 ASN A CB  1 
ATOM   1043 C CG  . ASN A 1 139 ? 8.42102   2.58698   14.71443  1.000 19.21150 ? 137 ASN A CG  1 
ATOM   1044 O OD1 . ASN A 1 139 ? 7.28425   2.85888   14.37382  1.000 21.62078 ? 137 ASN A OD1 1 
ATOM   1045 N ND2 . ASN A 1 139 ? 8.68578   1.72577   15.68704  1.000 20.93072 ? 137 ASN A ND2 1 
ATOM   1046 N N   . ILE A 1 140 ? 8.35616   1.23725   11.76764  1.000 13.88965 ? 138 ILE A N   1 
ATOM   1047 C CA  . ILE A 1 140 ? 8.33457   -0.11172  11.20236  1.000 15.08619 ? 138 ILE A CA  1 
ATOM   1048 C C   . ILE A 1 140 ? 8.55717   -0.05162  9.70139   1.000 16.27750 ? 138 ILE A C   1 
ATOM   1049 O O   . ILE A 1 140 ? 9.26322   -0.89236  9.13613   1.000 16.11803 ? 138 ILE A O   1 
ATOM   1050 C CB  . ILE A 1 140 ? 7.01606   -0.81513  11.55913  1.000 14.82310 ? 138 ILE A CB  1 
ATOM   1051 C CG1 . ILE A 1 140 ? 6.82257   -0.84052  13.07789  1.000 17.44101 ? 138 ILE A CG1 1 
ATOM   1052 C CG2 . ILE A 1 140 ? 6.97114   -2.22929  10.96597  1.000 13.78070 ? 138 ILE A CG2 1 
ATOM   1053 C CD1 . ILE A 1 140 ? 7.97732   -1.49971  13.85723  1.000 17.75499 ? 138 ILE A CD1 1 
ATOM   1054 N N   . VAL A 1 141 ? 7.97644   0.95495   9.03011   1.000 15.58356 ? 139 VAL A N   1 
ATOM   1055 C CA  . VAL A 1 141 ? 8.25647   1.14936   7.60238   1.000 15.62141 ? 139 VAL A CA  1 
ATOM   1056 C C   . VAL A 1 141 ? 9.74779   1.40121   7.38214   1.000 15.82076 ? 139 VAL A C   1 
ATOM   1057 O O   . VAL A 1 141 ? 10.34297  0.90051   6.42046   1.000 16.12737 ? 139 VAL A O   1 
ATOM   1058 C CB  . VAL A 1 141 ? 7.42167   2.31141   7.04035   1.000 14.82979 ? 139 VAL A CB  1 
ATOM   1059 C CG1 . VAL A 1 141 ? 7.87489   2.61395   5.60106   1.000 15.89826 ? 139 VAL A CG1 1 
ATOM   1060 C CG2 . VAL A 1 141 ? 5.87884   1.99680   7.08998   1.000 14.99745 ? 139 VAL A CG2 1 
ATOM   1061 N N   . GLU A 1 142 ? 10.36625  2.20124   8.25602   1.000 14.50747 ? 140 GLU A N   1 
ATOM   1062 C CA  . GLU A 1 142 ? 11.80472  2.46334   8.13960   1.000 16.60462 ? 140 GLU A CA  1 
ATOM   1063 C C   . GLU A 1 142 ? 12.62310  1.20060   8.38348   1.000 19.96582 ? 140 GLU A C   1 
ATOM   1064 O O   . GLU A 1 142 ? 13.67864  1.01314   7.76260   1.000 17.96882 ? 140 GLU A O   1 
ATOM   1065 C CB  . GLU A 1 142 ? 12.25005  3.57859   9.10735   1.000 20.38135 ? 140 GLU A CB  1 
ATOM   1066 C CG  . GLU A 1 142 ? 11.71306  5.00414   8.74107   1.000 20.34330 ? 140 GLU A CG  1 
ATOM   1067 C CD  . GLU A 1 142 ? 11.66156  5.97975   9.93096   1.000 28.39021 ? 140 GLU A CD  1 
ATOM   1068 O OE1 . GLU A 1 142 ? 11.98600  5.56824   11.07244  1.000 27.14587 ? 140 GLU A OE1 1 
ATOM   1069 O OE2 . GLU A 1 142 ? 11.30427  7.16433   9.73487   1.000 28.21506 ? 140 GLU A OE2 1 
ATOM   1070 N N   . ALA A 1 143 ? 12.16144  0.32247   9.27997   1.000 16.29468 ? 141 ALA A N   1 
ATOM   1071 C CA  . ALA A 1 143 ? 12.84114  -0.95079  9.46867   1.000 18.75216 ? 141 ALA A CA  1 
ATOM   1072 C C   . ALA A 1 143 ? 12.69107  -1.85690  8.24117   1.000 18.16178 ? 141 ALA A C   1 
ATOM   1073 O O   . ALA A 1 143 ? 13.65603  -2.53468  7.84977   1.000 18.57463 ? 141 ALA A O   1 
ATOM   1074 C CB  . ALA A 1 143 ? 12.30423  -1.64412  10.72036  1.000 19.28372 ? 141 ALA A CB  1 
ATOM   1075 N N   . MET A 1 144 ? 11.49965  -1.87539  7.61939   1.000 17.72550 ? 142 MET A N   1 
ATOM   1076 C CA  . MET A 1 144 ? 11.29439  -2.63120  6.36783   1.000 18.29319 ? 142 MET A CA  1 
ATOM   1077 C C   . MET A 1 144 ? 12.22043  -2.14243  5.28054   1.000 19.28403 ? 142 MET A C   1 
ATOM   1078 O O   . MET A 1 144 ? 12.74812  -2.93347  4.48387   1.000 20.84361 ? 142 MET A O   1 
ATOM   1079 C CB  . MET A 1 144 ? 9.86043   -2.46855  5.85638   1.000 17.85855 ? 142 MET A CB  1 
ATOM   1080 C CG  . MET A 1 144 ? 8.85446   -3.10271  6.70237   1.000 21.94033 ? 142 MET A CG  1 
ATOM   1081 S SD  . MET A 1 144 ? 7.20468   -2.43388  6.28726   1.000 20.72854 ? 142 MET A SD  1 
ATOM   1082 C CE  . MET A 1 144 ? 7.12711   -2.62419  4.52971   1.000 22.44416 ? 142 MET A CE  1 
ATOM   1083 N N   . GLU A 1 145 ? 12.38001  -0.82951  5.20850   1.000 18.89392 ? 143 GLU A N   1 
ATOM   1084 C CA  . GLU A 1 145 ? 13.18838  -0.19597  4.17720   1.000 22.63331 ? 143 GLU A CA  1 
ATOM   1085 C C   . GLU A 1 145 ? 14.61218  -0.73906  4.15795   1.000 22.28626 ? 143 GLU A C   1 
ATOM   1086 O O   . GLU A 1 145 ? 15.23920  -0.85025  3.08980   1.000 21.06825 ? 143 GLU A O   1 
ATOM   1087 C CB  . GLU A 1 145 ? 13.17574  1.31730   4.43269   1.000 23.82289 ? 143 GLU A CB  1 
ATOM   1088 C CG  . GLU A 1 145 ? 13.34565  2.17907   3.26079   1.000 24.60891 ? 143 GLU A CG  1 
ATOM   1089 C CD  . GLU A 1 145 ? 13.43529  3.64087   3.63675   1.000 25.54884 ? 143 GLU A CD  1 
ATOM   1090 O OE1 . GLU A 1 145 ? 13.20788  4.02823   4.81479   1.000 27.03099 ? 143 GLU A OE1 1 
ATOM   1091 O OE2 . GLU A 1 145 ? 13.72197  4.42845   2.73613   1.000 25.32808 ? 143 GLU A OE2 1 
ATOM   1092 N N   . ARG A 1 146 ? 15.14754  -1.08712  5.32594   1.000 19.15930 ? 144 ARG A N   1 
ATOM   1093 C CA  . ARG A 1 146 ? 16.51573  -1.57447  5.40027   1.000 19.51876 ? 144 ARG A CA  1 
ATOM   1094 C C   . ARG A 1 146 ? 16.70615  -2.91957  4.72835   1.000 22.37882 ? 144 ARG A C   1 
ATOM   1095 O O   . ARG A 1 146 ? 17.84492  -3.33252  4.50845   1.000 19.38746 ? 144 ARG A O   1 
ATOM   1096 C CB  . ARG A 1 146 ? 16.95004  -1.67753  6.86327   1.000 23.68997 ? 144 ARG A CB  1 
ATOM   1097 C CG  . ARG A 1 146 ? 17.39686  -0.34313  7.42400   1.000 28.29209 ? 144 ARG A CG  1 
ATOM   1098 C CD  . ARG A 1 146 ? 17.19434  -0.32583  8.89150   1.000 33.17812 ? 144 ARG A CD  1 
ATOM   1099 N NE  . ARG A 1 146 ? 17.91907  0.76666   9.52643   1.000 42.54106 ? 144 ARG A NE  1 
ATOM   1100 C CZ  . ARG A 1 146 ? 17.35620  1.65342   10.33654  1.000 47.23062 ? 144 ARG A CZ  1 
ATOM   1101 N NH1 . ARG A 1 146 ? 16.04559  1.57798   10.60665  1.000 45.34692 ? 144 ARG A NH1 1 
ATOM   1102 N NH2 . ARG A 1 146 ? 18.11071  2.59815   10.89399  1.000 46.96344 ? 144 ARG A NH2 1 
ATOM   1103 N N   . PHE A 1 147 ? 15.63449  -3.64085  4.45543   1.000 15.36270 ? 145 PHE A N   1 
ATOM   1104 C CA  . PHE A 1 147 ? 15.74357  -4.86556  3.69873   1.000 16.72354 ? 145 PHE A CA  1 
ATOM   1105 C C   . PHE A 1 147 ? 15.56673  -4.66390  2.19579   1.000 19.26324 ? 145 PHE A C   1 
ATOM   1106 O O   . PHE A 1 147 ? 15.53973  -5.65836  1.44440   1.000 18.97370 ? 145 PHE A O   1 
ATOM   1107 C CB  . PHE A 1 147 ? 14.73872  -5.87329  4.22726   1.000 16.50848 ? 145 PHE A CB  1 
ATOM   1108 C CG  . PHE A 1 147 ? 14.96692  -6.21799  5.67604   1.000 19.38306 ? 145 PHE A CG  1 
ATOM   1109 C CD1 . PHE A 1 147 ? 16.00089  -7.06072  6.04720   1.000 20.22158 ? 145 PHE A CD1 1 
ATOM   1110 C CD2 . PHE A 1 147 ? 14.16033  -5.68884  6.66758   1.000 18.06683 ? 145 PHE A CD2 1 
ATOM   1111 C CE1 . PHE A 1 147 ? 16.21469  -7.36093  7.37127   1.000 21.68015 ? 145 PHE A CE1 1 
ATOM   1112 C CE2 . PHE A 1 147 ? 14.39129  -6.00620  7.99191   1.000 19.56798 ? 145 PHE A CE2 1 
ATOM   1113 C CZ  . PHE A 1 147 ? 15.40609  -6.82581  8.33293   1.000 19.82491 ? 145 PHE A CZ  1 
ATOM   1114 N N   . GLY A 1 148 ? 15.42696  -3.41942  1.74337   1.000 18.01856 ? 146 GLY A N   1 
ATOM   1115 C CA  . GLY A 1 148 ? 15.37952  -3.14106  0.31799   1.000 18.27886 ? 146 GLY A CA  1 
ATOM   1116 C C   . GLY A 1 148 ? 16.77053  -2.98760  -0.26293  1.000 18.86257 ? 146 GLY A C   1 
ATOM   1117 O O   . GLY A 1 148 ? 17.78292  -3.22806  0.40180   1.000 18.81141 ? 146 GLY A O   1 
ATOM   1118 N N   . SER A 1 149 ? 16.81006  -2.63045  -1.54962  1.000 17.26165 ? 147 SER A N   1 
ATOM   1119 C CA  . SER A 1 149 ? 18.06725  -2.40622  -2.26113  1.000 19.36746 ? 147 SER A CA  1 
ATOM   1120 C C   . SER A 1 149 ? 17.82856  -1.39862  -3.38158  1.000 16.18203 ? 147 SER A C   1 
ATOM   1121 O O   . SER A 1 149 ? 16.67830  -1.07454  -3.70188  1.000 14.87319 ? 147 SER A O   1 
ATOM   1122 C CB  . SER A 1 149 ? 18.61529  -3.71689  -2.84852  1.000 18.02947 ? 147 SER A CB  1 
ATOM   1123 O OG  . SER A 1 149 ? 17.71408  -4.23858  -3.81596  1.000 18.08679 ? 147 SER A OG  1 
ATOM   1124 N N   . ARG A 1 150 ? 18.92938  -0.90489  -3.98167  1.000 16.96384 ? 148 ARG A N   1 
ATOM   1125 C CA  . ARG A 1 150 ? 18.81886  0.04498   -5.10015  1.000 16.81386 ? 148 ARG A CA  1 
ATOM   1126 C C   . ARG A 1 150 ? 17.88532  -0.46021  -6.18483  1.000 16.55432 ? 148 ARG A C   1 
ATOM   1127 O O   . ARG A 1 150 ? 17.07134  0.31073   -6.70188  1.000 16.27196 ? 148 ARG A O   1 
ATOM   1128 C CB  . ARG A 1 150 ? 20.19179  0.33980   -5.72787  1.000 17.26441 ? 148 ARG A CB  1 
ATOM   1129 C CG  . ARG A 1 150 ? 21.08884  1.20086   -4.86348  1.000 18.96583 ? 148 ARG A CG  1 
ATOM   1130 C CD  . ARG A 1 150 ? 20.51935  2.65074   -4.71962  1.000 20.44177 ? 148 ARG A CD  1 
ATOM   1131 N NE  . ARG A 1 150 ? 20.22780  3.33595   -5.99176  1.000 18.28617 ? 148 ARG A NE  1 
ATOM   1132 C CZ  . ARG A 1 150 ? 21.14843  3.95045   -6.73569  1.000 18.71059 ? 148 ARG A CZ  1 
ATOM   1133 N NH1 . ARG A 1 150 ? 22.44685  3.94733   -6.33917  1.000 17.75329 ? 148 ARG A NH1 1 
ATOM   1134 N NH2 . ARG A 1 150 ? 20.77247  4.55361   -7.86963  1.000 16.24747 ? 148 ARG A NH2 1 
ATOM   1135 N N   . ASN A 1 151 ? 17.98685  -1.74522  -6.55569  1.000 16.59147 ? 149 ASN A N   1 
ATOM   1136 C CA  . ASN A 1 151 ? 17.11263  -2.23465  -7.61913  1.000 16.64375 ? 149 ASN A CA  1 
ATOM   1137 C C   . ASN A 1 151 ? 15.80648  -2.80743  -7.08613  1.000 18.00604 ? 149 ASN A C   1 
ATOM   1138 O O   . ASN A 1 151 ? 14.95528  -3.23342  -7.88001  1.000 18.56706 ? 149 ASN A O   1 
ATOM   1139 C CB  . ASN A 1 151 ? 17.83097  -3.25998  -8.51397  1.000 18.53449 ? 149 ASN A CB  1 
ATOM   1140 C CG  . ASN A 1 151 ? 18.14539  -4.56501  -7.81140  1.000 23.49247 ? 149 ASN A CG  1 
ATOM   1141 O OD1 . ASN A 1 151 ? 17.47474  -4.97341  -6.86307  1.000 22.62634 ? 149 ASN A OD1 1 
ATOM   1142 N ND2 . ASN A 1 151 ? 19.18753  -5.24671  -8.30193  1.000 24.38763 ? 149 ASN A ND2 1 
ATOM   1143 N N   . GLY A 1 152 ? 15.59807  -2.78253  -5.79318  1.000 17.23309 ? 150 GLY A N   1 
ATOM   1144 C CA  . GLY A 1 152 ? 14.28186  -3.04384  -5.23046  1.000 15.57161 ? 150 GLY A CA  1 
ATOM   1145 C C   . GLY A 1 152 ? 14.10020  -4.45595  -4.72267  1.000 17.64926 ? 150 GLY A C   1 
ATOM   1146 O O   . GLY A 1 152 ? 13.15417  -4.71081  -3.96883  1.000 17.35654 ? 150 GLY A O   1 
ATOM   1147 N N   . LYS A 1 153 ? 15.00539  -5.36784  -5.07732  1.000 16.59395 ? 151 LYS A N   1 
ATOM   1148 C CA  . LYS A 1 153 ? 14.93693  -6.72640  -4.56894  1.000 17.37447 ? 151 LYS A CA  1 
ATOM   1149 C C   . LYS A 1 153 ? 15.18232  -6.70616  -3.06780  1.000 16.25257 ? 151 LYS A C   1 
ATOM   1150 O O   . LYS A 1 153 ? 16.08726  -6.02144  -2.57914  1.000 17.03311 ? 151 LYS A O   1 
ATOM   1151 C CB  . LYS A 1 153 ? 15.98823  -7.61490  -5.26108  1.000 18.57453 ? 151 LYS A CB  1 
ATOM   1152 C CG  . LYS A 1 153 ? 15.85504  -9.08803  -4.92685  1.000 27.73651 ? 151 LYS A CG  1 
ATOM   1153 N N   . THR A 1 154 ? 14.38669  -7.46772  -2.33078  1.000 17.70751 ? 152 THR A N   1 
ATOM   1154 C CA  . THR A 1 154 ? 14.55571  -7.46652  -0.88857  1.000 16.68650 ? 152 THR A CA  1 
ATOM   1155 C C   . THR A 1 154 ? 15.45465  -8.61680  -0.45532  1.000 20.36472 ? 152 THR A C   1 
ATOM   1156 O O   . THR A 1 154 ? 15.43413  -9.70436  -1.04892  1.000 19.36421 ? 152 THR A O   1 
ATOM   1157 C CB  . THR A 1 154 ? 13.20474  -7.54844  -0.15989  1.000 16.93575 ? 152 THR A CB  1 
ATOM   1158 O OG1 . THR A 1 154 ? 12.54179  -8.76348  -0.51256  1.000 18.51220 ? 152 THR A OG1 1 
ATOM   1159 C CG2 . THR A 1 154 ? 12.32887  -6.37712  -0.59632  1.000 16.54043 ? 152 THR A CG2 1 
ATOM   1160 N N   . SER A 1 155 ? 16.23380  -8.36861  0.60214   1.000 17.41740 ? 153 SER A N   1 
ATOM   1161 C CA  . SER A 1 155 ? 17.19360  -9.35739  1.08223   1.000 19.04617 ? 153 SER A CA  1 
ATOM   1162 C C   . SER A 1 155 ? 16.58798  -10.34814 2.06565   1.000 22.82615 ? 153 SER A C   1 
ATOM   1163 O O   . SER A 1 155 ? 17.19826  -11.39470 2.33219   1.000 18.35626 ? 153 SER A O   1 
ATOM   1164 C CB  . SER A 1 155 ? 18.36504  -8.66030  1.72008   1.000 19.89845 ? 153 SER A CB  1 
ATOM   1165 O OG  . SER A 1 155 ? 17.88963  -7.90505  2.81400   1.000 23.19204 ? 153 SER A OG  1 
ATOM   1166 N N   . LYS A 1 156 ? 15.40070  -10.05276 2.58579   1.000 18.72231 ? 154 LYS A N   1 
ATOM   1167 C CA  . LYS A 1 156 ? 14.59413  -10.99560 3.34403   1.000 19.04307 ? 154 LYS A CA  1 
ATOM   1168 C C   . LYS A 1 156 ? 13.15267  -10.81991 2.88737   1.000 20.18094 ? 154 LYS A C   1 
ATOM   1169 O O   . LYS A 1 156 ? 12.78952  -9.76741  2.36301   1.000 21.02964 ? 154 LYS A O   1 
ATOM   1170 C CB  . LYS A 1 156 ? 14.71056  -10.73357 4.84204   1.000 20.01656 ? 154 LYS A CB  1 
ATOM   1171 C CG  . LYS A 1 156 ? 16.10207  -10.99547 5.41558   1.000 21.96564 ? 154 LYS A CG  1 
ATOM   1172 C CD  . LYS A 1 156 ? 15.98186  -11.43558 6.90286   1.000 29.81351 ? 154 LYS A CD  1 
ATOM   1173 C CE  . LYS A 1 156 ? 17.29092  -12.00058 7.44451   1.000 34.89452 ? 154 LYS A CE  1 
ATOM   1174 N NZ  . LYS A 1 156 ? 18.19833  -10.89338 7.78826   1.000 36.93371 ? 154 LYS A NZ  1 
ATOM   1175 N N   . LYS A 1 157 ? 12.31720  -11.83081 3.12479   1.000 17.53660 ? 155 LYS A N   1 
ATOM   1176 C CA  . LYS A 1 157 ? 10.93419  -11.77329 2.65120   1.000 18.52013 ? 155 LYS A CA  1 
ATOM   1177 C C   . LYS A 1 157 ? 10.11248  -10.89657 3.59241   1.000 18.17868 ? 155 LYS A C   1 
ATOM   1178 O O   . LYS A 1 157 ? 10.00685  -11.19407 4.78666   1.000 18.34436 ? 155 LYS A O   1 
ATOM   1179 C CB  . LYS A 1 157 ? 10.36447  -13.18778 2.57429   1.000 19.75882 ? 155 LYS A CB  1 
ATOM   1180 C CG  . LYS A 1 157 ? 8.96061   -13.24275 1.99716   1.000 28.75502 ? 155 LYS A CG  1 
ATOM   1181 C CD  . LYS A 1 157 ? 9.01808   -13.13025 0.49465   1.000 29.93796 ? 155 LYS A CD  1 
ATOM   1182 C CE  . LYS A 1 157 ? 7.78369   -13.72547 -0.15254  1.000 31.11762 ? 155 LYS A CE  1 
ATOM   1183 N NZ  . LYS A 1 157 ? 7.95882   -13.61037 -1.61472  1.000 36.18230 ? 155 LYS A NZ  1 
ATOM   1184 N N   . ILE A 1 158 ? 9.50303   -9.84080  3.06814   1.000 16.32914 ? 156 ILE A N   1 
ATOM   1185 C CA  . ILE A 1 158 ? 8.78333   -8.87149  3.90414   1.000 16.72157 ? 156 ILE A CA  1 
ATOM   1186 C C   . ILE A 1 158 ? 7.30935   -9.12809  3.67624   1.000 16.76149 ? 156 ILE A C   1 
ATOM   1187 O O   . ILE A 1 158 ? 6.81245   -8.89214  2.57468   1.000 18.12812 ? 156 ILE A O   1 
ATOM   1188 C CB  . ILE A 1 158 ? 9.16580   -7.42234  3.55099   1.000 15.57302 ? 156 ILE A CB  1 
ATOM   1189 C CG1 . ILE A 1 158 ? 10.69702  -7.21210  3.56404   1.000 15.79498 ? 156 ILE A CG1 1 
ATOM   1190 C CG2 . ILE A 1 158 ? 8.48376   -6.42864  4.46237   1.000 14.95102 ? 156 ILE A CG2 1 
ATOM   1191 C CD1 . ILE A 1 158 ? 11.39381  -7.61328  4.86034   1.000 17.72665 ? 156 ILE A CD1 1 
ATOM   1192 N N   . THR A 1 159 ? 6.59128   -9.62055  4.69008   1.000 13.58110 ? 157 THR A N   1 
ATOM   1193 C CA  . THR A 1 159 ? 5.20681   -10.02328 4.48655   1.000 15.35910 ? 157 THR A CA  1 
ATOM   1194 C C   . THR A 1 159 ? 4.24129   -9.26301  5.38874   1.000 16.29515 ? 157 THR A C   1 
ATOM   1195 O O   . THR A 1 159 ? 4.61182   -8.71878  6.43450   1.000 15.94224 ? 157 THR A O   1 
ATOM   1196 C CB  . THR A 1 159 ? 5.00832   -11.51866 4.72979   1.000 16.77940 ? 157 THR A CB  1 
ATOM   1197 O OG1 . THR A 1 159 ? 5.43775   -11.81405 6.06939   1.000 17.41448 ? 157 THR A OG1 1 
ATOM   1198 C CG2 . THR A 1 159 ? 5.80745   -12.31619 3.66802   1.000 18.26622 ? 157 THR A CG2 1 
ATOM   1199 N N   . ILE A 1 160 ? 2.99320   -9.21642  4.92097   1.000 12.83435 ? 158 ILE A N   1 
ATOM   1200 C CA  . ILE A 1 160 ? 1.84095   -8.77397  5.72431   1.000 13.89429 ? 158 ILE A CA  1 
ATOM   1201 C C   . ILE A 1 160 ? 1.31387   -10.03235 6.40738   1.000 15.69317 ? 158 ILE A C   1 
ATOM   1202 O O   . ILE A 1 160 ? 0.51933   -10.78285 5.84540   1.000 17.32731 ? 158 ILE A O   1 
ATOM   1203 C CB  . ILE A 1 160 ? 0.78300   -8.10743  4.85819   1.000 14.41420 ? 158 ILE A CB  1 
ATOM   1204 C CG1 . ILE A 1 160 ? 1.43265   -6.98405  4.04610   1.000 15.58718 ? 158 ILE A CG1 1 
ATOM   1205 C CG2 . ILE A 1 160 ? -0.40512  -7.60384  5.71933   1.000 15.29610 ? 158 ILE A CG2 1 
ATOM   1206 C CD1 . ILE A 1 160 ? 0.40655   -6.21782  3.12626   1.000 14.97533 ? 158 ILE A CD1 1 
ATOM   1207 N N   . ALA A 1 161 ? 1.77377   -10.27707 7.63464   1.000 13.61282 ? 159 ALA A N   1 
ATOM   1208 C CA  . ALA A 1 161 ? 1.37339   -11.48534 8.34404   1.000 15.96296 ? 159 ALA A CA  1 
ATOM   1209 C C   . ALA A 1 161 ? -0.09576  -11.44262 8.73939   1.000 17.80496 ? 159 ALA A C   1 
ATOM   1210 O O   . ALA A 1 161 ? -0.74765  -12.48890 8.79841   1.000 16.80556 ? 159 ALA A O   1 
ATOM   1211 C CB  . ALA A 1 161 ? 2.26861   -11.68099 9.57977   1.000 19.38949 ? 159 ALA A CB  1 
ATOM   1212 N N   . ASP A 1 162 ? -0.63730  -10.25242 8.99870   1.000 17.97879 ? 160 ASP A N   1 
ATOM   1213 C CA  . ASP A 1 162 ? -2.04299  -10.07633 9.34696   1.000 17.34551 ? 160 ASP A CA  1 
ATOM   1214 C C   . ASP A 1 162 ? -2.40919  -8.65369  8.96831   1.000 15.44817 ? 160 ASP A C   1 
ATOM   1215 O O   . ASP A 1 162 ? -1.53685  -7.78683  8.86120   1.000 14.68612 ? 160 ASP A O   1 
ATOM   1216 C CB  . ASP A 1 162 ? -2.29660  -10.32073 10.84573  1.000 17.63784 ? 160 ASP A CB  1 
ATOM   1217 C CG  . ASP A 1 162 ? -3.77871  -10.50044 11.16567  1.000 23.58506 ? 160 ASP A CG  1 
ATOM   1218 O OD1 . ASP A 1 162 ? -4.57661  -10.73836 10.23198  1.000 21.16673 ? 160 ASP A OD1 1 
ATOM   1219 O OD2 . ASP A 1 162 ? -4.14423  -10.39067 12.36371  1.000 24.14596 ? 160 ASP A OD2 1 
ATOM   1220 N N   . CYS A 1 163 ? -3.69698  -8.42353  8.71658   1.000 14.99749 ? 161 CYS A N   1 
ATOM   1221 C CA  . CYS A 1 163 ? -4.10877  -7.05667  8.41210   1.000 14.54676 ? 161 CYS A CA  1 
ATOM   1222 C C   . CYS A 1 163 ? -5.59279  -6.95857  8.70390   1.000 16.61787 ? 161 CYS A C   1 
ATOM   1223 O O   . CYS A 1 163 ? -6.28148  -7.97523  8.82980   1.000 18.48174 ? 161 CYS A O   1 
ATOM   1224 C CB  . CYS A 1 163 ? -3.81008  -6.64895  6.95228   1.000 13.82966 ? 161 CYS A CB  1 
ATOM   1225 S SG  . CYS A 1 163 ? -4.28091  -7.87936  5.71139   1.000 16.19555 ? 161 CYS A SG  1 
ATOM   1226 N N   . GLY A 1 164 ? -6.07885  -5.72409  8.84078   1.000 16.31467 ? 162 GLY A N   1 
ATOM   1227 C CA  . GLY A 1 164 ? -7.49165  -5.54160  9.13121   1.000 17.67453 ? 162 GLY A CA  1 
ATOM   1228 C C   . GLY A 1 164 ? -7.79628  -4.08875  9.43844   1.000 18.03756 ? 162 GLY A C   1 
ATOM   1229 O O   . GLY A 1 164 ? -6.99019  -3.19436  9.16529   1.000 17.11847 ? 162 GLY A O   1 
ATOM   1230 N N   . GLN A 1 165 ? -8.98212  -3.86748  9.98655   1.000 17.12767 ? 163 GLN A N   1 
ATOM   1231 C CA  . GLN A 1 165 ? -9.44607  -2.50982  10.24610  1.000 16.60259 ? 163 GLN A CA  1 
ATOM   1232 C C   . GLN A 1 165 ? -9.47362  -2.22517  11.75051  1.000 19.97665 ? 163 GLN A C   1 
ATOM   1233 O O   . GLN A 1 165 ? -9.81917  -3.09656  12.55596  1.000 23.08534 ? 163 GLN A O   1 
ATOM   1234 C CB  . GLN A 1 165 ? -10.84133 -2.29990  9.62526   1.000 17.37585 ? 163 GLN A CB  1 
ATOM   1235 C CG  . GLN A 1 165 ? -11.31721 -0.92215  9.76036   1.000 19.33063 ? 163 GLN A CG  1 
ATOM   1236 C CD  . GLN A 1 165 ? -12.57777 -0.66492  8.93174   1.000 17.54347 ? 163 GLN A CD  1 
ATOM   1237 O OE1 . GLN A 1 165 ? -13.09933 -1.57437  8.26976   1.000 18.68772 ? 163 GLN A OE1 1 
ATOM   1238 N NE2 . GLN A 1 165 ? -13.08082 0.56977   8.99154   1.000 18.36335 ? 163 GLN A NE2 1 
ATOM   1239 N N   . LEU A 1 166 ? -9.10150  -1.01147  12.14168  1.000 16.11558 ? 164 LEU A N   1 
ATOM   1240 C CA  . LEU A 1 166 ? -9.21052  -0.61817  13.54364  1.000 20.16244 ? 164 LEU A CA  1 
ATOM   1241 C C   . LEU A 1 166 ? -10.41094 0.31377   13.73612  1.000 24.62140 ? 164 LEU A C   1 
ATOM   1242 O O   . LEU A 1 166 ? -10.94244 0.37477   14.87142  1.000 28.94297 ? 164 LEU A O   1 
ATOM   1243 C CB  . LEU A 1 166 ? -7.92454  0.07446   14.02338  1.000 19.92369 ? 164 LEU A CB  1 
ATOM   1244 C CG  . LEU A 1 166 ? -6.65868  -0.80307  13.92412  1.000 23.43919 ? 164 LEU A CG  1 
ATOM   1245 C CD1 . LEU A 1 166 ? -5.43929  0.00725   14.24588  1.000 24.29741 ? 164 LEU A CD1 1 
ATOM   1246 C CD2 . LEU A 1 166 ? -6.79050  -2.05138  14.81718  1.000 26.82479 ? 164 LEU A CD2 1 
HETATM 1247 C C01 . UOJ B 2 .   ? 1.89986   -2.94632  -11.38696 1.000 15.42890 ? 400 UOJ A C01 1 
HETATM 1248 C C02 . UOJ B 2 .   ? 0.69114   -3.62488  -12.08306 1.000 17.29874 ? 400 UOJ A C02 1 
HETATM 1249 C C03 . UOJ B 2 .   ? 0.90758   -2.06535  -10.57961 1.000 15.35513 ? 400 UOJ A C03 1 
HETATM 1250 C C04 . UOJ B 2 .   ? 4.89204   -3.80470  -14.95676 1.000 22.84109 ? 400 UOJ A C04 1 
HETATM 1251 C C05 . UOJ B 2 .   ? 11.40219  -1.16741  -11.00938 1.000 17.43931 ? 400 UOJ A C05 1 
HETATM 1252 C C06 . UOJ B 2 .   ? 11.61552  0.14242   -10.55190 1.000 14.28827 ? 400 UOJ A C06 1 
HETATM 1253 C C07 . UOJ B 2 .   ? 10.70004  1.13022   -10.94354 1.000 16.55813 ? 400 UOJ A C07 1 
HETATM 1254 C C09 . UOJ B 2 .   ? 6.91994   3.52042   -7.59401  1.000 15.59956 ? 400 UOJ A C09 1 
HETATM 1255 C C10 . UOJ B 2 .   ? 5.46639   3.97798   -7.57860  1.000 14.07467 ? 400 UOJ A C10 1 
HETATM 1256 C C11 . UOJ B 2 .   ? 4.63493   2.69814   -7.74521  1.000 12.96926 ? 400 UOJ A C11 1 
HETATM 1257 C C14 . UOJ B 2 .   ? 7.22104   2.86607   -8.95022  1.000 14.90300 ? 400 UOJ A C14 1 
HETATM 1258 C C15 . UOJ B 2 .   ? 8.65524   2.34105   -9.12227  1.000 16.01176 ? 400 UOJ A C15 1 
HETATM 1259 C C17 . UOJ B 2 .   ? 10.80285  2.57173   -10.48961 1.000 15.06101 ? 400 UOJ A C17 1 
HETATM 1260 C C18 . UOJ B 2 .   ? 4.22322   1.66522   -10.02296 1.000 12.89617 ? 400 UOJ A C18 1 
HETATM 1261 C C19 . UOJ B 2 .   ? 4.82008   0.93516   -11.22294 1.000 15.56784 ? 400 UOJ A C19 1 
HETATM 1262 C C22 . UOJ B 2 .   ? 3.83260   -1.29362  -11.52785 1.000 15.24478 ? 400 UOJ A C22 1 
HETATM 1263 C C23 . UOJ B 2 .   ? 2.79395   -2.11734  -12.29372 1.000 16.81272 ? 400 UOJ A C23 1 
HETATM 1264 C C26 . UOJ B 2 .   ? 3.94739   -2.76417  -14.33349 1.000 23.62044 ? 400 UOJ A C26 1 
HETATM 1265 C C28 . UOJ B 2 .   ? 5.25587   1.92180   -12.31151 1.000 14.23063 ? 400 UOJ A C28 1 
HETATM 1266 C C30 . UOJ B 2 .   ? 6.15454   -3.47937  -14.16204 1.000 23.73479 ? 400 UOJ A C30 1 
HETATM 1267 C C31 . UOJ B 2 .   ? 6.78712   -2.27630  -14.14390 1.000 22.50035 ? 400 UOJ A C31 1 
HETATM 1268 C C32 . UOJ B 2 .   ? 10.27759  -1.49089  -11.77815 1.000 19.51482 ? 400 UOJ A C32 1 
HETATM 1269 C C33 . UOJ B 2 .   ? 9.40306   -0.43273  -12.11839 1.000 16.70874 ? 400 UOJ A C33 1 
HETATM 1270 C C34 . UOJ B 2 .   ? 8.27481   -0.72234  -12.89173 1.000 20.06429 ? 400 UOJ A C34 1 
HETATM 1271 C C35 . UOJ B 2 .   ? 7.98406   -2.02864  -13.33529 1.000 21.60758 ? 400 UOJ A C35 1 
HETATM 1272 C C36 . UOJ B 2 .   ? 8.85244   -3.06617  -12.98993 1.000 24.11650 ? 400 UOJ A C36 1 
HETATM 1273 C C37 . UOJ B 2 .   ? 9.99461   -2.80583  -12.21951 1.000 20.29290 ? 400 UOJ A C37 1 
HETATM 1274 C C38 . UOJ B 2 .   ? 11.32058  3.44219   -11.63218 1.000 16.38552 ? 400 UOJ A C38 1 
HETATM 1275 C C39 . UOJ B 2 .   ? 4.51694   -5.27038  -14.67612 1.000 21.49693 ? 400 UOJ A C39 1 
HETATM 1276 C C40 . UOJ B 2 .   ? 4.99053   -3.51837  -16.46509 1.000 26.92711 ? 400 UOJ A C40 1 
HETATM 1277 C C41 . UOJ B 2 .   ? -0.21992  -2.51510  -11.54328 1.000 21.03294 ? 400 UOJ A C41 1 
HETATM 1278 N N08 . UOJ B 2 .   ? 9.63637   0.84648   -11.75387 1.000 18.73870 ? 400 UOJ A N08 1 
HETATM 1279 N N12 . UOJ B 2 .   ? 5.02736   1.98965   -8.96175  1.000 13.36133 ? 400 UOJ A N12 1 
HETATM 1280 N N13 . UOJ B 2 .   ? 6.40103   1.63076   -9.07062  1.000 13.65344 ? 400 UOJ A N13 1 
HETATM 1281 N N16 . UOJ B 2 .   ? 9.41537   2.97808   -10.09319 1.000 13.86110 ? 400 UOJ A N16 1 
HETATM 1282 N N21 . UOJ B 2 .   ? 3.83072   0.03976   -11.81488 1.000 14.54363 ? 400 UOJ A N21 1 
HETATM 1283 O O20 . UOJ B 2 .   ? 3.01460   1.94806   -10.02133 1.000 14.58293 ? 400 UOJ A O20 1 
HETATM 1284 O O24 . UOJ B 2 .   ? 4.63960   -1.78459  -10.73945 1.000 18.90271 ? 400 UOJ A O24 1 
HETATM 1285 O O25 . UOJ B 2 .   ? 3.63803   -3.06515  -13.03142 1.000 20.51431 ? 400 UOJ A O25 1 
HETATM 1286 O O27 . UOJ B 2 .   ? 3.55204   -1.76140  -14.93337 1.000 22.34429 ? 400 UOJ A O27 1 
HETATM 1287 O O29 . UOJ B 2 .   ? 9.06107   1.39580   -8.46195  1.000 16.29634 ? 400 UOJ A O29 1 
HETATM 1288 O O   . HOH C 3 .   ? 0.41480   15.34287  2.82879   1.000 30.54127 ? 501 HOH A O   1 
HETATM 1289 O O   . HOH C 3 .   ? 3.63483   14.82093  3.89231   1.000 27.94899 ? 502 HOH A O   1 
HETATM 1290 O O   . HOH C 3 .   ? 13.36223  -5.12346  -8.12770  1.000 30.79204 ? 503 HOH A O   1 
HETATM 1291 O O   . HOH C 3 .   ? -2.71547  -9.56243  14.22309  1.000 31.28123 ? 504 HOH A O   1 
HETATM 1292 O O   . HOH C 3 .   ? 11.66734  6.29039   13.43109  1.000 33.08664 ? 505 HOH A O   1 
HETATM 1293 O O   . HOH C 3 .   ? 2.03526   18.61407  -7.46373  1.000 29.91185 ? 506 HOH A O   1 
HETATM 1294 O O   . HOH C 3 .   ? 12.51075  13.05562  -2.77337  1.000 27.30149 ? 507 HOH A O   1 
HETATM 1295 O O   . HOH C 3 .   ? 3.67912   -0.42949  -17.10812 1.000 24.62776 ? 508 HOH A O   1 
HETATM 1296 O O   . HOH C 3 .   ? -5.29504  -5.40952  -11.68849 1.000 30.32139 ? 509 HOH A O   1 
HETATM 1297 O O   . HOH C 3 .   ? -2.67815  3.16421   18.75681  1.000 26.41709 ? 510 HOH A O   1 
HETATM 1298 O O   . HOH C 3 .   ? 15.98496  9.52579   -1.82290  1.000 25.91371 ? 511 HOH A O   1 
HETATM 1299 O O   . HOH C 3 .   ? 4.22321   -13.85724 7.06022   1.000 25.76375 ? 512 HOH A O   1 
HETATM 1300 O O   . HOH C 3 .   ? 11.81511  15.15066  -4.36931  1.000 33.23266 ? 513 HOH A O   1 
HETATM 1301 O O   . HOH C 3 .   ? 0.67163   7.58360   18.62304  1.000 26.52395 ? 514 HOH A O   1 
HETATM 1302 O O   . HOH C 3 .   ? -3.19024  -2.71257  -13.47482 1.000 33.79196 ? 515 HOH A O   1 
HETATM 1303 O O   . HOH C 3 .   ? 5.42829   13.08799  5.17920   1.000 29.44546 ? 516 HOH A O   1 
HETATM 1304 O O   . HOH C 3 .   ? -17.64855 -2.42127  -0.37194  1.000 27.78085 ? 517 HOH A O   1 
HETATM 1305 O O   . HOH C 3 .   ? -15.06965 0.81891   -11.61099 1.000 29.00349 ? 518 HOH A O   1 
HETATM 1306 O O   . HOH C 3 .   ? -1.09745  14.39742  0.34845   1.000 26.30236 ? 519 HOH A O   1 
HETATM 1307 O O   . HOH C 3 .   ? -6.77026  -12.25330 10.02723  1.000 32.77177 ? 520 HOH A O   1 
HETATM 1308 O O   . HOH C 3 .   ? -15.26903 9.89544   -5.70415  1.000 27.45403 ? 521 HOH A O   1 
HETATM 1309 O O   . HOH C 3 .   ? 18.35172  3.41587   -2.28363  1.000 26.94222 ? 522 HOH A O   1 
HETATM 1310 O O   . HOH C 3 .   ? 9.91827   -5.69485  -9.06675  1.000 31.02722 ? 523 HOH A O   1 
HETATM 1311 O O   . HOH C 3 .   ? -7.58282  13.56076  7.28818   1.000 32.38689 ? 524 HOH A O   1 
HETATM 1312 O O   . HOH C 3 .   ? -3.36781  5.46915   -9.67814  1.000 17.26825 ? 525 HOH A O   1 
HETATM 1313 O O   . HOH C 3 .   ? -0.50352  -14.65770 7.29037   1.000 28.10358 ? 526 HOH A O   1 
HETATM 1314 O O   . HOH C 3 .   ? -2.82653  -1.09226  -8.35797  1.000 14.94297 ? 527 HOH A O   1 
HETATM 1315 O O   . HOH C 3 .   ? -14.10783 2.91031   3.02680   1.000 19.25672 ? 528 HOH A O   1 
HETATM 1316 O O   . HOH C 3 .   ? -8.66299  14.27133  4.97030   1.000 36.63122 ? 529 HOH A O   1 
HETATM 1317 O O   . HOH C 3 .   ? -16.86272 2.07395   -3.60568  1.000 21.00944 ? 530 HOH A O   1 
HETATM 1318 O O   . HOH C 3 .   ? -3.67308  -12.12521 -11.68935 1.000 31.48857 ? 531 HOH A O   1 
HETATM 1319 O O   . HOH C 3 .   ? -2.72436  7.32478   -13.97245 1.000 15.09768 ? 532 HOH A O   1 
HETATM 1320 O O   . HOH C 3 .   ? 5.67405   -4.18046  -10.05935 1.000 22.31478 ? 533 HOH A O   1 
HETATM 1321 O O   . HOH C 3 .   ? -2.71600  -12.30649 0.16046   1.000 18.07268 ? 534 HOH A O   1 
HETATM 1322 O O   . HOH C 3 .   ? -10.48891 -8.97293  8.92692   1.000 31.52189 ? 535 HOH A O   1 
HETATM 1323 O O   . HOH C 3 .   ? 1.66686   -6.88941  -0.02977  1.000 17.75260 ? 536 HOH A O   1 
HETATM 1324 O O   . HOH C 3 .   ? -7.32360  1.25408   -3.40341  1.000 14.03168 ? 537 HOH A O   1 
HETATM 1325 O O   . HOH C 3 .   ? -12.71765 -7.48410  -14.02741 1.000 26.79335 ? 538 HOH A O   1 
HETATM 1326 O O   . HOH C 3 .   ? -11.71000 -8.29321  0.55681   1.000 19.08980 ? 539 HOH A O   1 
HETATM 1327 O O   . HOH C 3 .   ? 3.21434   -7.73497  -3.68144  1.000 16.88205 ? 540 HOH A O   1 
HETATM 1328 O O   . HOH C 3 .   ? 15.39899  2.88201   6.80993   1.000 28.51374 ? 541 HOH A O   1 
HETATM 1329 O O   . HOH C 3 .   ? -13.85860 -1.59183  -12.39515 1.000 22.55711 ? 542 HOH A O   1 
HETATM 1330 O O   . HOH C 3 .   ? -4.14523  18.33906  -1.85865  1.000 33.50917 ? 543 HOH A O   1 
HETATM 1331 O O   . HOH C 3 .   ? 5.80042   18.33550  0.62380   1.000 35.54616 ? 544 HOH A O   1 
HETATM 1332 O O   . HOH C 3 .   ? -12.12343 -8.45882  -8.74487  1.000 30.76250 ? 545 HOH A O   1 
HETATM 1333 O O   . HOH C 3 .   ? -14.59362 -3.63821  9.26812   1.000 31.51277 ? 546 HOH A O   1 
HETATM 1334 O O   . HOH C 3 .   ? 1.47832   -13.02598 -2.27782  1.000 23.49578 ? 547 HOH A O   1 
HETATM 1335 O O   . HOH C 3 .   ? -13.51174 14.10907  -3.32218  1.000 22.74434 ? 548 HOH A O   1 
HETATM 1336 O O   . HOH C 3 .   ? -3.81956  -8.80471  -12.42069 1.000 30.40510 ? 549 HOH A O   1 
HETATM 1337 O O   . HOH C 3 .   ? -14.72299 4.98367   1.26773   1.000 21.98171 ? 550 HOH A O   1 
HETATM 1338 O O   . HOH C 3 .   ? 13.09268  1.84416   12.62193  1.000 22.86257 ? 551 HOH A O   1 
HETATM 1339 O O   . HOH C 3 .   ? 4.56024   5.54885   -12.90787 1.000 19.20560 ? 552 HOH A O   1 
HETATM 1340 O O   . HOH C 3 .   ? -4.35719  2.45306   -19.62646 1.000 23.51739 ? 553 HOH A O   1 
HETATM 1341 O O   . HOH C 3 .   ? -14.18036 6.94442   -9.48801  1.000 22.91431 ? 554 HOH A O   1 
HETATM 1342 O O   . HOH C 3 .   ? 9.81766   -9.11234  0.28335   1.000 18.11799 ? 555 HOH A O   1 
HETATM 1343 O O   . HOH C 3 .   ? 4.04275   -8.46224  13.10550  1.000 18.39443 ? 556 HOH A O   1 
HETATM 1344 O O   . HOH C 3 .   ? 11.86418  -6.75985  -6.80480  1.000 30.26796 ? 557 HOH A O   1 
HETATM 1345 O O   . HOH C 3 .   ? 17.65225  3.08386   -6.95546  1.000 17.99534 ? 558 HOH A O   1 
HETATM 1346 O O   . HOH C 3 .   ? 15.52876  1.37173   -8.73640  1.000 17.40683 ? 559 HOH A O   1 
HETATM 1347 O O   . HOH C 3 .   ? -4.09162  4.03151   -13.03225 1.000 13.90644 ? 560 HOH A O   1 
HETATM 1348 O O   . HOH C 3 .   ? -7.97841  0.80381   -18.20447 1.000 27.38654 ? 561 HOH A O   1 
HETATM 1349 O O   . HOH C 3 .   ? -3.35641  14.68671  -13.34025 1.000 17.72085 ? 562 HOH A O   1 
HETATM 1350 O O   . HOH C 3 .   ? 8.11088   -12.72396 6.10446   1.000 18.41544 ? 563 HOH A O   1 
HETATM 1351 O O   . HOH C 3 .   ? -4.03597  11.70988  -5.74368  1.000 14.60990 ? 564 HOH A O   1 
HETATM 1352 O O   . HOH C 3 .   ? 3.98040   16.87709  -3.97968  1.000 20.28338 ? 565 HOH A O   1 
HETATM 1353 O O   . HOH C 3 .   ? -2.17898  -14.74395 -14.00443 1.000 22.10853 ? 566 HOH A O   1 
HETATM 1354 O O   . HOH C 3 .   ? 12.13524  13.41527  0.44988   1.000 25.90842 ? 567 HOH A O   1 
HETATM 1355 O O   . HOH C 3 .   ? -17.58619 0.28420   3.37673   1.000 34.84673 ? 568 HOH A O   1 
HETATM 1356 O O   . HOH C 3 .   ? 4.76603   6.67157   12.99472  1.000 25.15141 ? 569 HOH A O   1 
HETATM 1357 O O   . HOH C 3 .   ? -12.06630 11.49086  9.57778   1.000 29.86600 ? 570 HOH A O   1 
HETATM 1358 O O   . HOH C 3 .   ? 18.40712  -7.44845  -1.87647  1.000 29.03662 ? 571 HOH A O   1 
HETATM 1359 O O   . HOH C 3 .   ? -8.51206  -15.51888 -1.23971  1.000 25.72964 ? 572 HOH A O   1 
HETATM 1360 O O   . HOH C 3 .   ? 2.67076   -10.68433 -2.60009  1.000 21.05563 ? 573 HOH A O   1 
HETATM 1361 O O   . HOH C 3 .   ? 9.35535   -8.71630  -8.41797  1.000 34.82193 ? 574 HOH A O   1 
HETATM 1362 O O   . HOH C 3 .   ? 4.83073   -12.79454 -13.91532 1.000 23.72095 ? 575 HOH A O   1 
HETATM 1363 O O   . HOH C 3 .   ? 13.90853  -12.32766 10.46080  1.000 27.90626 ? 576 HOH A O   1 
HETATM 1364 O O   . HOH C 3 .   ? -17.75535 -3.72634  6.05960   1.000 33.78172 ? 577 HOH A O   1 
HETATM 1365 O O   . HOH C 3 .   ? 2.86693   9.59717   7.70741   1.000 32.57327 ? 578 HOH A O   1 
HETATM 1366 O O   . HOH C 3 .   ? -12.67640 8.90875   -12.60784 1.000 26.70201 ? 579 HOH A O   1 
HETATM 1367 O O   . HOH C 3 .   ? -18.17753 -6.02245  1.99631   1.000 30.24294 ? 580 HOH A O   1 
HETATM 1368 O O   . HOH C 3 .   ? -8.29115  5.63350   -8.11983  1.000 14.46832 ? 581 HOH A O   1 
HETATM 1369 O O   . HOH C 3 .   ? 15.53801  -3.37762  9.79997   1.000 21.55330 ? 582 HOH A O   1 
HETATM 1370 O O   . HOH C 3 .   ? -9.71048  8.66506   11.24306  1.000 34.13409 ? 583 HOH A O   1 
HETATM 1371 O O   . HOH C 3 .   ? 11.24976  0.62703   16.21468  1.000 28.14839 ? 584 HOH A O   1 
HETATM 1372 O O   . HOH C 3 .   ? -9.52047  11.23451  10.22882  1.000 27.57238 ? 585 HOH A O   1 
HETATM 1373 O O   . HOH C 3 .   ? -1.26113  12.43693  -7.12180  1.000 14.98656 ? 586 HOH A O   1 
HETATM 1374 O O   . HOH C 3 .   ? -13.43470 12.38145  -7.20067  1.000 21.72000 ? 587 HOH A O   1 
HETATM 1375 O O   . HOH C 3 .   ? -10.97486 8.18728   -14.59390 1.000 21.21778 ? 588 HOH A O   1 
HETATM 1376 O O   . HOH C 3 .   ? 14.55678  4.34783   11.36876  1.000 32.55284 ? 589 HOH A O   1 
HETATM 1377 O O   . HOH C 3 .   ? 21.46469  -1.68291  -2.89413  1.000 24.11143 ? 590 HOH A O   1 
HETATM 1378 O O   . HOH C 3 .   ? -10.56346 -6.20346  10.51939  1.000 20.60700 ? 591 HOH A O   1 
HETATM 1379 O O   . HOH C 3 .   ? 19.70781  -6.02890  -4.84883  1.000 30.94690 ? 592 HOH A O   1 
HETATM 1380 O O   . HOH C 3 .   ? 8.51491   16.02634  2.76792   1.000 31.37897 ? 593 HOH A O   1 
HETATM 1381 O O   . HOH C 3 .   ? -8.05749  5.08682   -19.92411 1.000 18.94366 ? 594 HOH A O   1 
HETATM 1382 O O   . HOH C 3 .   ? 19.02142  -5.34692  1.91757   1.000 30.09577 ? 595 HOH A O   1 
HETATM 1383 O O   . HOH C 3 .   ? -6.36527  11.97155  -4.29093  1.000 14.02236 ? 596 HOH A O   1 
HETATM 1384 O O   . HOH C 3 .   ? -1.77934  -6.53938  -13.18377 1.000 32.22948 ? 597 HOH A O   1 
HETATM 1385 O O   . HOH C 3 .   ? -2.75170  -4.35889  -8.82967  1.000 17.84756 ? 598 HOH A O   1 
HETATM 1386 O O   . HOH C 3 .   ? -11.60623 12.89445  -11.54063 1.000 17.25715 ? 599 HOH A O   1 
HETATM 1387 O O   . HOH C 3 .   ? 11.93772  -8.68087  -3.63317  1.000 21.71431 ? 600 HOH A O   1 
HETATM 1388 O O   . HOH C 3 .   ? -5.48607  -13.48738 1.97459   1.000 26.44714 ? 601 HOH A O   1 
HETATM 1389 O O   . HOH C 3 .   ? -5.98403  9.46252   -15.30495 1.000 18.38365 ? 602 HOH A O   1 
HETATM 1390 O O   . HOH C 3 .   ? -6.69421  -9.55612  3.77450   1.000 17.36426 ? 603 HOH A O   1 
HETATM 1391 O O   . HOH C 3 .   ? 6.09012   -14.84876 -8.17624  1.000 18.06497 ? 604 HOH A O   1 
HETATM 1392 O O   . HOH C 3 .   ? 2.67312   3.60858   -14.30035 1.000 15.51371 ? 605 HOH A O   1 
HETATM 1393 O O   . HOH C 3 .   ? -7.97314  15.82932  -9.35217  1.000 20.33626 ? 606 HOH A O   1 
HETATM 1394 O O   . HOH C 3 .   ? -1.83109  16.99392  -0.90907  1.000 22.35720 ? 607 HOH A O   1 
HETATM 1395 O O   . HOH C 3 .   ? -15.40799 1.72351   7.61089   1.000 28.36013 ? 608 HOH A O   1 
HETATM 1396 O O   . HOH C 3 .   ? -5.90653  -4.90720  16.60182  1.000 35.90456 ? 609 HOH A O   1 
HETATM 1397 O O   . HOH C 3 .   ? -11.59428 -4.49756  -14.77770 1.000 25.30682 ? 610 HOH A O   1 
HETATM 1398 O O   . HOH C 3 .   ? -1.02062  16.88338  -9.66396  1.000 28.42473 ? 611 HOH A O   1 
HETATM 1399 O O   . HOH C 3 .   ? -10.63877 -14.43228 -5.17747  1.000 36.05009 ? 612 HOH A O   1 
HETATM 1400 O O   . HOH C 3 .   ? 1.99267   -13.87268 -16.82506 1.000 35.90046 ? 613 HOH A O   1 
HETATM 1401 O O   . HOH C 3 .   ? -10.02783 -13.08479 2.79693   1.000 34.58121 ? 614 HOH A O   1 
HETATM 1402 O O   . HOH C 3 .   ? 7.27895   5.86962   14.45036  1.000 31.10463 ? 615 HOH A O   1 
HETATM 1403 O O   . HOH C 3 .   ? -1.52338  -1.11009  -19.15843 1.000 31.93070 ? 616 HOH A O   1 
HETATM 1404 O O   . HOH C 3 .   ? 12.81424  -11.76827 -0.49824  1.000 32.17938 ? 617 HOH A O   1 
HETATM 1405 O O   . HOH C 3 .   ? 8.87793   -13.48169 -10.59048 1.000 28.45319 ? 618 HOH A O   1 
HETATM 1406 O O   . HOH C 3 .   ? -5.19259  17.47490  -9.53568  1.000 29.34509 ? 619 HOH A O   1 
HETATM 1407 O O   . HOH C 3 .   ? -17.43380 -4.00425  -4.72020  1.000 32.71451 ? 620 HOH A O   1 
HETATM 1408 O O   . HOH C 3 .   ? -15.79343 -7.69187  -4.40405  1.000 30.28277 ? 621 HOH A O   1 
HETATM 1409 O O   . HOH C 3 .   ? -12.51108 13.46431  7.52602   1.000 35.46999 ? 622 HOH A O   1 
HETATM 1410 O O   . HOH C 3 .   ? 5.59998   11.26654  -1.26122  1.000 19.56549 ? 623 HOH A O   1 
HETATM 1411 O O   . HOH C 3 .   ? -7.32665  -9.85886  6.40210   1.000 23.22690 ? 624 HOH A O   1 
HETATM 1412 O O   . HOH C 3 .   ? -6.47064  -13.47863 -1.46040  1.000 23.14991 ? 625 HOH A O   1 
HETATM 1413 O O   . HOH C 3 .   ? 10.06455  16.30592  -9.87827  1.000 34.75304 ? 626 HOH A O   1 
HETATM 1414 O O   . HOH C 3 .   ? 20.01349  -7.89212  -6.76121  1.000 35.05546 ? 627 HOH A O   1 
HETATM 1415 O O   . HOH C 3 .   ? 5.58117   -17.35813 10.11360  1.000 38.60032 ? 628 HOH A O   1 
HETATM 1416 O O   . HOH C 3 .   ? -17.91590 0.08644   -9.58434  1.000 38.21056 ? 629 HOH A O   1 
HETATM 1417 O O   . HOH C 3 .   ? -9.84517  -1.86815  17.00192  1.000 34.50676 ? 630 HOH A O   1 
HETATM 1418 O O   . HOH C 3 .   ? -12.90804 0.95044   -14.53031 1.000 27.69708 ? 631 HOH A O   1 
HETATM 1419 O O   . HOH C 3 .   ? 15.81209  -1.55793  11.84994  1.000 32.26143 ? 632 HOH A O   1 
HETATM 1420 O O   . HOH C 3 .   ? 9.74278   -10.74350 -1.81007  1.000 31.10762 ? 633 HOH A O   1 
HETATM 1421 O O   . HOH C 3 .   ? -7.64486  -11.97586 2.68796   1.000 25.20861 ? 634 HOH A O   1 
HETATM 1422 O O   . HOH C 3 .   ? 4.25699   -14.59585 9.86865   1.000 35.05932 ? 635 HOH A O   1 
HETATM 1423 O O   . HOH C 3 .   ? -6.42151  -11.13270 -11.02470 1.000 32.71693 ? 636 HOH A O   1 
HETATM 1424 O O   . HOH C 3 .   ? 7.73547   -15.20676 4.87757   1.000 28.60455 ? 637 HOH A O   1 
HETATM 1425 O O   . HOH C 3 .   ? -2.94503  -4.63486  -11.41274 1.000 29.27308 ? 638 HOH A O   1 
HETATM 1426 O O   . HOH C 3 .   ? -10.73646 -16.00275 -8.57415  1.000 34.64583 ? 639 HOH A O   1 
HETATM 1427 O O   . HOH C 3 .   ? 1.09010   -4.29980  -15.89138 1.000 28.48488 ? 640 HOH A O   1 
HETATM 1428 O O   . HOH C 3 .   ? 17.28082  5.04507   3.41564   1.000 35.14584 ? 641 HOH A O   1 
HETATM 1429 O O   . HOH C 3 .   ? 0.47721   -11.14770 12.98683  1.000 35.73739 ? 642 HOH A O   1 
HETATM 1430 O O   . HOH C 3 .   ? -17.44361 -0.81202  6.23974   1.000 34.22993 ? 643 HOH A O   1 
HETATM 1431 O O   . HOH C 3 .   ? 7.02113   -8.03474  17.31217  1.000 34.03475 ? 644 HOH A O   1 
HETATM 1432 O O   . HOH C 3 .   ? 4.29855   -13.19268 12.26755  1.000 34.59341 ? 645 HOH A O   1 
HETATM 1433 O O   . HOH C 3 .   ? -8.31716  -11.78064 7.86908   1.000 32.22929 ? 646 HOH A O   1 
HETATM 1434 O O   . HOH C 3 .   ? -0.72790  -13.89254 -1.08021  1.000 32.61697 ? 647 HOH A O   1 
HETATM 1435 O O   . HOH C 3 .   ? 4.06771   1.91789   -15.93215 1.000 25.04577 ? 648 HOH A O   1 
HETATM 1436 O O   . HOH C 3 .   ? 7.75665   16.94322  -10.64918 1.000 32.59330 ? 649 HOH A O   1 
HETATM 1437 O O   . HOH C 3 .   ? 19.85086  1.56728   -1.15415  1.000 27.37066 ? 650 HOH A O   1 
HETATM 1438 O O   . HOH C 3 .   ? 16.99189  2.36276   4.45159   1.000 29.35726 ? 651 HOH A O   1 
HETATM 1439 O O   . HOH C 3 .   ? -14.04906 14.84594  -5.90796  1.000 25.34458 ? 652 HOH A O   1 
HETATM 1440 O O   . HOH C 3 .   ? -3.25435  16.69121  -11.43878 1.000 20.92812 ? 653 HOH A O   1 
HETATM 1441 O O   . HOH C 3 .   ? 18.85957  0.86250   3.66780   1.000 29.12918 ? 654 HOH A O   1 
HETATM 1442 O O   . HOH C 3 .   ? -16.22801 7.15992   -7.86641  1.000 33.51547 ? 655 HOH A O   1 
HETATM 1443 O O   . HOH C 3 .   ? -13.23157 16.44963  -1.93177  1.000 34.39072 ? 656 HOH A O   1 
HETATM 1444 O O   . HOH C 3 .   ? -18.01686 1.79309   -6.39043  1.000 35.86317 ? 657 HOH A O   1 
HETATM 1445 O O   . HOH C 3 .   ? -2.25626  -15.90031 5.57968   1.000 32.67897 ? 658 HOH A O   1 
HETATM 1446 O O   . HOH C 3 .   ? -0.52358  -14.24237 -17.42887 1.000 31.27883 ? 659 HOH A O   1 
HETATM 1447 O O   . HOH C 3 .   ? 14.16513  11.36440  -4.08206  1.000 25.83718 ? 660 HOH A O   1 
HETATM 1448 O O   . HOH C 3 .   ? 4.27621   17.25888  4.82036   1.000 38.94721 ? 661 HOH A O   1 
HETATM 1449 O O   . HOH C 3 .   ? 20.58197  -6.27324  -0.66736  1.000 29.14672 ? 662 HOH A O   1 
HETATM 1450 O O   . HOH C 3 .   ? -12.84742 14.69882  -9.71053  1.000 23.44333 ? 663 HOH A O   1 
HETATM 1451 O O   . HOH C 3 .   ? 1.61951   -3.54852  -18.32373 1.000 35.70556 ? 664 HOH A O   1 
HETATM 1452 O O   . HOH C 3 .   ? 21.69077  -3.94104  -1.28872  1.000 33.81859 ? 665 HOH A O   1 
HETATM 1453 O O   . HOH C 3 .   ? -16.73866 6.48579   2.11542   1.000 25.93949 ? 666 HOH A O   1 
HETATM 1454 O O   . HOH C 3 .   ? 9.75529   -10.86113 -6.69696  1.000 31.20676 ? 667 HOH A O   1 
HETATM 1455 O O   . HOH C 3 .   ? -15.54259 3.41104   5.35015   1.000 25.44657 ? 668 HOH A O   1 
HETATM 1456 O O   . HOH C 3 .   ? 3.10964   18.92197  -2.80165  1.000 37.34976 ? 669 HOH A O   1 
HETATM 1457 O O   . HOH C 3 .   ? -8.22141  -0.05448  18.45799  1.000 38.23193 ? 670 HOH A O   1 
HETATM 1458 O O   . HOH C 3 .   ? 12.38311  -5.62904  -10.75828 1.000 33.55125 ? 671 HOH A O   1 
HETATM 1459 O O   . HOH C 3 .   ? 22.06174  -8.19420  1.03406   1.000 37.15603 ? 672 HOH A O   1 
HETATM 1460 O O   . HOH C 3 .   ? -8.82582  -13.26624 5.18569   1.000 38.15233 ? 673 HOH A O   1 
HETATM 1461 O O   . HOH C 3 .   ? -10.18747 -5.47500  -17.12289 1.000 37.60504 ? 674 HOH A O   1 
HETATM 1462 O O   . HOH C 3 .   ? -11.01693 16.19967  -8.29883  1.000 28.21836 ? 675 HOH A O   1 
HETATM 1463 O O   . HOH C 3 .   ? 2.93377   -10.99996 13.22556  1.000 27.44911 ? 676 HOH A O   1 
HETATM 1464 O O   . HOH C 3 .   ? 22.46687  2.33355   -1.96402  1.000 33.85620 ? 677 HOH A O   1 
HETATM 1465 O O   . HOH C 3 .   ? 6.19021   -0.53440  -18.66433 1.000 30.07856 ? 678 HOH A O   1 
HETATM 1466 O O   . HOH C 3 .   ? -0.07444  19.11604  -1.17854  1.000 28.01202 ? 679 HOH A O   1 
HETATM 1467 O O   . HOH C 3 .   ? 14.67271  -5.33179  11.62041  1.000 28.18659 ? 680 HOH A O   1 
HETATM 1468 O O   . HOH C 3 .   ? 18.01265  -4.39971  9.37637   1.000 29.07444 ? 681 HOH A O   1 
HETATM 1469 O O   . HOH C 3 .   ? -1.55992  -4.24040  -14.98259 1.000 33.47629 ? 682 HOH A O   1 
HETATM 1470 O O   . HOH C 3 .   ? -19.14633 -0.37082  -6.97468  1.000 35.99444 ? 683 HOH A O   1 
HETATM 1471 O O   . HOH C 3 .   ? 20.01169  2.32051   1.65438   1.000 39.47343 ? 684 HOH A O   1 
HETATM 1472 O O   . HOH C 3 .   ? 6.60548   -2.89242  -20.07779 1.000 40.00476 ? 685 HOH A O   1 
# 
loop_
_pdbx_poly_seq_scheme.asym_id 
_pdbx_poly_seq_scheme.entity_id 
_pdbx_poly_seq_scheme.seq_id 
_pdbx_poly_seq_scheme.mon_id 
_pdbx_poly_seq_scheme.ndb_seq_num 
_pdbx_poly_seq_scheme.pdb_seq_num 
_pdbx_poly_seq_scheme.auth_seq_num 
_pdbx_poly_seq_scheme.pdb_mon_id 
_pdbx_poly_seq_scheme.auth_mon_id 
_pdbx_poly_seq_scheme.pdb_strand_id 
_pdbx_poly_seq_scheme.pdb_ins_code 
_pdbx_poly_seq_scheme.hetero 
A 1 1   GLY 1   -1  ?   ?   ?   A . n 
A 1 2   HIS 2   0   0   HIS HIS A . n 
A 1 3   MET 3   1   1   MET MET A . n 
A 1 4   VAL 4   2   2   VAL VAL A . n 
A 1 5   ASN 5   3   3   ASN ASN A . n 
A 1 6   PRO 6   4   4   PRO PRO A . n 
A 1 7   THR 7   5   5   THR THR A . n 
A 1 8   VAL 8   6   6   VAL VAL A . n 
A 1 9   PHE 9   7   7   PHE PHE A . n 
A 1 10  PHE 10  8   8   PHE PHE A . n 
A 1 11  ASP 11  9   9   ASP ASP A . n 
A 1 12  ILE 12  10  10  ILE ILE A . n 
A 1 13  ALA 13  11  11  ALA ALA A . n 
A 1 14  VAL 14  12  12  VAL VAL A . n 
A 1 15  ASP 15  13  13  ASP ASP A . n 
A 1 16  GLY 16  14  14  GLY GLY A . n 
A 1 17  GLU 17  15  15  GLU GLU A . n 
A 1 18  PRO 18  16  16  PRO PRO A . n 
A 1 19  LEU 19  17  17  LEU LEU A . n 
A 1 20  GLY 20  18  18  GLY GLY A . n 
A 1 21  ARG 21  19  19  ARG ARG A . n 
A 1 22  VAL 22  20  20  VAL VAL A . n 
A 1 23  SER 23  21  21  SER SER A . n 
A 1 24  PHE 24  22  22  PHE PHE A . n 
A 1 25  GLU 25  23  23  GLU GLU A . n 
A 1 26  LEU 26  24  24  LEU LEU A . n 
A 1 27  PHE 27  25  25  PHE PHE A . n 
A 1 28  ALA 28  26  26  ALA ALA A . n 
A 1 29  ASP 29  27  27  ASP ASP A . n 
A 1 30  LYS 30  28  28  LYS LYS A . n 
A 1 31  VAL 31  29  29  VAL VAL A . n 
A 1 32  PRO 32  30  30  PRO PRO A . n 
A 1 33  LYS 33  31  31  LYS LYS A . n 
A 1 34  THR 34  32  32  THR THR A . n 
A 1 35  ALA 35  33  33  ALA ALA A . n 
A 1 36  GLU 36  34  34  GLU GLU A . n 
A 1 37  ASN 37  35  35  ASN ASN A . n 
A 1 38  PHE 38  36  36  PHE PHE A . n 
A 1 39  ARG 39  37  37  ARG ARG A . n 
A 1 40  ALA 40  38  38  ALA ALA A . n 
A 1 41  LEU 41  39  39  LEU LEU A . n 
A 1 42  SER 42  40  40  SER SER A . n 
A 1 43  THR 43  41  41  THR THR A . n 
A 1 44  GLY 44  42  42  GLY GLY A . n 
A 1 45  GLU 45  43  43  GLU GLU A . n 
A 1 46  LYS 46  44  44  LYS LYS A . n 
A 1 47  GLY 47  45  45  GLY GLY A . n 
A 1 48  PHE 48  46  46  PHE PHE A . n 
A 1 49  GLY 49  47  47  GLY GLY A . n 
A 1 50  TYR 50  48  48  TYR TYR A . n 
A 1 51  LYS 51  49  49  LYS LYS A . n 
A 1 52  GLY 52  50  50  GLY GLY A . n 
A 1 53  SER 53  51  51  SER SER A . n 
A 1 54  CYS 54  52  52  CYS CYS A . n 
A 1 55  PHE 55  53  53  PHE PHE A . n 
A 1 56  HIS 56  54  54  HIS HIS A . n 
A 1 57  ARG 57  55  55  ARG ARG A . n 
A 1 58  ILE 58  56  56  ILE ILE A . n 
A 1 59  ILE 59  57  57  ILE ILE A . n 
A 1 60  PRO 60  58  58  PRO PRO A . n 
A 1 61  GLY 61  59  59  GLY GLY A . n 
A 1 62  PHE 62  60  60  PHE PHE A . n 
A 1 63  MET 63  61  61  MET MET A . n 
A 1 64  CYS 64  62  62  CYS CYS A . n 
A 1 65  GLN 65  63  63  GLN GLN A . n 
A 1 66  GLY 66  64  64  GLY GLY A . n 
A 1 67  GLY 67  65  65  GLY GLY A . n 
A 1 68  ASP 68  66  66  ASP ASP A . n 
A 1 69  PHE 69  67  67  PHE PHE A . n 
A 1 70  THR 70  68  68  THR THR A . n 
A 1 71  ARG 71  69  69  ARG ARG A . n 
A 1 72  HIS 72  70  70  HIS HIS A . n 
A 1 73  ASN 73  71  71  ASN ASN A . n 
A 1 74  GLY 74  72  72  GLY GLY A . n 
A 1 75  THR 75  73  73  THR THR A . n 
A 1 76  GLY 76  74  74  GLY GLY A . n 
A 1 77  GLY 77  75  75  GLY GLY A . n 
A 1 78  LYS 78  76  76  LYS LYS A . n 
A 1 79  SER 79  77  77  SER SER A . n 
A 1 80  ILE 80  78  78  ILE ILE A . n 
A 1 81  TYR 81  79  79  TYR TYR A . n 
A 1 82  GLY 82  80  80  GLY GLY A . n 
A 1 83  GLU 83  81  81  GLU GLU A . n 
A 1 84  LYS 84  82  82  LYS LYS A . n 
A 1 85  PHE 85  83  83  PHE PHE A . n 
A 1 86  GLU 86  84  84  GLU GLU A . n 
A 1 87  ASP 87  85  85  ASP ASP A . n 
A 1 88  GLU 88  86  86  GLU GLU A . n 
A 1 89  ASN 89  87  87  ASN ASN A . n 
A 1 90  PHE 90  88  88  PHE PHE A . n 
A 1 91  ILE 91  89  89  ILE ILE A . n 
A 1 92  LEU 92  90  90  LEU LEU A . n 
A 1 93  LYS 93  91  91  LYS LYS A . n 
A 1 94  HIS 94  92  92  HIS HIS A . n 
A 1 95  THR 95  93  93  THR THR A . n 
A 1 96  GLY 96  94  94  GLY GLY A . n 
A 1 97  PRO 97  95  95  PRO PRO A . n 
A 1 98  GLY 98  96  96  GLY GLY A . n 
A 1 99  ILE 99  97  97  ILE ILE A . n 
A 1 100 LEU 100 98  98  LEU LEU A . n 
A 1 101 SER 101 99  99  SER SER A . n 
A 1 102 MET 102 100 100 MET MET A . n 
A 1 103 ALA 103 101 101 ALA ALA A . n 
A 1 104 ASN 104 102 102 ASN ASN A . n 
A 1 105 ALA 105 103 103 ALA ALA A . n 
A 1 106 GLY 106 104 104 GLY GLY A . n 
A 1 107 PRO 107 105 105 PRO PRO A . n 
A 1 108 ASN 108 106 106 ASN ASN A . n 
A 1 109 THR 109 107 107 THR THR A . n 
A 1 110 ASN 110 108 108 ASN ASN A . n 
A 1 111 GLY 111 109 109 GLY GLY A . n 
A 1 112 SER 112 110 110 SER SER A . n 
A 1 113 GLN 113 111 111 GLN GLN A . n 
A 1 114 PHE 114 112 112 PHE PHE A . n 
A 1 115 PHE 115 113 113 PHE PHE A . n 
A 1 116 ILE 116 114 114 ILE ILE A . n 
A 1 117 CYS 117 115 115 CYS CYS A . n 
A 1 118 THR 118 116 116 THR THR A . n 
A 1 119 ALA 119 117 117 ALA ALA A . n 
A 1 120 LYS 120 118 118 LYS LYS A . n 
A 1 121 THR 121 119 119 THR THR A . n 
A 1 122 GLU 122 120 120 GLU GLU A . n 
A 1 123 TRP 123 121 121 TRP TRP A . n 
A 1 124 LEU 124 122 122 LEU LEU A . n 
A 1 125 ASP 125 123 123 ASP ASP A . n 
A 1 126 GLY 126 124 124 GLY GLY A . n 
A 1 127 LYS 127 125 125 LYS LYS A . n 
A 1 128 HIS 128 126 126 HIS HIS A . n 
A 1 129 VAL 129 127 127 VAL VAL A . n 
A 1 130 VAL 130 128 128 VAL VAL A . n 
A 1 131 PHE 131 129 129 PHE PHE A . n 
A 1 132 GLY 132 130 130 GLY GLY A . n 
A 1 133 LYS 133 131 131 LYS LYS A . n 
A 1 134 VAL 134 132 132 VAL VAL A . n 
A 1 135 LYS 135 133 133 LYS LYS A . n 
A 1 136 GLU 136 134 134 GLU GLU A . n 
A 1 137 GLY 137 135 135 GLY GLY A . n 
A 1 138 MET 138 136 136 MET MET A . n 
A 1 139 ASN 139 137 137 ASN ASN A . n 
A 1 140 ILE 140 138 138 ILE ILE A . n 
A 1 141 VAL 141 139 139 VAL VAL A . n 
A 1 142 GLU 142 140 140 GLU GLU A . n 
A 1 143 ALA 143 141 141 ALA ALA A . n 
A 1 144 MET 144 142 142 MET MET A . n 
A 1 145 GLU 145 143 143 GLU GLU A . n 
A 1 146 ARG 146 144 144 ARG ARG A . n 
A 1 147 PHE 147 145 145 PHE PHE A . n 
A 1 148 GLY 148 146 146 GLY GLY A . n 
A 1 149 SER 149 147 147 SER SER A . n 
A 1 150 ARG 150 148 148 ARG ARG A . n 
A 1 151 ASN 151 149 149 ASN ASN A . n 
A 1 152 GLY 152 150 150 GLY GLY A . n 
A 1 153 LYS 153 151 151 LYS LYS A . n 
A 1 154 THR 154 152 152 THR THR A . n 
A 1 155 SER 155 153 153 SER SER A . n 
A 1 156 LYS 156 154 154 LYS LYS A . n 
A 1 157 LYS 157 155 155 LYS LYS A . n 
A 1 158 ILE 158 156 156 ILE ILE A . n 
A 1 159 THR 159 157 157 THR THR A . n 
A 1 160 ILE 160 158 158 ILE ILE A . n 
A 1 161 ALA 161 159 159 ALA ALA A . n 
A 1 162 ASP 162 160 160 ASP ASP A . n 
A 1 163 CYS 163 161 161 CYS CYS A . n 
A 1 164 GLY 164 162 162 GLY GLY A . n 
A 1 165 GLN 165 163 163 GLN GLN A . n 
A 1 166 LEU 166 164 164 LEU LEU A . n 
A 1 167 GLU 167 165 ?   ?   ?   A . n 
# 
loop_
_pdbx_nonpoly_scheme.asym_id 
_pdbx_nonpoly_scheme.entity_id 
_pdbx_nonpoly_scheme.mon_id 
_pdbx_nonpoly_scheme.ndb_seq_num 
_pdbx_nonpoly_scheme.pdb_seq_num 
_pdbx_nonpoly_scheme.auth_seq_num 
_pdbx_nonpoly_scheme.pdb_mon_id 
_pdbx_nonpoly_scheme.auth_mon_id 
_pdbx_nonpoly_scheme.pdb_strand_id 
_pdbx_nonpoly_scheme.pdb_ins_code 
B 2 UOJ 1   400 400 UOJ 171 A . 
C 3 HOH 1   501 139 HOH HOH A . 
C 3 HOH 2   502 70  HOH HOH A . 
C 3 HOH 3   503 202 HOH HOH A . 
C 3 HOH 4   504 117 HOH HOH A . 
C 3 HOH 5   505 108 HOH HOH A . 
C 3 HOH 6   506 118 HOH HOH A . 
C 3 HOH 7   507 67  HOH HOH A . 
C 3 HOH 8   508 64  HOH HOH A . 
C 3 HOH 9   509 41  HOH HOH A . 
C 3 HOH 10  510 76  HOH HOH A . 
C 3 HOH 11  511 114 HOH HOH A . 
C 3 HOH 12  512 45  HOH HOH A . 
C 3 HOH 13  513 243 HOH HOH A . 
C 3 HOH 14  514 65  HOH HOH A . 
C 3 HOH 15  515 141 HOH HOH A . 
C 3 HOH 16  516 121 HOH HOH A . 
C 3 HOH 17  517 51  HOH HOH A . 
C 3 HOH 18  518 122 HOH HOH A . 
C 3 HOH 19  519 62  HOH HOH A . 
C 3 HOH 20  520 147 HOH HOH A . 
C 3 HOH 21  521 49  HOH HOH A . 
C 3 HOH 22  522 120 HOH HOH A . 
C 3 HOH 23  523 222 HOH HOH A . 
C 3 HOH 24  524 101 HOH HOH A . 
C 3 HOH 25  525 14  HOH HOH A . 
C 3 HOH 26  526 106 HOH HOH A . 
C 3 HOH 27  527 9   HOH HOH A . 
C 3 HOH 28  528 19  HOH HOH A . 
C 3 HOH 29  529 254 HOH HOH A . 
C 3 HOH 30  530 48  HOH HOH A . 
C 3 HOH 31  531 129 HOH HOH A . 
C 3 HOH 32  532 8   HOH HOH A . 
C 3 HOH 33  533 47  HOH HOH A . 
C 3 HOH 34  534 33  HOH HOH A . 
C 3 HOH 35  535 66  HOH HOH A . 
C 3 HOH 36  536 16  HOH HOH A . 
C 3 HOH 37  537 155 HOH HOH A . 
C 3 HOH 38  538 234 HOH HOH A . 
C 3 HOH 39  539 4   HOH HOH A . 
C 3 HOH 40  540 18  HOH HOH A . 
C 3 HOH 41  541 157 HOH HOH A . 
C 3 HOH 42  542 30  HOH HOH A . 
C 3 HOH 43  543 183 HOH HOH A . 
C 3 HOH 44  544 102 HOH HOH A . 
C 3 HOH 45  545 131 HOH HOH A . 
C 3 HOH 46  546 176 HOH HOH A . 
C 3 HOH 47  547 38  HOH HOH A . 
C 3 HOH 48  548 26  HOH HOH A . 
C 3 HOH 49  549 132 HOH HOH A . 
C 3 HOH 50  550 31  HOH HOH A . 
C 3 HOH 51  551 71  HOH HOH A . 
C 3 HOH 52  552 13  HOH HOH A . 
C 3 HOH 53  553 63  HOH HOH A . 
C 3 HOH 54  554 57  HOH HOH A . 
C 3 HOH 55  555 12  HOH HOH A . 
C 3 HOH 56  556 21  HOH HOH A . 
C 3 HOH 57  557 209 HOH HOH A . 
C 3 HOH 58  558 156 HOH HOH A . 
C 3 HOH 59  559 10  HOH HOH A . 
C 3 HOH 60  560 1   HOH HOH A . 
C 3 HOH 61  561 55  HOH HOH A . 
C 3 HOH 62  562 5   HOH HOH A . 
C 3 HOH 63  563 15  HOH HOH A . 
C 3 HOH 64  564 6   HOH HOH A . 
C 3 HOH 65  565 34  HOH HOH A . 
C 3 HOH 66  566 24  HOH HOH A . 
C 3 HOH 67  567 75  HOH HOH A . 
C 3 HOH 68  568 144 HOH HOH A . 
C 3 HOH 69  569 159 HOH HOH A . 
C 3 HOH 70  570 160 HOH HOH A . 
C 3 HOH 71  571 164 HOH HOH A . 
C 3 HOH 72  572 229 HOH HOH A . 
C 3 HOH 73  573 60  HOH HOH A . 
C 3 HOH 74  574 125 HOH HOH A . 
C 3 HOH 75  575 42  HOH HOH A . 
C 3 HOH 76  576 97  HOH HOH A . 
C 3 HOH 77  577 190 HOH HOH A . 
C 3 HOH 78  578 145 HOH HOH A . 
C 3 HOH 79  579 81  HOH HOH A . 
C 3 HOH 80  580 80  HOH HOH A . 
C 3 HOH 81  581 2   HOH HOH A . 
C 3 HOH 82  582 11  HOH HOH A . 
C 3 HOH 83  583 79  HOH HOH A . 
C 3 HOH 84  584 107 HOH HOH A . 
C 3 HOH 85  585 89  HOH HOH A . 
C 3 HOH 86  586 17  HOH HOH A . 
C 3 HOH 87  587 39  HOH HOH A . 
C 3 HOH 88  588 28  HOH HOH A . 
C 3 HOH 89  589 146 HOH HOH A . 
C 3 HOH 90  590 54  HOH HOH A . 
C 3 HOH 91  591 23  HOH HOH A . 
C 3 HOH 92  592 87  HOH HOH A . 
C 3 HOH 93  593 210 HOH HOH A . 
C 3 HOH 94  594 22  HOH HOH A . 
C 3 HOH 95  595 246 HOH HOH A . 
C 3 HOH 96  596 20  HOH HOH A . 
C 3 HOH 97  597 177 HOH HOH A . 
C 3 HOH 98  598 25  HOH HOH A . 
C 3 HOH 99  599 29  HOH HOH A . 
C 3 HOH 100 600 50  HOH HOH A . 
C 3 HOH 101 601 61  HOH HOH A . 
C 3 HOH 102 602 32  HOH HOH A . 
C 3 HOH 103 603 3   HOH HOH A . 
C 3 HOH 104 604 36  HOH HOH A . 
C 3 HOH 105 605 7   HOH HOH A . 
C 3 HOH 106 606 46  HOH HOH A . 
C 3 HOH 107 607 37  HOH HOH A . 
C 3 HOH 108 608 73  HOH HOH A . 
C 3 HOH 109 609 165 HOH HOH A . 
C 3 HOH 110 610 228 HOH HOH A . 
C 3 HOH 111 611 77  HOH HOH A . 
C 3 HOH 112 612 85  HOH HOH A . 
C 3 HOH 113 613 216 HOH HOH A . 
C 3 HOH 114 614 127 HOH HOH A . 
C 3 HOH 115 615 112 HOH HOH A . 
C 3 HOH 116 616 175 HOH HOH A . 
C 3 HOH 117 617 103 HOH HOH A . 
C 3 HOH 118 618 58  HOH HOH A . 
C 3 HOH 119 619 115 HOH HOH A . 
C 3 HOH 120 620 166 HOH HOH A . 
C 3 HOH 121 621 187 HOH HOH A . 
C 3 HOH 122 622 163 HOH HOH A . 
C 3 HOH 123 623 56  HOH HOH A . 
C 3 HOH 124 624 69  HOH HOH A . 
C 3 HOH 125 625 43  HOH HOH A . 
C 3 HOH 126 626 195 HOH HOH A . 
C 3 HOH 127 627 184 HOH HOH A . 
C 3 HOH 128 628 186 HOH HOH A . 
C 3 HOH 129 629 136 HOH HOH A . 
C 3 HOH 130 630 247 HOH HOH A . 
C 3 HOH 131 631 95  HOH HOH A . 
C 3 HOH 132 632 98  HOH HOH A . 
C 3 HOH 133 633 93  HOH HOH A . 
C 3 HOH 134 634 68  HOH HOH A . 
C 3 HOH 135 635 124 HOH HOH A . 
C 3 HOH 136 636 215 HOH HOH A . 
C 3 HOH 137 637 92  HOH HOH A . 
C 3 HOH 138 638 123 HOH HOH A . 
C 3 HOH 139 639 169 HOH HOH A . 
C 3 HOH 140 640 105 HOH HOH A . 
C 3 HOH 141 641 212 HOH HOH A . 
C 3 HOH 142 642 241 HOH HOH A . 
C 3 HOH 143 643 198 HOH HOH A . 
C 3 HOH 144 644 272 HOH HOH A . 
C 3 HOH 145 645 99  HOH HOH A . 
C 3 HOH 146 646 135 HOH HOH A . 
C 3 HOH 147 647 185 HOH HOH A . 
C 3 HOH 148 648 72  HOH HOH A . 
C 3 HOH 149 649 237 HOH HOH A . 
C 3 HOH 150 650 134 HOH HOH A . 
C 3 HOH 151 651 171 HOH HOH A . 
C 3 HOH 152 652 82  HOH HOH A . 
C 3 HOH 153 653 44  HOH HOH A . 
C 3 HOH 154 654 170 HOH HOH A . 
C 3 HOH 155 655 236 HOH HOH A . 
C 3 HOH 156 656 128 HOH HOH A . 
C 3 HOH 157 657 224 HOH HOH A . 
C 3 HOH 158 658 189 HOH HOH A . 
C 3 HOH 159 659 109 HOH HOH A . 
C 3 HOH 160 660 53  HOH HOH A . 
C 3 HOH 161 661 174 HOH HOH A . 
C 3 HOH 162 662 143 HOH HOH A . 
C 3 HOH 163 663 52  HOH HOH A . 
C 3 HOH 164 664 277 HOH HOH A . 
C 3 HOH 165 665 154 HOH HOH A . 
C 3 HOH 166 666 104 HOH HOH A . 
C 3 HOH 167 667 83  HOH HOH A . 
C 3 HOH 168 668 35  HOH HOH A . 
C 3 HOH 169 669 110 HOH HOH A . 
C 3 HOH 170 670 204 HOH HOH A . 
C 3 HOH 171 671 161 HOH HOH A . 
C 3 HOH 172 672 182 HOH HOH A . 
C 3 HOH 173 673 203 HOH HOH A . 
C 3 HOH 174 674 230 HOH HOH A . 
C 3 HOH 175 675 59  HOH HOH A . 
C 3 HOH 176 676 40  HOH HOH A . 
C 3 HOH 177 677 199 HOH HOH A . 
C 3 HOH 178 678 151 HOH HOH A . 
C 3 HOH 179 679 126 HOH HOH A . 
C 3 HOH 180 680 205 HOH HOH A . 
C 3 HOH 181 681 86  HOH HOH A . 
C 3 HOH 182 682 173 HOH HOH A . 
C 3 HOH 183 683 162 HOH HOH A . 
C 3 HOH 184 684 84  HOH HOH A . 
C 3 HOH 185 685 178 HOH HOH A . 
# 
_pdbx_struct_assembly.id                   1 
_pdbx_struct_assembly.details              author_and_software_defined_assembly 
_pdbx_struct_assembly.method_details       PISA 
_pdbx_struct_assembly.oligomeric_details   monomeric 
_pdbx_struct_assembly.oligomeric_count     1 
# 
_pdbx_struct_assembly_gen.assembly_id       1 
_pdbx_struct_assembly_gen.oper_expression   1 
_pdbx_struct_assembly_gen.asym_id_list      A,B,C 
# 
loop_
_pdbx_struct_assembly_prop.biol_id 
_pdbx_struct_assembly_prop.type 
_pdbx_struct_assembly_prop.value 
_pdbx_struct_assembly_prop.details 
1 'ABSA (A^2)' 0    ? 
1 MORE         0    ? 
1 'SSA (A^2)'  7460 ? 
# 
_pdbx_struct_oper_list.id                   1 
_pdbx_struct_oper_list.type                 'identity operation' 
_pdbx_struct_oper_list.name                 1_555 
_pdbx_struct_oper_list.symmetry_operation   x,y,z 
_pdbx_struct_oper_list.matrix[1][1]         1.0000000000 
_pdbx_struct_oper_list.matrix[1][2]         0.0000000000 
_pdbx_struct_oper_list.matrix[1][3]         0.0000000000 
_pdbx_struct_oper_list.vector[1]            0.0000000000 
_pdbx_struct_oper_list.matrix[2][1]         0.0000000000 
_pdbx_struct_oper_list.matrix[2][2]         1.0000000000 
_pdbx_struct_oper_list.matrix[2][3]         0.0000000000 
_pdbx_struct_oper_list.vector[2]            0.0000000000 
_pdbx_struct_oper_list.matrix[3][1]         0.0000000000 
_pdbx_struct_oper_list.matrix[3][2]         0.0000000000 
_pdbx_struct_oper_list.matrix[3][3]         1.0000000000 
_pdbx_struct_oper_list.vector[3]            0.0000000000 
# 
loop_
_pdbx_audit_revision_history.ordinal 
_pdbx_audit_revision_history.data_content_type 
_pdbx_audit_revision_history.major_revision 
_pdbx_audit_revision_history.minor_revision 
_pdbx_audit_revision_history.revision_date 
1 'Structure model' 1 0 2020-06-24 
2 'Structure model' 1 1 2020-07-01 
3 'Structure model' 1 2 2020-08-26 
4 'Structure model' 1 3 2023-10-18 
# 
_pdbx_audit_revision_details.ordinal             1 
_pdbx_audit_revision_details.revision_ordinal    1 
_pdbx_audit_revision_details.data_content_type   'Structure model' 
_pdbx_audit_revision_details.provider            repository 
_pdbx_audit_revision_details.type                'Initial release' 
_pdbx_audit_revision_details.description         ? 
_pdbx_audit_revision_details.details             ? 
# 
loop_
_pdbx_audit_revision_group.ordinal 
_pdbx_audit_revision_group.revision_ordinal 
_pdbx_audit_revision_group.data_content_type 
_pdbx_audit_revision_group.group 
1 2 'Structure model' 'Database references'    
2 3 'Structure model' 'Database references'    
3 4 'Structure model' 'Data collection'        
4 4 'Structure model' 'Database references'    
5 4 'Structure model' 'Refinement description' 
# 
loop_
_pdbx_audit_revision_category.ordinal 
_pdbx_audit_revision_category.revision_ordinal 
_pdbx_audit_revision_category.data_content_type 
_pdbx_audit_revision_category.category 
1 2 'Structure model' citation                      
2 3 'Structure model' citation                      
3 3 'Structure model' citation_author               
4 4 'Structure model' chem_comp_atom                
5 4 'Structure model' chem_comp_bond                
6 4 'Structure model' database_2                    
7 4 'Structure model' pdbx_initial_refinement_model 
# 
loop_
_pdbx_audit_revision_item.ordinal 
_pdbx_audit_revision_item.revision_ordinal 
_pdbx_audit_revision_item.data_content_type 
_pdbx_audit_revision_item.item 
1  2 'Structure model' '_citation.country'                   
2  2 'Structure model' '_citation.journal_abbrev'            
3  2 'Structure model' '_citation.journal_id_CSD'            
4  2 'Structure model' '_citation.journal_id_ISSN'           
5  2 'Structure model' '_citation.pdbx_database_id_DOI'      
6  2 'Structure model' '_citation.pdbx_database_id_PubMed'   
7  2 'Structure model' '_citation.title'                     
8  2 'Structure model' '_citation.year'                      
9  3 'Structure model' '_citation.journal_volume'            
10 3 'Structure model' '_citation.page_first'                
11 3 'Structure model' '_citation.page_last'                 
12 3 'Structure model' '_citation_author.identifier_ORCID'   
13 3 'Structure model' '_citation_author.name'               
14 4 'Structure model' '_database_2.pdbx_DOI'                
15 4 'Structure model' '_database_2.pdbx_database_accession' 
# 
loop_
_space_group_symop.id 
_space_group_symop.operation_xyz 
1 x,y,z           
2 x+1/2,-y+1/2,-z 
3 -x,y+1/2,-z+1/2 
4 -x+1/2,-y,z+1/2 
# 
loop_
_software.citation_id 
_software.classification 
_software.compiler_name 
_software.compiler_version 
_software.contact_author 
_software.contact_author_email 
_software.date 
_software.description 
_software.dependencies 
_software.hardware 
_software.language 
_software.location 
_software.mods 
_software.name 
_software.os 
_software.os_version 
_software.type 
_software.version 
_software.pdbx_ordinal 
? refinement       ? ? ? ? ? ? ? ? ? ? ? PHENIX    ? ? ? 1.17.1_3660 1 
? refinement       ? ? ? ? ? ? ? ? ? ? ? PHENIX    ? ? ? 1.17.1_3660 2 
? 'data reduction' ? ? ? ? ? ? ? ? ? ? ? HKL-2000  ? ? ? .           3 
? 'data scaling'   ? ? ? ? ? ? ? ? ? ? ? SCALEPACK ? ? ? .           4 
? phasing          ? ? ? ? ? ? ? ? ? ? ? PHASER    ? ? ? .           5 
# 
_pdbx_entry_details.entry_id                 6X4Q 
_pdbx_entry_details.has_ligand_of_interest   Y 
_pdbx_entry_details.compound_details         ? 
_pdbx_entry_details.source_details           ? 
_pdbx_entry_details.nonpolymer_details       ? 
_pdbx_entry_details.sequence_details         ? 
# 
loop_
_pdbx_validate_torsion.id 
_pdbx_validate_torsion.PDB_model_num 
_pdbx_validate_torsion.auth_comp_id 
_pdbx_validate_torsion.auth_asym_id 
_pdbx_validate_torsion.auth_seq_id 
_pdbx_validate_torsion.PDB_ins_code 
_pdbx_validate_torsion.label_alt_id 
_pdbx_validate_torsion.phi 
_pdbx_validate_torsion.psi 
1 1 PHE A 60 ? ? -144.24 -78.49 
2 1 ASN A 71 ? ? -141.58 10.57  
# 
_pdbx_validate_chiral.id              1 
_pdbx_validate_chiral.PDB_model_num   1 
_pdbx_validate_chiral.auth_atom_id    N12 
_pdbx_validate_chiral.label_alt_id    ? 
_pdbx_validate_chiral.auth_asym_id    A 
_pdbx_validate_chiral.auth_comp_id    UOJ 
_pdbx_validate_chiral.auth_seq_id     400 
_pdbx_validate_chiral.PDB_ins_code    ? 
_pdbx_validate_chiral.details         PLANAR 
_pdbx_validate_chiral.omega           . 
# 
_pdbx_distant_solvent_atoms.id                                1 
_pdbx_distant_solvent_atoms.PDB_model_num                     1 
_pdbx_distant_solvent_atoms.auth_atom_id                      O 
_pdbx_distant_solvent_atoms.label_alt_id                      ? 
_pdbx_distant_solvent_atoms.auth_asym_id                      A 
_pdbx_distant_solvent_atoms.auth_comp_id                      HOH 
_pdbx_distant_solvent_atoms.auth_seq_id                       685 
_pdbx_distant_solvent_atoms.PDB_ins_code                      ? 
_pdbx_distant_solvent_atoms.neighbor_macromolecule_distance   . 
_pdbx_distant_solvent_atoms.neighbor_ligand_distance          6.09 
# 
loop_
_pdbx_unobs_or_zero_occ_atoms.id 
_pdbx_unobs_or_zero_occ_atoms.PDB_model_num 
_pdbx_unobs_or_zero_occ_atoms.polymer_flag 
_pdbx_unobs_or_zero_occ_atoms.occupancy_flag 
_pdbx_unobs_or_zero_occ_atoms.auth_asym_id 
_pdbx_unobs_or_zero_occ_atoms.auth_comp_id 
_pdbx_unobs_or_zero_occ_atoms.auth_seq_id 
_pdbx_unobs_or_zero_occ_atoms.PDB_ins_code 
_pdbx_unobs_or_zero_occ_atoms.auth_atom_id 
_pdbx_unobs_or_zero_occ_atoms.label_alt_id 
_pdbx_unobs_or_zero_occ_atoms.label_asym_id 
_pdbx_unobs_or_zero_occ_atoms.label_comp_id 
_pdbx_unobs_or_zero_occ_atoms.label_seq_id 
_pdbx_unobs_or_zero_occ_atoms.label_atom_id 
1  1 Y 1 A VAL 2   ? CG1 ? A VAL 4   CG1 
2  1 Y 1 A VAL 2   ? CG2 ? A VAL 4   CG2 
3  1 Y 1 A GLU 81  ? CG  ? A GLU 83  CG  
4  1 Y 1 A GLU 81  ? CD  ? A GLU 83  CD  
5  1 Y 1 A GLU 81  ? OE1 ? A GLU 83  OE1 
6  1 Y 1 A GLU 81  ? OE2 ? A GLU 83  OE2 
7  1 Y 1 A LYS 82  ? CD  ? A LYS 84  CD  
8  1 Y 1 A LYS 82  ? CE  ? A LYS 84  CE  
9  1 Y 1 A LYS 82  ? NZ  ? A LYS 84  NZ  
10 1 Y 1 A LYS 125 ? CE  ? A LYS 127 CE  
11 1 Y 1 A LYS 125 ? NZ  ? A LYS 127 NZ  
12 1 Y 1 A LYS 131 ? CD  ? A LYS 133 CD  
13 1 Y 1 A LYS 131 ? CE  ? A LYS 133 CE  
14 1 Y 1 A LYS 131 ? NZ  ? A LYS 133 NZ  
15 1 Y 1 A LYS 133 ? CD  ? A LYS 135 CD  
16 1 Y 1 A LYS 133 ? CE  ? A LYS 135 CE  
17 1 Y 1 A LYS 133 ? NZ  ? A LYS 135 NZ  
18 1 Y 1 A LYS 151 ? CD  ? A LYS 153 CD  
19 1 Y 1 A LYS 151 ? CE  ? A LYS 153 CE  
20 1 Y 1 A LYS 151 ? NZ  ? A LYS 153 NZ  
# 
loop_
_pdbx_unobs_or_zero_occ_residues.id 
_pdbx_unobs_or_zero_occ_residues.PDB_model_num 
_pdbx_unobs_or_zero_occ_residues.polymer_flag 
_pdbx_unobs_or_zero_occ_residues.occupancy_flag 
_pdbx_unobs_or_zero_occ_residues.auth_asym_id 
_pdbx_unobs_or_zero_occ_residues.auth_comp_id 
_pdbx_unobs_or_zero_occ_residues.auth_seq_id 
_pdbx_unobs_or_zero_occ_residues.PDB_ins_code 
_pdbx_unobs_or_zero_occ_residues.label_asym_id 
_pdbx_unobs_or_zero_occ_residues.label_comp_id 
_pdbx_unobs_or_zero_occ_residues.label_seq_id 
1 1 Y 1 A GLY -1  ? A GLY 1   
2 1 Y 1 A GLU 165 ? A GLU 167 
# 
loop_
_chem_comp_atom.comp_id 
_chem_comp_atom.atom_id 
_chem_comp_atom.type_symbol 
_chem_comp_atom.pdbx_aromatic_flag 
_chem_comp_atom.pdbx_stereo_config 
_chem_comp_atom.pdbx_ordinal 
ALA N    N N N 1   
ALA CA   C N S 2   
ALA C    C N N 3   
ALA O    O N N 4   
ALA CB   C N N 5   
ALA OXT  O N N 6   
ALA H    H N N 7   
ALA H2   H N N 8   
ALA HA   H N N 9   
ALA HB1  H N N 10  
ALA HB2  H N N 11  
ALA HB3  H N N 12  
ALA HXT  H N N 13  
ARG N    N N N 14  
ARG CA   C N S 15  
ARG C    C N N 16  
ARG O    O N N 17  
ARG CB   C N N 18  
ARG CG   C N N 19  
ARG CD   C N N 20  
ARG NE   N N N 21  
ARG CZ   C N N 22  
ARG NH1  N N N 23  
ARG NH2  N N N 24  
ARG OXT  O N N 25  
ARG H    H N N 26  
ARG H2   H N N 27  
ARG HA   H N N 28  
ARG HB2  H N N 29  
ARG HB3  H N N 30  
ARG HG2  H N N 31  
ARG HG3  H N N 32  
ARG HD2  H N N 33  
ARG HD3  H N N 34  
ARG HE   H N N 35  
ARG HH11 H N N 36  
ARG HH12 H N N 37  
ARG HH21 H N N 38  
ARG HH22 H N N 39  
ARG HXT  H N N 40  
ASN N    N N N 41  
ASN CA   C N S 42  
ASN C    C N N 43  
ASN O    O N N 44  
ASN CB   C N N 45  
ASN CG   C N N 46  
ASN OD1  O N N 47  
ASN ND2  N N N 48  
ASN OXT  O N N 49  
ASN H    H N N 50  
ASN H2   H N N 51  
ASN HA   H N N 52  
ASN HB2  H N N 53  
ASN HB3  H N N 54  
ASN HD21 H N N 55  
ASN HD22 H N N 56  
ASN HXT  H N N 57  
ASP N    N N N 58  
ASP CA   C N S 59  
ASP C    C N N 60  
ASP O    O N N 61  
ASP CB   C N N 62  
ASP CG   C N N 63  
ASP OD1  O N N 64  
ASP OD2  O N N 65  
ASP OXT  O N N 66  
ASP H    H N N 67  
ASP H2   H N N 68  
ASP HA   H N N 69  
ASP HB2  H N N 70  
ASP HB3  H N N 71  
ASP HD2  H N N 72  
ASP HXT  H N N 73  
CYS N    N N N 74  
CYS CA   C N R 75  
CYS C    C N N 76  
CYS O    O N N 77  
CYS CB   C N N 78  
CYS SG   S N N 79  
CYS OXT  O N N 80  
CYS H    H N N 81  
CYS H2   H N N 82  
CYS HA   H N N 83  
CYS HB2  H N N 84  
CYS HB3  H N N 85  
CYS HG   H N N 86  
CYS HXT  H N N 87  
GLN N    N N N 88  
GLN CA   C N S 89  
GLN C    C N N 90  
GLN O    O N N 91  
GLN CB   C N N 92  
GLN CG   C N N 93  
GLN CD   C N N 94  
GLN OE1  O N N 95  
GLN NE2  N N N 96  
GLN OXT  O N N 97  
GLN H    H N N 98  
GLN H2   H N N 99  
GLN HA   H N N 100 
GLN HB2  H N N 101 
GLN HB3  H N N 102 
GLN HG2  H N N 103 
GLN HG3  H N N 104 
GLN HE21 H N N 105 
GLN HE22 H N N 106 
GLN HXT  H N N 107 
GLU N    N N N 108 
GLU CA   C N S 109 
GLU C    C N N 110 
GLU O    O N N 111 
GLU CB   C N N 112 
GLU CG   C N N 113 
GLU CD   C N N 114 
GLU OE1  O N N 115 
GLU OE2  O N N 116 
GLU OXT  O N N 117 
GLU H    H N N 118 
GLU H2   H N N 119 
GLU HA   H N N 120 
GLU HB2  H N N 121 
GLU HB3  H N N 122 
GLU HG2  H N N 123 
GLU HG3  H N N 124 
GLU HE2  H N N 125 
GLU HXT  H N N 126 
GLY N    N N N 127 
GLY CA   C N N 128 
GLY C    C N N 129 
GLY O    O N N 130 
GLY OXT  O N N 131 
GLY H    H N N 132 
GLY H2   H N N 133 
GLY HA2  H N N 134 
GLY HA3  H N N 135 
GLY HXT  H N N 136 
HIS N    N N N 137 
HIS CA   C N S 138 
HIS C    C N N 139 
HIS O    O N N 140 
HIS CB   C N N 141 
HIS CG   C Y N 142 
HIS ND1  N Y N 143 
HIS CD2  C Y N 144 
HIS CE1  C Y N 145 
HIS NE2  N Y N 146 
HIS OXT  O N N 147 
HIS H    H N N 148 
HIS H2   H N N 149 
HIS HA   H N N 150 
HIS HB2  H N N 151 
HIS HB3  H N N 152 
HIS HD1  H N N 153 
HIS HD2  H N N 154 
HIS HE1  H N N 155 
HIS HE2  H N N 156 
HIS HXT  H N N 157 
HOH O    O N N 158 
HOH H1   H N N 159 
HOH H2   H N N 160 
ILE N    N N N 161 
ILE CA   C N S 162 
ILE C    C N N 163 
ILE O    O N N 164 
ILE CB   C N S 165 
ILE CG1  C N N 166 
ILE CG2  C N N 167 
ILE CD1  C N N 168 
ILE OXT  O N N 169 
ILE H    H N N 170 
ILE H2   H N N 171 
ILE HA   H N N 172 
ILE HB   H N N 173 
ILE HG12 H N N 174 
ILE HG13 H N N 175 
ILE HG21 H N N 176 
ILE HG22 H N N 177 
ILE HG23 H N N 178 
ILE HD11 H N N 179 
ILE HD12 H N N 180 
ILE HD13 H N N 181 
ILE HXT  H N N 182 
LEU N    N N N 183 
LEU CA   C N S 184 
LEU C    C N N 185 
LEU O    O N N 186 
LEU CB   C N N 187 
LEU CG   C N N 188 
LEU CD1  C N N 189 
LEU CD2  C N N 190 
LEU OXT  O N N 191 
LEU H    H N N 192 
LEU H2   H N N 193 
LEU HA   H N N 194 
LEU HB2  H N N 195 
LEU HB3  H N N 196 
LEU HG   H N N 197 
LEU HD11 H N N 198 
LEU HD12 H N N 199 
LEU HD13 H N N 200 
LEU HD21 H N N 201 
LEU HD22 H N N 202 
LEU HD23 H N N 203 
LEU HXT  H N N 204 
LYS N    N N N 205 
LYS CA   C N S 206 
LYS C    C N N 207 
LYS O    O N N 208 
LYS CB   C N N 209 
LYS CG   C N N 210 
LYS CD   C N N 211 
LYS CE   C N N 212 
LYS NZ   N N N 213 
LYS OXT  O N N 214 
LYS H    H N N 215 
LYS H2   H N N 216 
LYS HA   H N N 217 
LYS HB2  H N N 218 
LYS HB3  H N N 219 
LYS HG2  H N N 220 
LYS HG3  H N N 221 
LYS HD2  H N N 222 
LYS HD3  H N N 223 
LYS HE2  H N N 224 
LYS HE3  H N N 225 
LYS HZ1  H N N 226 
LYS HZ2  H N N 227 
LYS HZ3  H N N 228 
LYS HXT  H N N 229 
MET N    N N N 230 
MET CA   C N S 231 
MET C    C N N 232 
MET O    O N N 233 
MET CB   C N N 234 
MET CG   C N N 235 
MET SD   S N N 236 
MET CE   C N N 237 
MET OXT  O N N 238 
MET H    H N N 239 
MET H2   H N N 240 
MET HA   H N N 241 
MET HB2  H N N 242 
MET HB3  H N N 243 
MET HG2  H N N 244 
MET HG3  H N N 245 
MET HE1  H N N 246 
MET HE2  H N N 247 
MET HE3  H N N 248 
MET HXT  H N N 249 
PHE N    N N N 250 
PHE CA   C N S 251 
PHE C    C N N 252 
PHE O    O N N 253 
PHE CB   C N N 254 
PHE CG   C Y N 255 
PHE CD1  C Y N 256 
PHE CD2  C Y N 257 
PHE CE1  C Y N 258 
PHE CE2  C Y N 259 
PHE CZ   C Y N 260 
PHE OXT  O N N 261 
PHE H    H N N 262 
PHE H2   H N N 263 
PHE HA   H N N 264 
PHE HB2  H N N 265 
PHE HB3  H N N 266 
PHE HD1  H N N 267 
PHE HD2  H N N 268 
PHE HE1  H N N 269 
PHE HE2  H N N 270 
PHE HZ   H N N 271 
PHE HXT  H N N 272 
PRO N    N N N 273 
PRO CA   C N S 274 
PRO C    C N N 275 
PRO O    O N N 276 
PRO CB   C N N 277 
PRO CG   C N N 278 
PRO CD   C N N 279 
PRO OXT  O N N 280 
PRO H    H N N 281 
PRO HA   H N N 282 
PRO HB2  H N N 283 
PRO HB3  H N N 284 
PRO HG2  H N N 285 
PRO HG3  H N N 286 
PRO HD2  H N N 287 
PRO HD3  H N N 288 
PRO HXT  H N N 289 
SER N    N N N 290 
SER CA   C N S 291 
SER C    C N N 292 
SER O    O N N 293 
SER CB   C N N 294 
SER OG   O N N 295 
SER OXT  O N N 296 
SER H    H N N 297 
SER H2   H N N 298 
SER HA   H N N 299 
SER HB2  H N N 300 
SER HB3  H N N 301 
SER HG   H N N 302 
SER HXT  H N N 303 
THR N    N N N 304 
THR CA   C N S 305 
THR C    C N N 306 
THR O    O N N 307 
THR CB   C N R 308 
THR OG1  O N N 309 
THR CG2  C N N 310 
THR OXT  O N N 311 
THR H    H N N 312 
THR H2   H N N 313 
THR HA   H N N 314 
THR HB   H N N 315 
THR HG1  H N N 316 
THR HG21 H N N 317 
THR HG22 H N N 318 
THR HG23 H N N 319 
THR HXT  H N N 320 
TRP N    N N N 321 
TRP CA   C N S 322 
TRP C    C N N 323 
TRP O    O N N 324 
TRP CB   C N N 325 
TRP CG   C Y N 326 
TRP CD1  C Y N 327 
TRP CD2  C Y N 328 
TRP NE1  N Y N 329 
TRP CE2  C Y N 330 
TRP CE3  C Y N 331 
TRP CZ2  C Y N 332 
TRP CZ3  C Y N 333 
TRP CH2  C Y N 334 
TRP OXT  O N N 335 
TRP H    H N N 336 
TRP H2   H N N 337 
TRP HA   H N N 338 
TRP HB2  H N N 339 
TRP HB3  H N N 340 
TRP HD1  H N N 341 
TRP HE1  H N N 342 
TRP HE3  H N N 343 
TRP HZ2  H N N 344 
TRP HZ3  H N N 345 
TRP HH2  H N N 346 
TRP HXT  H N N 347 
TYR N    N N N 348 
TYR CA   C N S 349 
TYR C    C N N 350 
TYR O    O N N 351 
TYR CB   C N N 352 
TYR CG   C Y N 353 
TYR CD1  C Y N 354 
TYR CD2  C Y N 355 
TYR CE1  C Y N 356 
TYR CE2  C Y N 357 
TYR CZ   C Y N 358 
TYR OH   O N N 359 
TYR OXT  O N N 360 
TYR H    H N N 361 
TYR H2   H N N 362 
TYR HA   H N N 363 
TYR HB2  H N N 364 
TYR HB3  H N N 365 
TYR HD1  H N N 366 
TYR HD2  H N N 367 
TYR HE1  H N N 368 
TYR HE2  H N N 369 
TYR HH   H N N 370 
TYR HXT  H N N 371 
UOJ C01  C N N 372 
UOJ C02  C N N 373 
UOJ C03  C N N 374 
UOJ C04  C N N 375 
UOJ C05  C Y N 376 
UOJ C06  C Y N 377 
UOJ C07  C Y N 378 
UOJ C09  C N N 379 
UOJ C10  C N N 380 
UOJ C11  C N N 381 
UOJ C14  C N S 382 
UOJ C15  C N N 383 
UOJ C17  C N R 384 
UOJ C18  C N N 385 
UOJ C19  C N S 386 
UOJ C22  C N N 387 
UOJ C23  C N S 388 
UOJ C26  C N N 389 
UOJ C28  C N N 390 
UOJ C30  C N N 391 
UOJ C31  C N N 392 
UOJ C32  C Y N 393 
UOJ C33  C Y N 394 
UOJ C34  C Y N 395 
UOJ C35  C Y N 396 
UOJ C36  C Y N 397 
UOJ C37  C Y N 398 
UOJ C38  C N N 399 
UOJ C39  C N N 400 
UOJ C40  C N N 401 
UOJ C41  C N N 402 
UOJ N08  N Y N 403 
UOJ N12  N N S 404 
UOJ N13  N N N 405 
UOJ N16  N N N 406 
UOJ N21  N N N 407 
UOJ O20  O N N 408 
UOJ O24  O N N 409 
UOJ O25  O N N 410 
UOJ O27  O N N 411 
UOJ O29  O N N 412 
UOJ H1   H N N 413 
UOJ H2   H N N 414 
UOJ H3   H N N 415 
UOJ H4   H N N 416 
UOJ H5   H N N 417 
UOJ H6   H N N 418 
UOJ H7   H N N 419 
UOJ H8   H N N 420 
UOJ H9   H N N 421 
UOJ H10  H N N 422 
UOJ H11  H N N 423 
UOJ H12  H N N 424 
UOJ H13  H N N 425 
UOJ H14  H N N 426 
UOJ H15  H N N 427 
UOJ H16  H N N 428 
UOJ H17  H N N 429 
UOJ H18  H N N 430 
UOJ H19  H N N 431 
UOJ H20  H N N 432 
UOJ H21  H N N 433 
UOJ H22  H N N 434 
UOJ H23  H N N 435 
UOJ H24  H N N 436 
UOJ H25  H N N 437 
UOJ H26  H N N 438 
UOJ H27  H N N 439 
UOJ H28  H N N 440 
UOJ H29  H N N 441 
UOJ H30  H N N 442 
UOJ H31  H N N 443 
UOJ H32  H N N 444 
UOJ H33  H N N 445 
UOJ H34  H N N 446 
UOJ H35  H N N 447 
UOJ H36  H N N 448 
UOJ H37  H N N 449 
UOJ H38  H N N 450 
UOJ H39  H N N 451 
VAL N    N N N 452 
VAL CA   C N S 453 
VAL C    C N N 454 
VAL O    O N N 455 
VAL CB   C N N 456 
VAL CG1  C N N 457 
VAL CG2  C N N 458 
VAL OXT  O N N 459 
VAL H    H N N 460 
VAL H2   H N N 461 
VAL HA   H N N 462 
VAL HB   H N N 463 
VAL HG11 H N N 464 
VAL HG12 H N N 465 
VAL HG13 H N N 466 
VAL HG21 H N N 467 
VAL HG22 H N N 468 
VAL HG23 H N N 469 
VAL HXT  H N N 470 
# 
loop_
_chem_comp_bond.comp_id 
_chem_comp_bond.atom_id_1 
_chem_comp_bond.atom_id_2 
_chem_comp_bond.value_order 
_chem_comp_bond.pdbx_aromatic_flag 
_chem_comp_bond.pdbx_stereo_config 
_chem_comp_bond.pdbx_ordinal 
ALA N   CA   sing N N 1   
ALA N   H    sing N N 2   
ALA N   H2   sing N N 3   
ALA CA  C    sing N N 4   
ALA CA  CB   sing N N 5   
ALA CA  HA   sing N N 6   
ALA C   O    doub N N 7   
ALA C   OXT  sing N N 8   
ALA CB  HB1  sing N N 9   
ALA CB  HB2  sing N N 10  
ALA CB  HB3  sing N N 11  
ALA OXT HXT  sing N N 12  
ARG N   CA   sing N N 13  
ARG N   H    sing N N 14  
ARG N   H2   sing N N 15  
ARG CA  C    sing N N 16  
ARG CA  CB   sing N N 17  
ARG CA  HA   sing N N 18  
ARG C   O    doub N N 19  
ARG C   OXT  sing N N 20  
ARG CB  CG   sing N N 21  
ARG CB  HB2  sing N N 22  
ARG CB  HB3  sing N N 23  
ARG CG  CD   sing N N 24  
ARG CG  HG2  sing N N 25  
ARG CG  HG3  sing N N 26  
ARG CD  NE   sing N N 27  
ARG CD  HD2  sing N N 28  
ARG CD  HD3  sing N N 29  
ARG NE  CZ   sing N N 30  
ARG NE  HE   sing N N 31  
ARG CZ  NH1  sing N N 32  
ARG CZ  NH2  doub N N 33  
ARG NH1 HH11 sing N N 34  
ARG NH1 HH12 sing N N 35  
ARG NH2 HH21 sing N N 36  
ARG NH2 HH22 sing N N 37  
ARG OXT HXT  sing N N 38  
ASN N   CA   sing N N 39  
ASN N   H    sing N N 40  
ASN N   H2   sing N N 41  
ASN CA  C    sing N N 42  
ASN CA  CB   sing N N 43  
ASN CA  HA   sing N N 44  
ASN C   O    doub N N 45  
ASN C   OXT  sing N N 46  
ASN CB  CG   sing N N 47  
ASN CB  HB2  sing N N 48  
ASN CB  HB3  sing N N 49  
ASN CG  OD1  doub N N 50  
ASN CG  ND2  sing N N 51  
ASN ND2 HD21 sing N N 52  
ASN ND2 HD22 sing N N 53  
ASN OXT HXT  sing N N 54  
ASP N   CA   sing N N 55  
ASP N   H    sing N N 56  
ASP N   H2   sing N N 57  
ASP CA  C    sing N N 58  
ASP CA  CB   sing N N 59  
ASP CA  HA   sing N N 60  
ASP C   O    doub N N 61  
ASP C   OXT  sing N N 62  
ASP CB  CG   sing N N 63  
ASP CB  HB2  sing N N 64  
ASP CB  HB3  sing N N 65  
ASP CG  OD1  doub N N 66  
ASP CG  OD2  sing N N 67  
ASP OD2 HD2  sing N N 68  
ASP OXT HXT  sing N N 69  
CYS N   CA   sing N N 70  
CYS N   H    sing N N 71  
CYS N   H2   sing N N 72  
CYS CA  C    sing N N 73  
CYS CA  CB   sing N N 74  
CYS CA  HA   sing N N 75  
CYS C   O    doub N N 76  
CYS C   OXT  sing N N 77  
CYS CB  SG   sing N N 78  
CYS CB  HB2  sing N N 79  
CYS CB  HB3  sing N N 80  
CYS SG  HG   sing N N 81  
CYS OXT HXT  sing N N 82  
GLN N   CA   sing N N 83  
GLN N   H    sing N N 84  
GLN N   H2   sing N N 85  
GLN CA  C    sing N N 86  
GLN CA  CB   sing N N 87  
GLN CA  HA   sing N N 88  
GLN C   O    doub N N 89  
GLN C   OXT  sing N N 90  
GLN CB  CG   sing N N 91  
GLN CB  HB2  sing N N 92  
GLN CB  HB3  sing N N 93  
GLN CG  CD   sing N N 94  
GLN CG  HG2  sing N N 95  
GLN CG  HG3  sing N N 96  
GLN CD  OE1  doub N N 97  
GLN CD  NE2  sing N N 98  
GLN NE2 HE21 sing N N 99  
GLN NE2 HE22 sing N N 100 
GLN OXT HXT  sing N N 101 
GLU N   CA   sing N N 102 
GLU N   H    sing N N 103 
GLU N   H2   sing N N 104 
GLU CA  C    sing N N 105 
GLU CA  CB   sing N N 106 
GLU CA  HA   sing N N 107 
GLU C   O    doub N N 108 
GLU C   OXT  sing N N 109 
GLU CB  CG   sing N N 110 
GLU CB  HB2  sing N N 111 
GLU CB  HB3  sing N N 112 
GLU CG  CD   sing N N 113 
GLU CG  HG2  sing N N 114 
GLU CG  HG3  sing N N 115 
GLU CD  OE1  doub N N 116 
GLU CD  OE2  sing N N 117 
GLU OE2 HE2  sing N N 118 
GLU OXT HXT  sing N N 119 
GLY N   CA   sing N N 120 
GLY N   H    sing N N 121 
GLY N   H2   sing N N 122 
GLY CA  C    sing N N 123 
GLY CA  HA2  sing N N 124 
GLY CA  HA3  sing N N 125 
GLY C   O    doub N N 126 
GLY C   OXT  sing N N 127 
GLY OXT HXT  sing N N 128 
HIS N   CA   sing N N 129 
HIS N   H    sing N N 130 
HIS N   H2   sing N N 131 
HIS CA  C    sing N N 132 
HIS CA  CB   sing N N 133 
HIS CA  HA   sing N N 134 
HIS C   O    doub N N 135 
HIS C   OXT  sing N N 136 
HIS CB  CG   sing N N 137 
HIS CB  HB2  sing N N 138 
HIS CB  HB3  sing N N 139 
HIS CG  ND1  sing Y N 140 
HIS CG  CD2  doub Y N 141 
HIS ND1 CE1  doub Y N 142 
HIS ND1 HD1  sing N N 143 
HIS CD2 NE2  sing Y N 144 
HIS CD2 HD2  sing N N 145 
HIS CE1 NE2  sing Y N 146 
HIS CE1 HE1  sing N N 147 
HIS NE2 HE2  sing N N 148 
HIS OXT HXT  sing N N 149 
HOH O   H1   sing N N 150 
HOH O   H2   sing N N 151 
ILE N   CA   sing N N 152 
ILE N   H    sing N N 153 
ILE N   H2   sing N N 154 
ILE CA  C    sing N N 155 
ILE CA  CB   sing N N 156 
ILE CA  HA   sing N N 157 
ILE C   O    doub N N 158 
ILE C   OXT  sing N N 159 
ILE CB  CG1  sing N N 160 
ILE CB  CG2  sing N N 161 
ILE CB  HB   sing N N 162 
ILE CG1 CD1  sing N N 163 
ILE CG1 HG12 sing N N 164 
ILE CG1 HG13 sing N N 165 
ILE CG2 HG21 sing N N 166 
ILE CG2 HG22 sing N N 167 
ILE CG2 HG23 sing N N 168 
ILE CD1 HD11 sing N N 169 
ILE CD1 HD12 sing N N 170 
ILE CD1 HD13 sing N N 171 
ILE OXT HXT  sing N N 172 
LEU N   CA   sing N N 173 
LEU N   H    sing N N 174 
LEU N   H2   sing N N 175 
LEU CA  C    sing N N 176 
LEU CA  CB   sing N N 177 
LEU CA  HA   sing N N 178 
LEU C   O    doub N N 179 
LEU C   OXT  sing N N 180 
LEU CB  CG   sing N N 181 
LEU CB  HB2  sing N N 182 
LEU CB  HB3  sing N N 183 
LEU CG  CD1  sing N N 184 
LEU CG  CD2  sing N N 185 
LEU CG  HG   sing N N 186 
LEU CD1 HD11 sing N N 187 
LEU CD1 HD12 sing N N 188 
LEU CD1 HD13 sing N N 189 
LEU CD2 HD21 sing N N 190 
LEU CD2 HD22 sing N N 191 
LEU CD2 HD23 sing N N 192 
LEU OXT HXT  sing N N 193 
LYS N   CA   sing N N 194 
LYS N   H    sing N N 195 
LYS N   H2   sing N N 196 
LYS CA  C    sing N N 197 
LYS CA  CB   sing N N 198 
LYS CA  HA   sing N N 199 
LYS C   O    doub N N 200 
LYS C   OXT  sing N N 201 
LYS CB  CG   sing N N 202 
LYS CB  HB2  sing N N 203 
LYS CB  HB3  sing N N 204 
LYS CG  CD   sing N N 205 
LYS CG  HG2  sing N N 206 
LYS CG  HG3  sing N N 207 
LYS CD  CE   sing N N 208 
LYS CD  HD2  sing N N 209 
LYS CD  HD3  sing N N 210 
LYS CE  NZ   sing N N 211 
LYS CE  HE2  sing N N 212 
LYS CE  HE3  sing N N 213 
LYS NZ  HZ1  sing N N 214 
LYS NZ  HZ2  sing N N 215 
LYS NZ  HZ3  sing N N 216 
LYS OXT HXT  sing N N 217 
MET N   CA   sing N N 218 
MET N   H    sing N N 219 
MET N   H2   sing N N 220 
MET CA  C    sing N N 221 
MET CA  CB   sing N N 222 
MET CA  HA   sing N N 223 
MET C   O    doub N N 224 
MET C   OXT  sing N N 225 
MET CB  CG   sing N N 226 
MET CB  HB2  sing N N 227 
MET CB  HB3  sing N N 228 
MET CG  SD   sing N N 229 
MET CG  HG2  sing N N 230 
MET CG  HG3  sing N N 231 
MET SD  CE   sing N N 232 
MET CE  HE1  sing N N 233 
MET CE  HE2  sing N N 234 
MET CE  HE3  sing N N 235 
MET OXT HXT  sing N N 236 
PHE N   CA   sing N N 237 
PHE N   H    sing N N 238 
PHE N   H2   sing N N 239 
PHE CA  C    sing N N 240 
PHE CA  CB   sing N N 241 
PHE CA  HA   sing N N 242 
PHE C   O    doub N N 243 
PHE C   OXT  sing N N 244 
PHE CB  CG   sing N N 245 
PHE CB  HB2  sing N N 246 
PHE CB  HB3  sing N N 247 
PHE CG  CD1  doub Y N 248 
PHE CG  CD2  sing Y N 249 
PHE CD1 CE1  sing Y N 250 
PHE CD1 HD1  sing N N 251 
PHE CD2 CE2  doub Y N 252 
PHE CD2 HD2  sing N N 253 
PHE CE1 CZ   doub Y N 254 
PHE CE1 HE1  sing N N 255 
PHE CE2 CZ   sing Y N 256 
PHE CE2 HE2  sing N N 257 
PHE CZ  HZ   sing N N 258 
PHE OXT HXT  sing N N 259 
PRO N   CA   sing N N 260 
PRO N   CD   sing N N 261 
PRO N   H    sing N N 262 
PRO CA  C    sing N N 263 
PRO CA  CB   sing N N 264 
PRO CA  HA   sing N N 265 
PRO C   O    doub N N 266 
PRO C   OXT  sing N N 267 
PRO CB  CG   sing N N 268 
PRO CB  HB2  sing N N 269 
PRO CB  HB3  sing N N 270 
PRO CG  CD   sing N N 271 
PRO CG  HG2  sing N N 272 
PRO CG  HG3  sing N N 273 
PRO CD  HD2  sing N N 274 
PRO CD  HD3  sing N N 275 
PRO OXT HXT  sing N N 276 
SER N   CA   sing N N 277 
SER N   H    sing N N 278 
SER N   H2   sing N N 279 
SER CA  C    sing N N 280 
SER CA  CB   sing N N 281 
SER CA  HA   sing N N 282 
SER C   O    doub N N 283 
SER C   OXT  sing N N 284 
SER CB  OG   sing N N 285 
SER CB  HB2  sing N N 286 
SER CB  HB3  sing N N 287 
SER OG  HG   sing N N 288 
SER OXT HXT  sing N N 289 
THR N   CA   sing N N 290 
THR N   H    sing N N 291 
THR N   H2   sing N N 292 
THR CA  C    sing N N 293 
THR CA  CB   sing N N 294 
THR CA  HA   sing N N 295 
THR C   O    doub N N 296 
THR C   OXT  sing N N 297 
THR CB  OG1  sing N N 298 
THR CB  CG2  sing N N 299 
THR CB  HB   sing N N 300 
THR OG1 HG1  sing N N 301 
THR CG2 HG21 sing N N 302 
THR CG2 HG22 sing N N 303 
THR CG2 HG23 sing N N 304 
THR OXT HXT  sing N N 305 
TRP N   CA   sing N N 306 
TRP N   H    sing N N 307 
TRP N   H2   sing N N 308 
TRP CA  C    sing N N 309 
TRP CA  CB   sing N N 310 
TRP CA  HA   sing N N 311 
TRP C   O    doub N N 312 
TRP C   OXT  sing N N 313 
TRP CB  CG   sing N N 314 
TRP CB  HB2  sing N N 315 
TRP CB  HB3  sing N N 316 
TRP CG  CD1  doub Y N 317 
TRP CG  CD2  sing Y N 318 
TRP CD1 NE1  sing Y N 319 
TRP CD1 HD1  sing N N 320 
TRP CD2 CE2  doub Y N 321 
TRP CD2 CE3  sing Y N 322 
TRP NE1 CE2  sing Y N 323 
TRP NE1 HE1  sing N N 324 
TRP CE2 CZ2  sing Y N 325 
TRP CE3 CZ3  doub Y N 326 
TRP CE3 HE3  sing N N 327 
TRP CZ2 CH2  doub Y N 328 
TRP CZ2 HZ2  sing N N 329 
TRP CZ3 CH2  sing Y N 330 
TRP CZ3 HZ3  sing N N 331 
TRP CH2 HH2  sing N N 332 
TRP OXT HXT  sing N N 333 
TYR N   CA   sing N N 334 
TYR N   H    sing N N 335 
TYR N   H2   sing N N 336 
TYR CA  C    sing N N 337 
TYR CA  CB   sing N N 338 
TYR CA  HA   sing N N 339 
TYR C   O    doub N N 340 
TYR C   OXT  sing N N 341 
TYR CB  CG   sing N N 342 
TYR CB  HB2  sing N N 343 
TYR CB  HB3  sing N N 344 
TYR CG  CD1  doub Y N 345 
TYR CG  CD2  sing Y N 346 
TYR CD1 CE1  sing Y N 347 
TYR CD1 HD1  sing N N 348 
TYR CD2 CE2  doub Y N 349 
TYR CD2 HD2  sing N N 350 
TYR CE1 CZ   doub Y N 351 
TYR CE1 HE1  sing N N 352 
TYR CE2 CZ   sing Y N 353 
TYR CE2 HE2  sing N N 354 
TYR CZ  OH   sing N N 355 
TYR OH  HH   sing N N 356 
TYR OXT HXT  sing N N 357 
UOJ C02 C41  sing N N 358 
UOJ C02 C01  sing N N 359 
UOJ C03 C41  sing N N 360 
UOJ C03 C01  sing N N 361 
UOJ C01 C23  sing N N 362 
UOJ O24 C22  doub N N 363 
UOJ C39 C04  sing N N 364 
UOJ C23 O25  sing N N 365 
UOJ C23 C22  sing N N 366 
UOJ O25 C26  sing N N 367 
UOJ C22 N21  sing N N 368 
UOJ C11 N12  sing N N 369 
UOJ C11 C10  sing N N 370 
UOJ C30 C04  sing N N 371 
UOJ C30 C31  doub N E 372 
UOJ C37 C36  doub Y N 373 
UOJ C37 C32  sing Y N 374 
UOJ C04 C26  sing N N 375 
UOJ C04 C40  sing N N 376 
UOJ N12 N13  sing N N 377 
UOJ N12 C18  sing N N 378 
UOJ C36 C35  sing Y N 379 
UOJ C26 O27  doub N N 380 
UOJ N13 C14  sing N N 381 
UOJ O29 C15  doub N N 382 
UOJ O20 C18  doub N N 383 
UOJ N21 C19  sing N N 384 
UOJ C18 C19  sing N N 385 
UOJ C10 C09  sing N N 386 
UOJ C09 C14  sing N N 387 
UOJ C05 C32  doub Y N 388 
UOJ C05 C06  sing Y N 389 
UOJ C32 C33  sing Y N 390 
UOJ C19 C28  sing N N 391 
UOJ C35 C31  sing N N 392 
UOJ C35 C34  doub Y N 393 
UOJ C14 C15  sing N N 394 
UOJ C15 N16  sing N N 395 
UOJ C06 C07  doub Y N 396 
UOJ C33 C34  sing Y N 397 
UOJ C33 N08  doub Y N 398 
UOJ C07 N08  sing Y N 399 
UOJ C07 C17  sing N N 400 
UOJ N16 C17  sing N N 401 
UOJ C17 C38  sing N N 402 
UOJ C01 H1   sing N N 403 
UOJ C02 H2   sing N N 404 
UOJ C02 H3   sing N N 405 
UOJ C03 H4   sing N N 406 
UOJ C03 H5   sing N N 407 
UOJ C05 H6   sing N N 408 
UOJ C06 H7   sing N N 409 
UOJ C09 H8   sing N N 410 
UOJ C09 H9   sing N N 411 
UOJ C10 H10  sing N N 412 
UOJ C10 H11  sing N N 413 
UOJ C11 H12  sing N N 414 
UOJ C11 H13  sing N N 415 
UOJ C14 H14  sing N N 416 
UOJ C17 H15  sing N N 417 
UOJ C19 H16  sing N N 418 
UOJ C23 H17  sing N N 419 
UOJ C28 H18  sing N N 420 
UOJ C28 H19  sing N N 421 
UOJ C28 H20  sing N N 422 
UOJ C30 H21  sing N N 423 
UOJ C31 H22  sing N N 424 
UOJ C34 H23  sing N N 425 
UOJ C36 H24  sing N N 426 
UOJ C37 H25  sing N N 427 
UOJ C38 H26  sing N N 428 
UOJ C38 H27  sing N N 429 
UOJ C38 H28  sing N N 430 
UOJ C39 H29  sing N N 431 
UOJ C39 H30  sing N N 432 
UOJ C39 H31  sing N N 433 
UOJ C40 H32  sing N N 434 
UOJ C40 H33  sing N N 435 
UOJ C40 H34  sing N N 436 
UOJ C41 H35  sing N N 437 
UOJ C41 H36  sing N N 438 
UOJ N13 H37  sing N N 439 
UOJ N16 H38  sing N N 440 
UOJ N21 H39  sing N N 441 
VAL N   CA   sing N N 442 
VAL N   H    sing N N 443 
VAL N   H2   sing N N 444 
VAL CA  C    sing N N 445 
VAL CA  CB   sing N N 446 
VAL CA  HA   sing N N 447 
VAL C   O    doub N N 448 
VAL C   OXT  sing N N 449 
VAL CB  CG1  sing N N 450 
VAL CB  CG2  sing N N 451 
VAL CB  HB   sing N N 452 
VAL CG1 HG11 sing N N 453 
VAL CG1 HG12 sing N N 454 
VAL CG1 HG13 sing N N 455 
VAL CG2 HG21 sing N N 456 
VAL CG2 HG22 sing N N 457 
VAL CG2 HG23 sing N N 458 
VAL OXT HXT  sing N N 459 
# 
_pdbx_entity_instance_feature.ordinal        1 
_pdbx_entity_instance_feature.comp_id        UOJ 
_pdbx_entity_instance_feature.asym_id        ? 
_pdbx_entity_instance_feature.seq_num        ? 
_pdbx_entity_instance_feature.auth_comp_id   UOJ 
_pdbx_entity_instance_feature.auth_asym_id   ? 
_pdbx_entity_instance_feature.auth_seq_num   ? 
_pdbx_entity_instance_feature.feature_type   'SUBJECT OF INVESTIGATION' 
_pdbx_entity_instance_feature.details        ? 
# 
loop_
_pdbx_entity_nonpoly.entity_id 
_pdbx_entity_nonpoly.name 
_pdbx_entity_nonpoly.comp_id 
2 
;(2R,5S,11S,14S,18E)-14-cyclobutyl-2,11,17,17-tetramethyl-15-oxa-3,9,12,26,29-pentaazatetracyclo[18.5.3.1~5,9~.0~23,27~]nonacosa-1(25),18,20(28),21,23,26-hexaene-4,10,13,16-tetrone
;
UOJ 
3 water HOH 
# 
_pdbx_initial_refinement_model.id               1 
_pdbx_initial_refinement_model.entity_id_list   ? 
_pdbx_initial_refinement_model.type             'experimental model' 
_pdbx_initial_refinement_model.source_name      PDB 
_pdbx_initial_refinement_model.accession_code   2CPL 
_pdbx_initial_refinement_model.details          'PDB entry 2CPL' 
# 
_pdbx_struct_assembly_auth_evidence.id                     1 
_pdbx_struct_assembly_auth_evidence.assembly_id            1 
_pdbx_struct_assembly_auth_evidence.experimental_support   'gel filtration' 
_pdbx_struct_assembly_auth_evidence.details                ? 
# 
_space_group.name_H-M_alt     'P 21 21 21' 
_space_group.name_Hall        'P 2ac 2ab' 
_space_group.IT_number        19 
_space_group.crystal_system   orthorhombic 
_space_group.id               1 
# 
